data_1QHN
# 
_entry.id   1QHN 
# 
_audit_conform.dict_name       mmcif_pdbx.dic 
_audit_conform.dict_version    5.397 
_audit_conform.dict_location   http://mmcif.pdb.org/dictionaries/ascii/mmcif_pdbx.dic 
# 
loop_
_database_2.database_id 
_database_2.database_code 
_database_2.pdbx_database_accession 
_database_2.pdbx_DOI 
PDB   1QHN         pdb_00001qhn 10.2210/pdb1qhn/pdb 
RCSB  RCSB001096   ?            ?                   
WWPDB D_1000001096 ?            ?                   
# 
loop_
_pdbx_audit_revision_history.ordinal 
_pdbx_audit_revision_history.data_content_type 
_pdbx_audit_revision_history.major_revision 
_pdbx_audit_revision_history.minor_revision 
_pdbx_audit_revision_history.revision_date 
1 'Structure model' 1 0 2000-06-07 
2 'Structure model' 1 1 2008-04-26 
3 'Structure model' 1 2 2011-07-13 
4 'Structure model' 1 3 2011-11-16 
5 'Structure model' 1 4 2023-12-27 
6 'Structure model' 1 5 2024-10-16 
# 
_pdbx_audit_revision_details.ordinal             1 
_pdbx_audit_revision_details.revision_ordinal    1 
_pdbx_audit_revision_details.data_content_type   'Structure model' 
_pdbx_audit_revision_details.provider            repository 
_pdbx_audit_revision_details.type                'Initial release' 
_pdbx_audit_revision_details.description         ? 
_pdbx_audit_revision_details.details             ? 
# 
loop_
_pdbx_audit_revision_group.ordinal 
_pdbx_audit_revision_group.revision_ordinal 
_pdbx_audit_revision_group.data_content_type 
_pdbx_audit_revision_group.group 
1 2 'Structure model' 'Version format compliance' 
2 3 'Structure model' 'Derived calculations'      
3 3 'Structure model' 'Version format compliance' 
4 4 'Structure model' 'Atomic model'              
5 5 'Structure model' 'Data collection'           
6 5 'Structure model' 'Database references'       
7 5 'Structure model' 'Derived calculations'      
8 6 'Structure model' 'Structure summary'         
# 
loop_
_pdbx_audit_revision_category.ordinal 
_pdbx_audit_revision_category.revision_ordinal 
_pdbx_audit_revision_category.data_content_type 
_pdbx_audit_revision_category.category 
1 5 'Structure model' chem_comp_atom            
2 5 'Structure model' chem_comp_bond            
3 5 'Structure model' database_2                
4 5 'Structure model' struct_conn               
5 5 'Structure model' struct_ref_seq_dif        
6 5 'Structure model' struct_site               
7 6 'Structure model' pdbx_entry_details        
8 6 'Structure model' pdbx_modification_feature 
# 
loop_
_pdbx_audit_revision_item.ordinal 
_pdbx_audit_revision_item.revision_ordinal 
_pdbx_audit_revision_item.data_content_type 
_pdbx_audit_revision_item.item 
1 5 'Structure model' '_database_2.pdbx_DOI'                
2 5 'Structure model' '_database_2.pdbx_database_accession' 
3 5 'Structure model' '_struct_conn.pdbx_leaving_atom_flag' 
4 5 'Structure model' '_struct_ref_seq_dif.details'         
5 5 'Structure model' '_struct_site.pdbx_auth_asym_id'      
6 5 'Structure model' '_struct_site.pdbx_auth_comp_id'      
7 5 'Structure model' '_struct_site.pdbx_auth_seq_id'       
# 
_pdbx_database_status.status_code                     REL 
_pdbx_database_status.entry_id                        1QHN 
_pdbx_database_status.recvd_initial_deposition_date   1999-05-23 
_pdbx_database_status.deposit_site                    PDBE 
_pdbx_database_status.process_site                    RCSB 
_pdbx_database_status.SG_entry                        . 
_pdbx_database_status.pdb_format_compatible           Y 
_pdbx_database_status.status_code_mr                  ? 
_pdbx_database_status.status_code_sf                  ? 
_pdbx_database_status.status_code_cs                  ? 
_pdbx_database_status.status_code_nmr_data            ? 
_pdbx_database_status.methods_development_category    ? 
# 
loop_
_pdbx_database_related.db_name 
_pdbx_database_related.db_id 
_pdbx_database_related.details 
_pdbx_database_related.content_type 
PDB 1QHY 'CHLORAMPHENICOL PHOSPHOTRANSFERASE FROM STREPTOMYCES VENEZUELAE IN COMPLEX WITH ATPGAMMAS AND CHLORAMPHENICOL' 
unspecified 
PDB 1QHS 'CHLORAMPHENICOL PHOSPHOTRANSFERASE IN COMPLEX WITH CHLORAMPHENICOL FROM STREPTOMYCES VENEZUELAE'               
unspecified 
PDB 1QHX 'CHLORAMPHENICOL PHOSPHOTRANSFERASE IN COMPLEX WITH ATP FROM STREPTOMYCES VENEZUELAE'                           
unspecified 
# 
_audit_author.name           'Izard, T.' 
_audit_author.pdbx_ordinal   1 
# 
_citation.id                        primary 
_citation.title                     
'The Crystal Structures of Chloramphenicol Phosphotransferase Reveal a Novel Inactivation Mechanism' 
_citation.journal_abbrev            'Embo J.' 
_citation.journal_volume            19 
_citation.page_first                2690 
_citation.page_last                 2700 
_citation.year                      2000 
_citation.journal_id_ASTM           EMJODG 
_citation.country                   UK 
_citation.journal_id_ISSN           0261-4189 
_citation.journal_id_CSD            0897 
_citation.book_publisher            ? 
_citation.pdbx_database_id_PubMed   10835366 
_citation.pdbx_database_id_DOI      10.1093/emboj/19.1.1 
# 
loop_
_citation_author.citation_id 
_citation_author.name 
_citation_author.ordinal 
_citation_author.identifier_ORCID 
primary 'Izard, T.' 1 ? 
primary 'Ellis, J.' 2 ? 
# 
loop_
_entity.id 
_entity.type 
_entity.src_method 
_entity.pdbx_description 
_entity.formula_weight 
_entity.pdbx_number_of_molecules 
_entity.pdbx_ec 
_entity.pdbx_mutation 
_entity.pdbx_fragment 
_entity.details 
1 polymer     nat 'CHLORAMPHENICOL PHOSPHOTRANSFERASE' 19115.734 1   2.7.1.- ? ? ? 
2 non-polymer syn 'SULFATE ION'                        96.063    1   ?       ? ? ? 
3 water       nat water                                18.015    172 ?       ? ? ? 
# 
_entity_name_com.entity_id   1 
_entity_name_com.name        CPT 
# 
_entity_poly.entity_id                      1 
_entity_poly.type                           'polypeptide(L)' 
_entity_poly.nstd_linkage                   no 
_entity_poly.nstd_monomer                   yes 
_entity_poly.pdbx_seq_one_letter_code       
;(MSE)TTR(MSE)IILNGGSSAGKSGIVRCLQSVLPEPWLAFGVDSLIEA(MSE)PLK(MSE)QSAEGGIEFDADGGVSI
GPEFRALEGAWAEGVVA(MSE)ARAGARIIIDDVFLGGAAAQERWRSFVGDLDVLWVGVRCDGAVAEGRETARGDRVAG
(MSE)AAKQAYVVHEGVEYDVEVDTTHKESIECAWAIAAHVVP
;
_entity_poly.pdbx_seq_one_letter_code_can   
;MTTRMIILNGGSSAGKSGIVRCLQSVLPEPWLAFGVDSLIEAMPLKMQSAEGGIEFDADGGVSIGPEFRALEGAWAEGVV
AMARAGARIIIDDVFLGGAAAQERWRSFVGDLDVLWVGVRCDGAVAEGRETARGDRVAGMAAKQAYVVHEGVEYDVEVDT
THKESIECAWAIAAHVVP
;
_entity_poly.pdbx_strand_id                 A 
_entity_poly.pdbx_target_identifier         ? 
# 
loop_
_pdbx_entity_nonpoly.entity_id 
_pdbx_entity_nonpoly.name 
_pdbx_entity_nonpoly.comp_id 
2 'SULFATE ION' SO4 
3 water         HOH 
# 
loop_
_entity_poly_seq.entity_id 
_entity_poly_seq.num 
_entity_poly_seq.mon_id 
_entity_poly_seq.hetero 
1 1   MSE n 
1 2   THR n 
1 3   THR n 
1 4   ARG n 
1 5   MSE n 
1 6   ILE n 
1 7   ILE n 
1 8   LEU n 
1 9   ASN n 
1 10  GLY n 
1 11  GLY n 
1 12  SER n 
1 13  SER n 
1 14  ALA n 
1 15  GLY n 
1 16  LYS n 
1 17  SER n 
1 18  GLY n 
1 19  ILE n 
1 20  VAL n 
1 21  ARG n 
1 22  CYS n 
1 23  LEU n 
1 24  GLN n 
1 25  SER n 
1 26  VAL n 
1 27  LEU n 
1 28  PRO n 
1 29  GLU n 
1 30  PRO n 
1 31  TRP n 
1 32  LEU n 
1 33  ALA n 
1 34  PHE n 
1 35  GLY n 
1 36  VAL n 
1 37  ASP n 
1 38  SER n 
1 39  LEU n 
1 40  ILE n 
1 41  GLU n 
1 42  ALA n 
1 43  MSE n 
1 44  PRO n 
1 45  LEU n 
1 46  LYS n 
1 47  MSE n 
1 48  GLN n 
1 49  SER n 
1 50  ALA n 
1 51  GLU n 
1 52  GLY n 
1 53  GLY n 
1 54  ILE n 
1 55  GLU n 
1 56  PHE n 
1 57  ASP n 
1 58  ALA n 
1 59  ASP n 
1 60  GLY n 
1 61  GLY n 
1 62  VAL n 
1 63  SER n 
1 64  ILE n 
1 65  GLY n 
1 66  PRO n 
1 67  GLU n 
1 68  PHE n 
1 69  ARG n 
1 70  ALA n 
1 71  LEU n 
1 72  GLU n 
1 73  GLY n 
1 74  ALA n 
1 75  TRP n 
1 76  ALA n 
1 77  GLU n 
1 78  GLY n 
1 79  VAL n 
1 80  VAL n 
1 81  ALA n 
1 82  MSE n 
1 83  ALA n 
1 84  ARG n 
1 85  ALA n 
1 86  GLY n 
1 87  ALA n 
1 88  ARG n 
1 89  ILE n 
1 90  ILE n 
1 91  ILE n 
1 92  ASP n 
1 93  ASP n 
1 94  VAL n 
1 95  PHE n 
1 96  LEU n 
1 97  GLY n 
1 98  GLY n 
1 99  ALA n 
1 100 ALA n 
1 101 ALA n 
1 102 GLN n 
1 103 GLU n 
1 104 ARG n 
1 105 TRP n 
1 106 ARG n 
1 107 SER n 
1 108 PHE n 
1 109 VAL n 
1 110 GLY n 
1 111 ASP n 
1 112 LEU n 
1 113 ASP n 
1 114 VAL n 
1 115 LEU n 
1 116 TRP n 
1 117 VAL n 
1 118 GLY n 
1 119 VAL n 
1 120 ARG n 
1 121 CYS n 
1 122 ASP n 
1 123 GLY n 
1 124 ALA n 
1 125 VAL n 
1 126 ALA n 
1 127 GLU n 
1 128 GLY n 
1 129 ARG n 
1 130 GLU n 
1 131 THR n 
1 132 ALA n 
1 133 ARG n 
1 134 GLY n 
1 135 ASP n 
1 136 ARG n 
1 137 VAL n 
1 138 ALA n 
1 139 GLY n 
1 140 MSE n 
1 141 ALA n 
1 142 ALA n 
1 143 LYS n 
1 144 GLN n 
1 145 ALA n 
1 146 TYR n 
1 147 VAL n 
1 148 VAL n 
1 149 HIS n 
1 150 GLU n 
1 151 GLY n 
1 152 VAL n 
1 153 GLU n 
1 154 TYR n 
1 155 ASP n 
1 156 VAL n 
1 157 GLU n 
1 158 VAL n 
1 159 ASP n 
1 160 THR n 
1 161 THR n 
1 162 HIS n 
1 163 LYS n 
1 164 GLU n 
1 165 SER n 
1 166 ILE n 
1 167 GLU n 
1 168 CYS n 
1 169 ALA n 
1 170 TRP n 
1 171 ALA n 
1 172 ILE n 
1 173 ALA n 
1 174 ALA n 
1 175 HIS n 
1 176 VAL n 
1 177 VAL n 
1 178 PRO n 
# 
_entity_src_nat.entity_id                  1 
_entity_src_nat.pdbx_src_id                1 
_entity_src_nat.pdbx_alt_source_flag       sample 
_entity_src_nat.pdbx_beg_seq_num           ? 
_entity_src_nat.pdbx_end_seq_num           ? 
_entity_src_nat.common_name                ? 
_entity_src_nat.pdbx_organism_scientific   'Streptomyces venezuelae' 
_entity_src_nat.pdbx_ncbi_taxonomy_id      54571 
_entity_src_nat.genus                      Streptomyces 
_entity_src_nat.species                    ? 
_entity_src_nat.strain                     ISP5230 
_entity_src_nat.tissue                     ? 
_entity_src_nat.tissue_fraction            ? 
_entity_src_nat.pdbx_secretion             ? 
_entity_src_nat.pdbx_fragment              ? 
_entity_src_nat.pdbx_variant               ? 
_entity_src_nat.pdbx_cell_line             ? 
_entity_src_nat.pdbx_atcc                  ? 
_entity_src_nat.pdbx_cellular_location     ? 
_entity_src_nat.pdbx_organ                 ? 
_entity_src_nat.pdbx_organelle             ? 
_entity_src_nat.pdbx_cell                  ? 
_entity_src_nat.pdbx_plasmid_name          ? 
_entity_src_nat.pdbx_plasmid_details       ? 
_entity_src_nat.details                    ? 
# 
loop_
_chem_comp.id 
_chem_comp.type 
_chem_comp.mon_nstd_flag 
_chem_comp.name 
_chem_comp.pdbx_synonyms 
_chem_comp.formula 
_chem_comp.formula_weight 
ALA 'L-peptide linking' y ALANINE          ? 'C3 H7 N O2'     89.093  
ARG 'L-peptide linking' y ARGININE         ? 'C6 H15 N4 O2 1' 175.209 
ASN 'L-peptide linking' y ASPARAGINE       ? 'C4 H8 N2 O3'    132.118 
ASP 'L-peptide linking' y 'ASPARTIC ACID'  ? 'C4 H7 N O4'     133.103 
CYS 'L-peptide linking' y CYSTEINE         ? 'C3 H7 N O2 S'   121.158 
GLN 'L-peptide linking' y GLUTAMINE        ? 'C5 H10 N2 O3'   146.144 
GLU 'L-peptide linking' y 'GLUTAMIC ACID'  ? 'C5 H9 N O4'     147.129 
GLY 'peptide linking'   y GLYCINE          ? 'C2 H5 N O2'     75.067  
HIS 'L-peptide linking' y HISTIDINE        ? 'C6 H10 N3 O2 1' 156.162 
HOH non-polymer         . WATER            ? 'H2 O'           18.015  
ILE 'L-peptide linking' y ISOLEUCINE       ? 'C6 H13 N O2'    131.173 
LEU 'L-peptide linking' y LEUCINE          ? 'C6 H13 N O2'    131.173 
LYS 'L-peptide linking' y LYSINE           ? 'C6 H15 N2 O2 1' 147.195 
MET 'L-peptide linking' y METHIONINE       ? 'C5 H11 N O2 S'  149.211 
MSE 'L-peptide linking' n SELENOMETHIONINE ? 'C5 H11 N O2 Se' 196.106 
PHE 'L-peptide linking' y PHENYLALANINE    ? 'C9 H11 N O2'    165.189 
PRO 'L-peptide linking' y PROLINE          ? 'C5 H9 N O2'     115.130 
SER 'L-peptide linking' y SERINE           ? 'C3 H7 N O3'     105.093 
SO4 non-polymer         . 'SULFATE ION'    ? 'O4 S -2'        96.063  
THR 'L-peptide linking' y THREONINE        ? 'C4 H9 N O3'     119.119 
TRP 'L-peptide linking' y TRYPTOPHAN       ? 'C11 H12 N2 O2'  204.225 
TYR 'L-peptide linking' y TYROSINE         ? 'C9 H11 N O3'    181.189 
VAL 'L-peptide linking' y VALINE           ? 'C5 H11 N O2'    117.146 
# 
loop_
_pdbx_poly_seq_scheme.asym_id 
_pdbx_poly_seq_scheme.entity_id 
_pdbx_poly_seq_scheme.seq_id 
_pdbx_poly_seq_scheme.mon_id 
_pdbx_poly_seq_scheme.ndb_seq_num 
_pdbx_poly_seq_scheme.pdb_seq_num 
_pdbx_poly_seq_scheme.auth_seq_num 
_pdbx_poly_seq_scheme.pdb_mon_id 
_pdbx_poly_seq_scheme.auth_mon_id 
_pdbx_poly_seq_scheme.pdb_strand_id 
_pdbx_poly_seq_scheme.pdb_ins_code 
_pdbx_poly_seq_scheme.hetero 
A 1 1   MSE 1   1   1   MSE MSE A . n 
A 1 2   THR 2   2   2   THR THR A . n 
A 1 3   THR 3   3   3   THR THR A . n 
A 1 4   ARG 4   4   4   ARG ARG A . n 
A 1 5   MSE 5   5   5   MSE MSE A . n 
A 1 6   ILE 6   6   6   ILE ILE A . n 
A 1 7   ILE 7   7   7   ILE ILE A . n 
A 1 8   LEU 8   8   8   LEU LEU A . n 
A 1 9   ASN 9   9   9   ASN ASN A . n 
A 1 10  GLY 10  10  10  GLY GLY A . n 
A 1 11  GLY 11  11  11  GLY GLY A . n 
A 1 12  SER 12  12  12  SER SER A . n 
A 1 13  SER 13  13  13  SER SER A . n 
A 1 14  ALA 14  14  14  ALA ALA A . n 
A 1 15  GLY 15  15  15  GLY GLY A . n 
A 1 16  LYS 16  16  16  LYS LYS A . n 
A 1 17  SER 17  17  17  SER SER A . n 
A 1 18  GLY 18  18  18  GLY GLY A . n 
A 1 19  ILE 19  19  19  ILE ILE A . n 
A 1 20  VAL 20  20  20  VAL VAL A . n 
A 1 21  ARG 21  21  21  ARG ARG A . n 
A 1 22  CYS 22  22  22  CYS CYS A . n 
A 1 23  LEU 23  23  23  LEU LEU A . n 
A 1 24  GLN 24  24  24  GLN GLN A . n 
A 1 25  SER 25  25  25  SER SER A . n 
A 1 26  VAL 26  26  26  VAL VAL A . n 
A 1 27  LEU 27  27  27  LEU LEU A . n 
A 1 28  PRO 28  28  28  PRO PRO A . n 
A 1 29  GLU 29  29  29  GLU GLU A . n 
A 1 30  PRO 30  30  30  PRO PRO A . n 
A 1 31  TRP 31  31  31  TRP TRP A . n 
A 1 32  LEU 32  32  32  LEU LEU A . n 
A 1 33  ALA 33  33  33  ALA ALA A . n 
A 1 34  PHE 34  34  34  PHE PHE A . n 
A 1 35  GLY 35  35  35  GLY GLY A . n 
A 1 36  VAL 36  36  36  VAL VAL A . n 
A 1 37  ASP 37  37  37  ASP ASP A . n 
A 1 38  SER 38  38  38  SER SER A . n 
A 1 39  LEU 39  39  39  LEU LEU A . n 
A 1 40  ILE 40  40  40  ILE ILE A . n 
A 1 41  GLU 41  41  41  GLU GLU A . n 
A 1 42  ALA 42  42  42  ALA ALA A . n 
A 1 43  MSE 43  43  43  MSE MSE A . n 
A 1 44  PRO 44  44  44  PRO PRO A . n 
A 1 45  LEU 45  45  45  LEU LEU A . n 
A 1 46  LYS 46  46  46  LYS LYS A . n 
A 1 47  MSE 47  47  47  MSE MSE A . n 
A 1 48  GLN 48  48  48  GLN GLN A . n 
A 1 49  SER 49  49  49  SER SER A . n 
A 1 50  ALA 50  50  50  ALA ALA A . n 
A 1 51  GLU 51  51  51  GLU GLU A . n 
A 1 52  GLY 52  52  52  GLY GLY A . n 
A 1 53  GLY 53  53  53  GLY GLY A . n 
A 1 54  ILE 54  54  54  ILE ILE A . n 
A 1 55  GLU 55  55  55  GLU GLU A . n 
A 1 56  PHE 56  56  56  PHE PHE A . n 
A 1 57  ASP 57  57  57  ASP ASP A . n 
A 1 58  ALA 58  58  58  ALA ALA A . n 
A 1 59  ASP 59  59  59  ASP ASP A . n 
A 1 60  GLY 60  60  60  GLY GLY A . n 
A 1 61  GLY 61  61  61  GLY GLY A . n 
A 1 62  VAL 62  62  62  VAL VAL A . n 
A 1 63  SER 63  63  63  SER SER A . n 
A 1 64  ILE 64  64  64  ILE ILE A . n 
A 1 65  GLY 65  65  65  GLY GLY A . n 
A 1 66  PRO 66  66  66  PRO PRO A . n 
A 1 67  GLU 67  67  67  GLU GLU A . n 
A 1 68  PHE 68  68  68  PHE PHE A . n 
A 1 69  ARG 69  69  69  ARG ARG A . n 
A 1 70  ALA 70  70  70  ALA ALA A . n 
A 1 71  LEU 71  71  71  LEU LEU A . n 
A 1 72  GLU 72  72  72  GLU GLU A . n 
A 1 73  GLY 73  73  73  GLY GLY A . n 
A 1 74  ALA 74  74  74  ALA ALA A . n 
A 1 75  TRP 75  75  75  TRP TRP A . n 
A 1 76  ALA 76  76  76  ALA ALA A . n 
A 1 77  GLU 77  77  77  GLU GLU A . n 
A 1 78  GLY 78  78  78  GLY GLY A . n 
A 1 79  VAL 79  79  79  VAL VAL A . n 
A 1 80  VAL 80  80  80  VAL VAL A . n 
A 1 81  ALA 81  81  81  ALA ALA A . n 
A 1 82  MSE 82  82  82  MSE MSE A . n 
A 1 83  ALA 83  83  83  ALA ALA A . n 
A 1 84  ARG 84  84  84  ARG ARG A . n 
A 1 85  ALA 85  85  85  ALA ALA A . n 
A 1 86  GLY 86  86  86  GLY GLY A . n 
A 1 87  ALA 87  87  87  ALA ALA A . n 
A 1 88  ARG 88  88  88  ARG ARG A . n 
A 1 89  ILE 89  89  89  ILE ILE A . n 
A 1 90  ILE 90  90  90  ILE ILE A . n 
A 1 91  ILE 91  91  91  ILE ILE A . n 
A 1 92  ASP 92  92  92  ASP ASP A . n 
A 1 93  ASP 93  93  93  ASP ASP A . n 
A 1 94  VAL 94  94  94  VAL VAL A . n 
A 1 95  PHE 95  95  95  PHE PHE A . n 
A 1 96  LEU 96  96  96  LEU LEU A . n 
A 1 97  GLY 97  97  97  GLY GLY A . n 
A 1 98  GLY 98  98  98  GLY GLY A . n 
A 1 99  ALA 99  99  99  ALA ALA A . n 
A 1 100 ALA 100 100 100 ALA ALA A . n 
A 1 101 ALA 101 101 101 ALA ALA A . n 
A 1 102 GLN 102 102 102 GLN GLN A . n 
A 1 103 GLU 103 103 103 GLU GLU A . n 
A 1 104 ARG 104 104 104 ARG ARG A . n 
A 1 105 TRP 105 105 105 TRP TRP A . n 
A 1 106 ARG 106 106 106 ARG ARG A . n 
A 1 107 SER 107 107 107 SER SER A . n 
A 1 108 PHE 108 108 108 PHE PHE A . n 
A 1 109 VAL 109 109 109 VAL VAL A . n 
A 1 110 GLY 110 110 110 GLY GLY A . n 
A 1 111 ASP 111 111 111 ASP ASP A . n 
A 1 112 LEU 112 112 112 LEU LEU A . n 
A 1 113 ASP 113 113 113 ASP ASP A . n 
A 1 114 VAL 114 114 114 VAL VAL A . n 
A 1 115 LEU 115 115 115 LEU LEU A . n 
A 1 116 TRP 116 116 116 TRP TRP A . n 
A 1 117 VAL 117 117 117 VAL VAL A . n 
A 1 118 GLY 118 118 118 GLY GLY A . n 
A 1 119 VAL 119 119 119 VAL VAL A . n 
A 1 120 ARG 120 120 120 ARG ARG A . n 
A 1 121 CYS 121 121 121 CYS CYS A . n 
A 1 122 ASP 122 122 122 ASP ASP A . n 
A 1 123 GLY 123 123 123 GLY GLY A . n 
A 1 124 ALA 124 124 124 ALA ALA A . n 
A 1 125 VAL 125 125 125 VAL VAL A . n 
A 1 126 ALA 126 126 126 ALA ALA A . n 
A 1 127 GLU 127 127 127 GLU GLU A . n 
A 1 128 GLY 128 128 128 GLY GLY A . n 
A 1 129 ARG 129 129 129 ARG ARG A . n 
A 1 130 GLU 130 130 130 GLU GLU A . n 
A 1 131 THR 131 131 131 THR THR A . n 
A 1 132 ALA 132 132 132 ALA ALA A . n 
A 1 133 ARG 133 133 133 ARG ARG A . n 
A 1 134 GLY 134 134 134 GLY GLY A . n 
A 1 135 ASP 135 135 135 ASP ASP A . n 
A 1 136 ARG 136 136 136 ARG ARG A . n 
A 1 137 VAL 137 137 137 VAL VAL A . n 
A 1 138 ALA 138 138 138 ALA ALA A . n 
A 1 139 GLY 139 139 139 GLY GLY A . n 
A 1 140 MSE 140 140 140 MSE MSE A . n 
A 1 141 ALA 141 141 141 ALA ALA A . n 
A 1 142 ALA 142 142 142 ALA ALA A . n 
A 1 143 LYS 143 143 143 LYS LYS A . n 
A 1 144 GLN 144 144 144 GLN GLN A . n 
A 1 145 ALA 145 145 145 ALA ALA A . n 
A 1 146 TYR 146 146 146 TYR TYR A . n 
A 1 147 VAL 147 147 147 VAL VAL A . n 
A 1 148 VAL 148 148 148 VAL VAL A . n 
A 1 149 HIS 149 149 149 HIS HIS A . n 
A 1 150 GLU 150 150 150 GLU GLU A . n 
A 1 151 GLY 151 151 151 GLY GLY A . n 
A 1 152 VAL 152 152 152 VAL VAL A . n 
A 1 153 GLU 153 153 153 GLU GLU A . n 
A 1 154 TYR 154 154 154 TYR TYR A . n 
A 1 155 ASP 155 155 155 ASP ASP A . n 
A 1 156 VAL 156 156 156 VAL VAL A . n 
A 1 157 GLU 157 157 157 GLU GLU A . n 
A 1 158 VAL 158 158 158 VAL VAL A . n 
A 1 159 ASP 159 159 159 ASP ASP A . n 
A 1 160 THR 160 160 160 THR THR A . n 
A 1 161 THR 161 161 161 THR THR A . n 
A 1 162 HIS 162 162 162 HIS HIS A . n 
A 1 163 LYS 163 163 163 LYS LYS A . n 
A 1 164 GLU 164 164 164 GLU GLU A . n 
A 1 165 SER 165 165 165 SER SER A . n 
A 1 166 ILE 166 166 166 ILE ILE A . n 
A 1 167 GLU 167 167 167 GLU GLU A . n 
A 1 168 CYS 168 168 168 CYS CYS A . n 
A 1 169 ALA 169 169 169 ALA ALA A . n 
A 1 170 TRP 170 170 170 TRP TRP A . n 
A 1 171 ALA 171 171 171 ALA ALA A . n 
A 1 172 ILE 172 172 172 ILE ILE A . n 
A 1 173 ALA 173 173 173 ALA ALA A . n 
A 1 174 ALA 174 174 174 ALA ALA A . n 
A 1 175 HIS 175 175 175 HIS HIS A . n 
A 1 176 VAL 176 176 176 VAL VAL A . n 
A 1 177 VAL 177 177 177 VAL VAL A . n 
A 1 178 PRO 178 178 178 PRO PRO A . n 
# 
loop_
_pdbx_nonpoly_scheme.asym_id 
_pdbx_nonpoly_scheme.entity_id 
_pdbx_nonpoly_scheme.mon_id 
_pdbx_nonpoly_scheme.ndb_seq_num 
_pdbx_nonpoly_scheme.pdb_seq_num 
_pdbx_nonpoly_scheme.auth_seq_num 
_pdbx_nonpoly_scheme.pdb_mon_id 
_pdbx_nonpoly_scheme.auth_mon_id 
_pdbx_nonpoly_scheme.pdb_strand_id 
_pdbx_nonpoly_scheme.pdb_ins_code 
B 2 SO4 1   601 601 SO4 SO4 A . 
C 3 HOH 1   602 1   HOH H2O A . 
C 3 HOH 2   603 2   HOH H2O A . 
C 3 HOH 3   604 3   HOH H2O A . 
C 3 HOH 4   605 4   HOH H2O A . 
C 3 HOH 5   606 5   HOH H2O A . 
C 3 HOH 6   607 6   HOH H2O A . 
C 3 HOH 7   608 7   HOH H2O A . 
C 3 HOH 8   609 8   HOH H2O A . 
C 3 HOH 9   610 9   HOH H2O A . 
C 3 HOH 10  611 10  HOH H2O A . 
C 3 HOH 11  612 11  HOH H2O A . 
C 3 HOH 12  613 12  HOH H2O A . 
C 3 HOH 13  614 13  HOH H2O A . 
C 3 HOH 14  615 14  HOH H2O A . 
C 3 HOH 15  616 15  HOH H2O A . 
C 3 HOH 16  617 16  HOH H2O A . 
C 3 HOH 17  618 17  HOH H2O A . 
C 3 HOH 18  619 18  HOH H2O A . 
C 3 HOH 19  620 19  HOH H2O A . 
C 3 HOH 20  621 20  HOH H2O A . 
C 3 HOH 21  622 21  HOH H2O A . 
C 3 HOH 22  623 22  HOH H2O A . 
C 3 HOH 23  624 23  HOH H2O A . 
C 3 HOH 24  625 24  HOH H2O A . 
C 3 HOH 25  626 25  HOH H2O A . 
C 3 HOH 26  627 26  HOH H2O A . 
C 3 HOH 27  628 27  HOH H2O A . 
C 3 HOH 28  629 28  HOH H2O A . 
C 3 HOH 29  630 29  HOH H2O A . 
C 3 HOH 30  631 30  HOH H2O A . 
C 3 HOH 31  632 31  HOH H2O A . 
C 3 HOH 32  633 32  HOH H2O A . 
C 3 HOH 33  634 33  HOH H2O A . 
C 3 HOH 34  635 34  HOH H2O A . 
C 3 HOH 35  636 35  HOH H2O A . 
C 3 HOH 36  637 36  HOH H2O A . 
C 3 HOH 37  638 37  HOH H2O A . 
C 3 HOH 38  639 38  HOH H2O A . 
C 3 HOH 39  640 39  HOH H2O A . 
C 3 HOH 40  641 40  HOH H2O A . 
C 3 HOH 41  642 41  HOH H2O A . 
C 3 HOH 42  643 42  HOH H2O A . 
C 3 HOH 43  644 43  HOH H2O A . 
C 3 HOH 44  645 44  HOH H2O A . 
C 3 HOH 45  646 45  HOH H2O A . 
C 3 HOH 46  647 46  HOH H2O A . 
C 3 HOH 47  648 47  HOH H2O A . 
C 3 HOH 48  649 48  HOH H2O A . 
C 3 HOH 49  650 49  HOH H2O A . 
C 3 HOH 50  651 50  HOH H2O A . 
C 3 HOH 51  652 51  HOH H2O A . 
C 3 HOH 52  653 52  HOH H2O A . 
C 3 HOH 53  654 53  HOH H2O A . 
C 3 HOH 54  655 54  HOH H2O A . 
C 3 HOH 55  656 55  HOH H2O A . 
C 3 HOH 56  657 56  HOH H2O A . 
C 3 HOH 57  658 57  HOH H2O A . 
C 3 HOH 58  659 58  HOH H2O A . 
C 3 HOH 59  660 59  HOH H2O A . 
C 3 HOH 60  661 60  HOH H2O A . 
C 3 HOH 61  662 61  HOH H2O A . 
C 3 HOH 62  663 62  HOH H2O A . 
C 3 HOH 63  664 63  HOH H2O A . 
C 3 HOH 64  665 64  HOH H2O A . 
C 3 HOH 65  666 65  HOH H2O A . 
C 3 HOH 66  667 66  HOH H2O A . 
C 3 HOH 67  668 67  HOH H2O A . 
C 3 HOH 68  669 68  HOH H2O A . 
C 3 HOH 69  670 69  HOH H2O A . 
C 3 HOH 70  671 70  HOH H2O A . 
C 3 HOH 71  672 71  HOH H2O A . 
C 3 HOH 72  673 72  HOH H2O A . 
C 3 HOH 73  674 73  HOH H2O A . 
C 3 HOH 74  675 74  HOH H2O A . 
C 3 HOH 75  676 75  HOH H2O A . 
C 3 HOH 76  677 76  HOH H2O A . 
C 3 HOH 77  678 77  HOH H2O A . 
C 3 HOH 78  679 78  HOH H2O A . 
C 3 HOH 79  680 79  HOH H2O A . 
C 3 HOH 80  681 80  HOH H2O A . 
C 3 HOH 81  682 81  HOH H2O A . 
C 3 HOH 82  683 82  HOH H2O A . 
C 3 HOH 83  684 83  HOH H2O A . 
C 3 HOH 84  685 84  HOH H2O A . 
C 3 HOH 85  686 85  HOH H2O A . 
C 3 HOH 86  687 86  HOH H2O A . 
C 3 HOH 87  688 87  HOH H2O A . 
C 3 HOH 88  689 88  HOH H2O A . 
C 3 HOH 89  690 89  HOH H2O A . 
C 3 HOH 90  691 90  HOH H2O A . 
C 3 HOH 91  692 91  HOH H2O A . 
C 3 HOH 92  693 92  HOH H2O A . 
C 3 HOH 93  694 93  HOH H2O A . 
C 3 HOH 94  695 94  HOH H2O A . 
C 3 HOH 95  696 95  HOH H2O A . 
C 3 HOH 96  697 96  HOH H2O A . 
C 3 HOH 97  698 97  HOH H2O A . 
C 3 HOH 98  699 98  HOH H2O A . 
C 3 HOH 99  700 99  HOH H2O A . 
C 3 HOH 100 701 100 HOH H2O A . 
C 3 HOH 101 702 101 HOH H2O A . 
C 3 HOH 102 703 102 HOH H2O A . 
C 3 HOH 103 704 103 HOH H2O A . 
C 3 HOH 104 705 104 HOH H2O A . 
C 3 HOH 105 706 105 HOH H2O A . 
C 3 HOH 106 707 106 HOH H2O A . 
C 3 HOH 107 708 107 HOH H2O A . 
C 3 HOH 108 709 108 HOH H2O A . 
C 3 HOH 109 710 109 HOH H2O A . 
C 3 HOH 110 711 110 HOH H2O A . 
C 3 HOH 111 712 111 HOH H2O A . 
C 3 HOH 112 713 112 HOH H2O A . 
C 3 HOH 113 714 113 HOH H2O A . 
C 3 HOH 114 715 114 HOH H2O A . 
C 3 HOH 115 716 115 HOH H2O A . 
C 3 HOH 116 717 116 HOH H2O A . 
C 3 HOH 117 718 117 HOH H2O A . 
C 3 HOH 118 719 118 HOH H2O A . 
C 3 HOH 119 720 119 HOH H2O A . 
C 3 HOH 120 721 120 HOH H2O A . 
C 3 HOH 121 722 121 HOH H2O A . 
C 3 HOH 122 723 122 HOH H2O A . 
C 3 HOH 123 724 123 HOH H2O A . 
C 3 HOH 124 725 124 HOH H2O A . 
C 3 HOH 125 726 125 HOH H2O A . 
C 3 HOH 126 727 126 HOH H2O A . 
C 3 HOH 127 728 127 HOH H2O A . 
C 3 HOH 128 729 128 HOH H2O A . 
C 3 HOH 129 730 129 HOH H2O A . 
C 3 HOH 130 731 130 HOH H2O A . 
C 3 HOH 131 732 131 HOH H2O A . 
C 3 HOH 132 733 132 HOH H2O A . 
C 3 HOH 133 734 133 HOH H2O A . 
C 3 HOH 134 735 134 HOH H2O A . 
C 3 HOH 135 736 135 HOH H2O A . 
C 3 HOH 136 737 136 HOH H2O A . 
C 3 HOH 137 738 137 HOH H2O A . 
C 3 HOH 138 739 138 HOH H2O A . 
C 3 HOH 139 740 139 HOH H2O A . 
C 3 HOH 140 741 140 HOH H2O A . 
C 3 HOH 141 742 141 HOH H2O A . 
C 3 HOH 142 743 142 HOH H2O A . 
C 3 HOH 143 744 143 HOH H2O A . 
C 3 HOH 144 745 144 HOH H2O A . 
C 3 HOH 145 746 145 HOH H2O A . 
C 3 HOH 146 747 146 HOH H2O A . 
C 3 HOH 147 748 147 HOH H2O A . 
C 3 HOH 148 749 148 HOH H2O A . 
C 3 HOH 149 750 149 HOH H2O A . 
C 3 HOH 150 751 150 HOH H2O A . 
C 3 HOH 151 752 151 HOH H2O A . 
C 3 HOH 152 753 152 HOH H2O A . 
C 3 HOH 153 754 153 HOH H2O A . 
C 3 HOH 154 755 154 HOH H2O A . 
C 3 HOH 155 756 155 HOH H2O A . 
C 3 HOH 156 757 156 HOH H2O A . 
C 3 HOH 157 758 157 HOH H2O A . 
C 3 HOH 158 759 158 HOH H2O A . 
C 3 HOH 159 760 159 HOH H2O A . 
C 3 HOH 160 761 160 HOH H2O A . 
C 3 HOH 161 762 161 HOH H2O A . 
C 3 HOH 162 763 162 HOH H2O A . 
C 3 HOH 163 764 163 HOH H2O A . 
C 3 HOH 164 765 164 HOH H2O A . 
C 3 HOH 165 766 165 HOH H2O A . 
C 3 HOH 166 767 166 HOH H2O A . 
C 3 HOH 167 768 167 HOH H2O A . 
C 3 HOH 168 769 168 HOH H2O A . 
C 3 HOH 169 770 169 HOH H2O A . 
C 3 HOH 170 771 170 HOH H2O A . 
C 3 HOH 171 772 171 HOH H2O A . 
C 3 HOH 172 773 172 HOH H2O A . 
# 
loop_
_software.name 
_software.classification 
_software.version 
_software.citation_id 
_software.pdbx_ordinal 
CNS       refinement       0.5 ? 1 
DENZO     'data reduction' .   ? 2 
SCALEPACK 'data scaling'   .   ? 3 
# 
_cell.entry_id           1QHN 
_cell.length_a           200.000 
_cell.length_b           200.000 
_cell.length_c           200.000 
_cell.angle_alpha        90.00 
_cell.angle_beta         90.00 
_cell.angle_gamma        90.00 
_cell.Z_PDB              48 
_cell.pdbx_unique_axis   ? 
# 
_symmetry.entry_id                         1QHN 
_symmetry.space_group_name_H-M             'I 41 3 2' 
_symmetry.pdbx_full_space_group_name_H-M   ? 
_symmetry.cell_setting                     ? 
_symmetry.Int_Tables_number                214 
# 
_exptl.entry_id          1QHN 
_exptl.method            'X-RAY DIFFRACTION' 
_exptl.crystals_number   1 
# 
_exptl_crystal.id                    1 
_exptl_crystal.density_meas          ? 
_exptl_crystal.density_Matthews      8.80 
_exptl_crystal.density_percent_sol   86.0 
_exptl_crystal.description           ? 
# 
_exptl_crystal_grow.crystal_id      1 
_exptl_crystal_grow.method          ? 
_exptl_crystal_grow.temp            ? 
_exptl_crystal_grow.temp_details    ? 
_exptl_crystal_grow.pH              7.50 
_exptl_crystal_grow.pdbx_details    'pH 7.50' 
_exptl_crystal_grow.pdbx_pH_range   . 
# 
_diffrn.id                     1 
_diffrn.ambient_temp           100.0 
_diffrn.ambient_temp_details   ? 
_diffrn.crystal_id             1 
# 
_diffrn_detector.diffrn_id              1 
_diffrn_detector.detector               CCD 
_diffrn_detector.type                   ? 
_diffrn_detector.pdbx_collection_date   ? 
_diffrn_detector.details                ? 
# 
_diffrn_radiation.diffrn_id                        1 
_diffrn_radiation.wavelength_id                    1 
_diffrn_radiation.pdbx_monochromatic_or_laue_m_l   M 
_diffrn_radiation.monochromator                    ? 
_diffrn_radiation.pdbx_diffrn_protocol             MAD 
_diffrn_radiation.pdbx_scattering_type             x-ray 
# 
loop_
_diffrn_radiation_wavelength.id 
_diffrn_radiation_wavelength.wavelength 
_diffrn_radiation_wavelength.wt 
1 0.9785 1.0 
2 0.9783 1.0 
3 0.88   1.0 
# 
_diffrn_source.diffrn_id                   1 
_diffrn_source.source                      SYNCHROTRON 
_diffrn_source.type                        'ESRF BEAMLINE BM14' 
_diffrn_source.pdbx_synchrotron_site       ESRF 
_diffrn_source.pdbx_synchrotron_beamline   BM14 
_diffrn_source.pdbx_wavelength             ? 
_diffrn_source.pdbx_wavelength_list        '0.9785, 0.9783, 0.88' 
# 
_reflns.entry_id                     1QHN 
_reflns.observed_criterion_sigma_I   ? 
_reflns.observed_criterion_sigma_F   ? 
_reflns.d_resolution_low             20.000 
_reflns.d_resolution_high            2.700 
_reflns.number_obs                   18936 
_reflns.number_all                   ? 
_reflns.percent_possible_obs         99.5 
_reflns.pdbx_Rmerge_I_obs            0.1280000 
_reflns.pdbx_Rsym_value              12.8000000 
_reflns.pdbx_netI_over_sigmaI        11.1000 
_reflns.B_iso_Wilson_estimate        54.9 
_reflns.pdbx_redundancy              13.52 
_reflns.R_free_details               ? 
_reflns.limit_h_max                  ? 
_reflns.limit_h_min                  ? 
_reflns.limit_k_max                  ? 
_reflns.limit_k_min                  ? 
_reflns.limit_l_max                  ? 
_reflns.limit_l_min                  ? 
_reflns.observed_criterion_F_max     ? 
_reflns.observed_criterion_F_min     ? 
_reflns.pdbx_ordinal                 1 
_reflns.pdbx_diffrn_id               1 
# 
_reflns_shell.d_res_high             2.70 
_reflns_shell.d_res_low              2.78 
_reflns_shell.percent_possible_all   100.0 
_reflns_shell.Rmerge_I_obs           0.3680000 
_reflns_shell.pdbx_Rsym_value        36.8000000 
_reflns_shell.meanI_over_sigI_obs    ? 
_reflns_shell.pdbx_redundancy        ? 
_reflns_shell.percent_possible_obs   ? 
_reflns_shell.number_unique_all      ? 
_reflns_shell.pdbx_ordinal           1 
_reflns_shell.pdbx_diffrn_id         1 
# 
_refine.entry_id                                 1QHN 
_refine.ls_number_reflns_obs                     18929 
_refine.ls_number_reflns_all                     ? 
_refine.pdbx_ls_sigma_I                          ? 
_refine.pdbx_ls_sigma_F                          0.0 
_refine.pdbx_data_cutoff_high_absF               9801121.83 
_refine.pdbx_data_cutoff_low_absF                0.00 
_refine.pdbx_data_cutoff_high_rms_absF           ? 
_refine.ls_d_res_low                             99.00 
_refine.ls_d_res_high                            2.70 
_refine.ls_percent_reflns_obs                    99.7 
_refine.ls_R_factor_obs                          0.2010000 
_refine.ls_R_factor_all                          ? 
_refine.ls_R_factor_R_work                       0.2010000 
_refine.ls_R_factor_R_free                       0.2260000 
_refine.ls_R_factor_R_free_error                 0.007 
_refine.ls_R_factor_R_free_error_details         ? 
_refine.ls_percent_reflns_R_free                 4.9 
_refine.ls_number_reflns_R_free                  922 
_refine.ls_number_parameters                     ? 
_refine.ls_number_restraints                     ? 
_refine.occupancy_min                            ? 
_refine.occupancy_max                            ? 
_refine.B_iso_mean                               32.9 
_refine.aniso_B[1][1]                            0.00 
_refine.aniso_B[2][2]                            0.00 
_refine.aniso_B[3][3]                            0.00 
_refine.aniso_B[1][2]                            0.00 
_refine.aniso_B[1][3]                            0.00 
_refine.aniso_B[2][3]                            0.00 
_refine.solvent_model_details                    'FLAT MODEL' 
_refine.solvent_model_param_ksol                 0.344 
_refine.solvent_model_param_bsol                 35.10 
_refine.pdbx_ls_cross_valid_method               THROUGHOUT 
_refine.details                                  ? 
_refine.pdbx_starting_model                      ? 
_refine.pdbx_method_to_determine_struct          MAD 
_refine.pdbx_isotropic_thermal_model             RESTRAINED 
_refine.pdbx_stereochemistry_target_values       ? 
_refine.pdbx_stereochem_target_val_spec_case     ? 
_refine.pdbx_R_Free_selection_details            RANDOM 
_refine.pdbx_overall_ESU_R                       ? 
_refine.pdbx_overall_ESU_R_Free                  ? 
_refine.overall_SU_ML                            ? 
_refine.overall_SU_B                             ? 
_refine.ls_redundancy_reflns_obs                 ? 
_refine.B_iso_min                                ? 
_refine.B_iso_max                                ? 
_refine.pdbx_refine_id                           'X-RAY DIFFRACTION' 
_refine.pdbx_diffrn_id                           1 
_refine.pdbx_TLS_residual_ADP_flag               ? 
_refine.correlation_coeff_Fo_to_Fc               ? 
_refine.correlation_coeff_Fo_to_Fc_free          ? 
_refine.pdbx_solvent_vdw_probe_radii             ? 
_refine.pdbx_solvent_ion_probe_radii             ? 
_refine.pdbx_solvent_shrinkage_radii             ? 
_refine.pdbx_overall_phase_error                 ? 
_refine.overall_SU_R_Cruickshank_DPI             ? 
_refine.pdbx_overall_SU_R_free_Cruickshank_DPI   ? 
_refine.pdbx_overall_SU_R_Blow_DPI               ? 
_refine.pdbx_overall_SU_R_free_Blow_DPI          ? 
# 
_refine_analyze.entry_id                        1QHN 
_refine_analyze.Luzzati_coordinate_error_obs    0.28 
_refine_analyze.Luzzati_sigma_a_obs             0.26 
_refine_analyze.Luzzati_d_res_low_obs           5.00 
_refine_analyze.Luzzati_coordinate_error_free   0.32 
_refine_analyze.Luzzati_sigma_a_free            0.28 
_refine_analyze.Luzzati_d_res_low_free          ? 
_refine_analyze.number_disordered_residues      ? 
_refine_analyze.occupancy_sum_hydrogen          ? 
_refine_analyze.occupancy_sum_non_hydrogen      ? 
_refine_analyze.pdbx_Luzzati_d_res_high_obs     ? 
_refine_analyze.pdbx_refine_id                  'X-RAY DIFFRACTION' 
# 
_refine_hist.pdbx_refine_id                   'X-RAY DIFFRACTION' 
_refine_hist.cycle_id                         LAST 
_refine_hist.pdbx_number_atoms_protein        1320 
_refine_hist.pdbx_number_atoms_nucleic_acid   0 
_refine_hist.pdbx_number_atoms_ligand         5 
_refine_hist.number_atoms_solvent             172 
_refine_hist.number_atoms_total               1497 
_refine_hist.d_res_high                       2.70 
_refine_hist.d_res_low                        99.00 
# 
loop_
_refine_ls_restr.type 
_refine_ls_restr.dev_ideal 
_refine_ls_restr.dev_ideal_target 
_refine_ls_restr.weight 
_refine_ls_restr.number 
_refine_ls_restr.pdbx_refine_id 
_refine_ls_restr.pdbx_restraint_function 
c_bond_d                0.007 ?    ? ? 'X-RAY DIFFRACTION' ? 
c_bond_d_na             ?     ?    ? ? 'X-RAY DIFFRACTION' ? 
c_bond_d_prot           ?     ?    ? ? 'X-RAY DIFFRACTION' ? 
c_angle_d               ?     ?    ? ? 'X-RAY DIFFRACTION' ? 
c_angle_d_na            ?     ?    ? ? 'X-RAY DIFFRACTION' ? 
c_angle_d_prot          ?     ?    ? ? 'X-RAY DIFFRACTION' ? 
c_angle_deg             1.1   ?    ? ? 'X-RAY DIFFRACTION' ? 
c_angle_deg_na          ?     ?    ? ? 'X-RAY DIFFRACTION' ? 
c_angle_deg_prot        ?     ?    ? ? 'X-RAY DIFFRACTION' ? 
c_dihedral_angle_d      22.5  ?    ? ? 'X-RAY DIFFRACTION' ? 
c_dihedral_angle_d_na   ?     ?    ? ? 'X-RAY DIFFRACTION' ? 
c_dihedral_angle_d_prot ?     ?    ? ? 'X-RAY DIFFRACTION' ? 
c_improper_angle_d      0.69  ?    ? ? 'X-RAY DIFFRACTION' ? 
c_improper_angle_d_na   ?     ?    ? ? 'X-RAY DIFFRACTION' ? 
c_improper_angle_d_prot ?     ?    ? ? 'X-RAY DIFFRACTION' ? 
c_mcbond_it             4.01  1.50 ? ? 'X-RAY DIFFRACTION' ? 
c_mcangle_it            6.22  2.00 ? ? 'X-RAY DIFFRACTION' ? 
c_scbond_it             8.97  2.00 ? ? 'X-RAY DIFFRACTION' ? 
c_scangle_it            12.69 2.50 ? ? 'X-RAY DIFFRACTION' ? 
# 
_refine_ls_shell.pdbx_total_number_of_bins_used   6 
_refine_ls_shell.d_res_high                       2.70 
_refine_ls_shell.d_res_low                        2.87 
_refine_ls_shell.number_reflns_R_work             2916 
_refine_ls_shell.R_factor_R_work                  0.2400000 
_refine_ls_shell.percent_reflns_obs               98.6 
_refine_ls_shell.R_factor_R_free                  0.2620000 
_refine_ls_shell.R_factor_R_free_error            0.022 
_refine_ls_shell.percent_reflns_R_free            4.7 
_refine_ls_shell.number_reflns_R_free             145 
_refine_ls_shell.redundancy_reflns_obs            ? 
_refine_ls_shell.number_reflns_all                ? 
_refine_ls_shell.number_reflns_obs                ? 
_refine_ls_shell.pdbx_refine_id                   'X-RAY DIFFRACTION' 
_refine_ls_shell.R_factor_all                     ? 
# 
loop_
_pdbx_xplor_file.serial_no 
_pdbx_xplor_file.param_file 
_pdbx_xplor_file.topol_file 
_pdbx_xplor_file.pdbx_refine_id 
1 PROTEIN_REP.PARAM PROTEIN.TOP    'X-RAY DIFFRACTION' 
2 WATER_REP.PARAM   WATER-TOPOLOGY 'X-RAY DIFFRACTION' 
3 ION.PARAM         ION.TOP        'X-RAY DIFFRACTION' 
# 
_struct.entry_id                  1QHN 
_struct.title                     'CHLORAMPHENICOL PHOSPHOTRANSFERASE FROM STREPTOMYCES VENEZUELAE' 
_struct.pdbx_model_details        ? 
_struct.pdbx_CASP_flag            ? 
_struct.pdbx_model_type_details   ? 
# 
_struct_keywords.entry_id        1QHN 
_struct_keywords.pdbx_keywords   TRANSFERASE 
_struct_keywords.text            'KINASE, ANTIBIOTIC RESISTANCE, PHOSPHORYLATION, MONONUCLEOTIDE BINDING FOLD, TRANSFERASE' 
# 
loop_
_struct_asym.id 
_struct_asym.pdbx_blank_PDB_chainid_flag 
_struct_asym.pdbx_modified 
_struct_asym.entity_id 
_struct_asym.details 
A N N 1 ? 
B N N 2 ? 
C N N 3 ? 
# 
_struct_ref.id                         1 
_struct_ref.db_code                    CPT_STRVL 
_struct_ref.db_name                    UNP 
_struct_ref.entity_id                  1 
_struct_ref.pdbx_db_accession          Q56148 
_struct_ref.pdbx_align_begin           1 
_struct_ref.pdbx_seq_one_letter_code   
;MTTRMIILNGGSSAGKSGIVRCLQSVLPEPWLAFGVDSLIEAMPLKMQSAEGGIEFDADGGVSIGPEFRALEGAWAEGVV
AMARAGARIIIDDVFLGGAAAQERWRSFVGDLDVLWVGVRCDGAVAEGRETARGDRVAGMAAKQAYVVHEGVEYDVEVDT
THKESIECAWAIAAHVVP
;
_struct_ref.pdbx_db_isoform            ? 
# 
_struct_ref_seq.align_id                      1 
_struct_ref_seq.ref_id                        1 
_struct_ref_seq.pdbx_PDB_id_code              1QHN 
_struct_ref_seq.pdbx_strand_id                A 
_struct_ref_seq.seq_align_beg                 1 
_struct_ref_seq.pdbx_seq_align_beg_ins_code   ? 
_struct_ref_seq.seq_align_end                 178 
_struct_ref_seq.pdbx_seq_align_end_ins_code   ? 
_struct_ref_seq.pdbx_db_accession             Q56148 
_struct_ref_seq.db_align_beg                  1 
_struct_ref_seq.pdbx_db_align_beg_ins_code    ? 
_struct_ref_seq.db_align_end                  178 
_struct_ref_seq.pdbx_db_align_end_ins_code    ? 
_struct_ref_seq.pdbx_auth_seq_align_beg       1 
_struct_ref_seq.pdbx_auth_seq_align_end       178 
# 
loop_
_struct_ref_seq_dif.align_id 
_struct_ref_seq_dif.pdbx_pdb_id_code 
_struct_ref_seq_dif.mon_id 
_struct_ref_seq_dif.pdbx_pdb_strand_id 
_struct_ref_seq_dif.seq_num 
_struct_ref_seq_dif.pdbx_pdb_ins_code 
_struct_ref_seq_dif.pdbx_seq_db_name 
_struct_ref_seq_dif.pdbx_seq_db_accession_code 
_struct_ref_seq_dif.db_mon_id 
_struct_ref_seq_dif.pdbx_seq_db_seq_num 
_struct_ref_seq_dif.details 
_struct_ref_seq_dif.pdbx_auth_seq_num 
_struct_ref_seq_dif.pdbx_ordinal 
1 1QHN MSE A 1   ? UNP Q56148 MET 1   'modified residue' 1   1 
1 1QHN MSE A 5   ? UNP Q56148 MET 5   'modified residue' 5   2 
1 1QHN MSE A 43  ? UNP Q56148 MET 43  'modified residue' 43  3 
1 1QHN MSE A 47  ? UNP Q56148 MET 47  'modified residue' 47  4 
1 1QHN MSE A 82  ? UNP Q56148 MET 82  'modified residue' 82  5 
1 1QHN MSE A 140 ? UNP Q56148 MET 140 'modified residue' 140 6 
# 
_pdbx_struct_assembly.id                   1 
_pdbx_struct_assembly.details              author_and_software_defined_assembly 
_pdbx_struct_assembly.method_details       PISA,PQS 
_pdbx_struct_assembly.oligomeric_details   tetrameric 
_pdbx_struct_assembly.oligomeric_count     4 
# 
loop_
_pdbx_struct_assembly_prop.biol_id 
_pdbx_struct_assembly_prop.type 
_pdbx_struct_assembly_prop.value 
_pdbx_struct_assembly_prop.details 
1 'ABSA (A^2)' 7630  ? 
1 MORE         -130  ? 
1 'SSA (A^2)'  28800 ? 
# 
_pdbx_struct_assembly_gen.assembly_id       1 
_pdbx_struct_assembly_gen.oper_expression   1,2,3,4 
_pdbx_struct_assembly_gen.asym_id_list      A,B,C 
# 
loop_
_pdbx_struct_oper_list.id 
_pdbx_struct_oper_list.type 
_pdbx_struct_oper_list.name 
_pdbx_struct_oper_list.symmetry_operation 
_pdbx_struct_oper_list.matrix[1][1] 
_pdbx_struct_oper_list.matrix[1][2] 
_pdbx_struct_oper_list.matrix[1][3] 
_pdbx_struct_oper_list.vector[1] 
_pdbx_struct_oper_list.matrix[2][1] 
_pdbx_struct_oper_list.matrix[2][2] 
_pdbx_struct_oper_list.matrix[2][3] 
_pdbx_struct_oper_list.vector[2] 
_pdbx_struct_oper_list.matrix[3][1] 
_pdbx_struct_oper_list.matrix[3][2] 
_pdbx_struct_oper_list.matrix[3][3] 
_pdbx_struct_oper_list.vector[3] 
1 'identity operation'         1_555  x,y,z                1.0000000000  0.0000000000  0.0000000000  0.0000000000   0.0000000000  1.0000000000  0.0000000000  0.0000000000   0.0000000000  0.0000000000  1.0000000000  0.0000000000  
2 'crystal symmetry operation' 13_455 y-1/4,x+1/4,-z+1/4   -0.4406089408 -0.8054559643 -0.3963640383 -10.7207119027 -0.8054559643 0.1597598849  0.5707166274  -22.4437146202 -0.3963640383 0.5707166274  -0.7191509440 30.4779249552 
3 'crystal symmetry operation' 26_555 -x,-y+1/2,z          -0.8253223114 -0.1469772596 0.5451979159  -25.3578440778 -0.1469772596 -0.8763304288 -0.4587403020 -6.7668747450  0.5451979159  -0.4587403020 0.7016527402  6.3002311366  
4 'crystal symmetry operation' 38_555 -y+1/4,-x+1/4,-z+1/4 0.2659312522  0.9524332239  -0.1488338775 3.4054154856   0.9524332239  -0.2834294561 -0.1119763254 0.4954836690   -0.1488338775 -0.1119763254 -0.9825017962 32.1360773350 
# 
_struct_biol.id   1 
# 
loop_
_struct_conf.conf_type_id 
_struct_conf.id 
_struct_conf.pdbx_PDB_helix_id 
_struct_conf.beg_label_comp_id 
_struct_conf.beg_label_asym_id 
_struct_conf.beg_label_seq_id 
_struct_conf.pdbx_beg_PDB_ins_code 
_struct_conf.end_label_comp_id 
_struct_conf.end_label_asym_id 
_struct_conf.end_label_seq_id 
_struct_conf.pdbx_end_PDB_ins_code 
_struct_conf.beg_auth_comp_id 
_struct_conf.beg_auth_asym_id 
_struct_conf.beg_auth_seq_id 
_struct_conf.end_auth_comp_id 
_struct_conf.end_auth_asym_id 
_struct_conf.end_auth_seq_id 
_struct_conf.pdbx_PDB_helix_class 
_struct_conf.details 
_struct_conf.pdbx_PDB_helix_length 
HELX_P HELX_P1 1 GLY A 15  ? LEU A 27  ? GLY A 15  LEU A 27  1 ? 13 
HELX_P HELX_P2 2 VAL A 36  ? MSE A 43  ? VAL A 36  MSE A 43  1 ? 8  
HELX_P HELX_P3 3 PRO A 44  ? SER A 49  ? PRO A 44  SER A 49  5 ? 6  
HELX_P HELX_P4 4 GLY A 65  ? ALA A 85  ? GLY A 65  ALA A 85  1 ? 21 
HELX_P HELX_P5 5 GLY A 98  ? GLY A 110 ? GLY A 98  GLY A 110 1 ? 13 
HELX_P HELX_P6 6 ASP A 122 ? GLY A 134 ? ASP A 122 GLY A 134 1 ? 13 
HELX_P HELX_P7 7 GLY A 139 ? ALA A 145 ? GLY A 139 ALA A 145 1 ? 7  
HELX_P HELX_P8 8 TYR A 146 ? GLU A 150 ? TYR A 146 GLU A 150 5 ? 5  
HELX_P HELX_P9 9 GLU A 164 ? HIS A 175 ? GLU A 164 HIS A 175 1 ? 12 
# 
_struct_conf_type.id          HELX_P 
_struct_conf_type.criteria    ? 
_struct_conf_type.reference   ? 
# 
loop_
_struct_conn.id 
_struct_conn.conn_type_id 
_struct_conn.pdbx_leaving_atom_flag 
_struct_conn.pdbx_PDB_id 
_struct_conn.ptnr1_label_asym_id 
_struct_conn.ptnr1_label_comp_id 
_struct_conn.ptnr1_label_seq_id 
_struct_conn.ptnr1_label_atom_id 
_struct_conn.pdbx_ptnr1_label_alt_id 
_struct_conn.pdbx_ptnr1_PDB_ins_code 
_struct_conn.pdbx_ptnr1_standard_comp_id 
_struct_conn.ptnr1_symmetry 
_struct_conn.ptnr2_label_asym_id 
_struct_conn.ptnr2_label_comp_id 
_struct_conn.ptnr2_label_seq_id 
_struct_conn.ptnr2_label_atom_id 
_struct_conn.pdbx_ptnr2_label_alt_id 
_struct_conn.pdbx_ptnr2_PDB_ins_code 
_struct_conn.ptnr1_auth_asym_id 
_struct_conn.ptnr1_auth_comp_id 
_struct_conn.ptnr1_auth_seq_id 
_struct_conn.ptnr2_auth_asym_id 
_struct_conn.ptnr2_auth_comp_id 
_struct_conn.ptnr2_auth_seq_id 
_struct_conn.ptnr2_symmetry 
_struct_conn.pdbx_ptnr3_label_atom_id 
_struct_conn.pdbx_ptnr3_label_seq_id 
_struct_conn.pdbx_ptnr3_label_comp_id 
_struct_conn.pdbx_ptnr3_label_asym_id 
_struct_conn.pdbx_ptnr3_label_alt_id 
_struct_conn.pdbx_ptnr3_PDB_ins_code 
_struct_conn.details 
_struct_conn.pdbx_dist_value 
_struct_conn.pdbx_value_order 
_struct_conn.pdbx_role 
covale1  covale both ? A MSE 1   C ? ? ? 1_555 A THR 2   N ? ? A MSE 1   A THR 2   1_555 ? ? ? ? ? ? ? 1.329 ? ? 
covale2  covale both ? A ARG 4   C ? ? ? 1_555 A MSE 5   N ? ? A ARG 4   A MSE 5   1_555 ? ? ? ? ? ? ? 1.329 ? ? 
covale3  covale both ? A MSE 5   C ? ? ? 1_555 A ILE 6   N ? ? A MSE 5   A ILE 6   1_555 ? ? ? ? ? ? ? 1.330 ? ? 
covale4  covale both ? A ALA 42  C ? ? ? 1_555 A MSE 43  N ? ? A ALA 42  A MSE 43  1_555 ? ? ? ? ? ? ? 1.328 ? ? 
covale5  covale both ? A MSE 43  C ? ? ? 1_555 A PRO 44  N ? ? A MSE 43  A PRO 44  1_555 ? ? ? ? ? ? ? 1.338 ? ? 
covale6  covale both ? A LYS 46  C ? ? ? 1_555 A MSE 47  N ? ? A LYS 46  A MSE 47  1_555 ? ? ? ? ? ? ? 1.330 ? ? 
covale7  covale both ? A MSE 47  C ? ? ? 1_555 A GLN 48  N ? ? A MSE 47  A GLN 48  1_555 ? ? ? ? ? ? ? 1.333 ? ? 
covale8  covale both ? A ALA 81  C ? ? ? 1_555 A MSE 82  N ? ? A ALA 81  A MSE 82  1_555 ? ? ? ? ? ? ? 1.329 ? ? 
covale9  covale both ? A MSE 82  C ? ? ? 1_555 A ALA 83  N ? ? A MSE 82  A ALA 83  1_555 ? ? ? ? ? ? ? 1.331 ? ? 
covale10 covale both ? A GLY 139 C ? ? ? 1_555 A MSE 140 N ? ? A GLY 139 A MSE 140 1_555 ? ? ? ? ? ? ? 1.330 ? ? 
covale11 covale both ? A MSE 140 C ? ? ? 1_555 A ALA 141 N ? ? A MSE 140 A ALA 141 1_555 ? ? ? ? ? ? ? 1.331 ? ? 
# 
_struct_conn_type.id          covale 
_struct_conn_type.criteria    ? 
_struct_conn_type.reference   ? 
# 
loop_
_pdbx_modification_feature.ordinal 
_pdbx_modification_feature.label_comp_id 
_pdbx_modification_feature.label_asym_id 
_pdbx_modification_feature.label_seq_id 
_pdbx_modification_feature.label_alt_id 
_pdbx_modification_feature.modified_residue_label_comp_id 
_pdbx_modification_feature.modified_residue_label_asym_id 
_pdbx_modification_feature.modified_residue_label_seq_id 
_pdbx_modification_feature.modified_residue_label_alt_id 
_pdbx_modification_feature.auth_comp_id 
_pdbx_modification_feature.auth_asym_id 
_pdbx_modification_feature.auth_seq_id 
_pdbx_modification_feature.PDB_ins_code 
_pdbx_modification_feature.symmetry 
_pdbx_modification_feature.modified_residue_auth_comp_id 
_pdbx_modification_feature.modified_residue_auth_asym_id 
_pdbx_modification_feature.modified_residue_auth_seq_id 
_pdbx_modification_feature.modified_residue_PDB_ins_code 
_pdbx_modification_feature.modified_residue_symmetry 
_pdbx_modification_feature.comp_id_linking_atom 
_pdbx_modification_feature.modified_residue_id_linking_atom 
_pdbx_modification_feature.modified_residue_id 
_pdbx_modification_feature.ref_pcm_id 
_pdbx_modification_feature.ref_comp_id 
_pdbx_modification_feature.type 
_pdbx_modification_feature.category 
1 MSE A 1   ? . . . . MSE A 1   ? 1_555 . . . . . . . MET 1 MSE Selenomethionine 'Named protein modification' 
2 MSE A 5   ? . . . . MSE A 5   ? 1_555 . . . . . . . MET 1 MSE Selenomethionine 'Named protein modification' 
3 MSE A 43  ? . . . . MSE A 43  ? 1_555 . . . . . . . MET 1 MSE Selenomethionine 'Named protein modification' 
4 MSE A 47  ? . . . . MSE A 47  ? 1_555 . . . . . . . MET 1 MSE Selenomethionine 'Named protein modification' 
5 MSE A 82  ? . . . . MSE A 82  ? 1_555 . . . . . . . MET 1 MSE Selenomethionine 'Named protein modification' 
6 MSE A 140 ? . . . . MSE A 140 ? 1_555 . . . . . . . MET 1 MSE Selenomethionine 'Named protein modification' 
# 
loop_
_struct_sheet.id 
_struct_sheet.type 
_struct_sheet.number_strands 
_struct_sheet.details 
A ? 5 ? 
B ? 2 ? 
# 
loop_
_struct_sheet_order.sheet_id 
_struct_sheet_order.range_id_1 
_struct_sheet_order.range_id_2 
_struct_sheet_order.offset 
_struct_sheet_order.sense 
A 1 2 ? parallel      
A 2 3 ? parallel      
A 3 4 ? parallel      
A 4 5 ? parallel      
B 1 2 ? anti-parallel 
# 
loop_
_struct_sheet_range.sheet_id 
_struct_sheet_range.id 
_struct_sheet_range.beg_label_comp_id 
_struct_sheet_range.beg_label_asym_id 
_struct_sheet_range.beg_label_seq_id 
_struct_sheet_range.pdbx_beg_PDB_ins_code 
_struct_sheet_range.end_label_comp_id 
_struct_sheet_range.end_label_asym_id 
_struct_sheet_range.end_label_seq_id 
_struct_sheet_range.pdbx_end_PDB_ins_code 
_struct_sheet_range.beg_auth_comp_id 
_struct_sheet_range.beg_auth_asym_id 
_struct_sheet_range.beg_auth_seq_id 
_struct_sheet_range.end_auth_comp_id 
_struct_sheet_range.end_auth_asym_id 
_struct_sheet_range.end_auth_seq_id 
A 1 TRP A 31  ? GLY A 35  ? TRP A 31  GLY A 35  
A 2 ARG A 88  ? ASP A 93  ? ARG A 88  ASP A 93  
A 3 MSE A 5   ? ASN A 9   ? MSE A 5   ASN A 9   
A 4 VAL A 114 ? ARG A 120 ? VAL A 114 ARG A 120 
A 5 VAL A 156 ? ASP A 159 ? VAL A 156 ASP A 159 
B 1 ILE A 54  ? PHE A 56  ? ILE A 54  PHE A 56  
B 2 VAL A 62  ? ILE A 64  ? VAL A 62  ILE A 64  
# 
loop_
_pdbx_struct_sheet_hbond.sheet_id 
_pdbx_struct_sheet_hbond.range_id_1 
_pdbx_struct_sheet_hbond.range_id_2 
_pdbx_struct_sheet_hbond.range_1_label_atom_id 
_pdbx_struct_sheet_hbond.range_1_label_comp_id 
_pdbx_struct_sheet_hbond.range_1_label_asym_id 
_pdbx_struct_sheet_hbond.range_1_label_seq_id 
_pdbx_struct_sheet_hbond.range_1_PDB_ins_code 
_pdbx_struct_sheet_hbond.range_1_auth_atom_id 
_pdbx_struct_sheet_hbond.range_1_auth_comp_id 
_pdbx_struct_sheet_hbond.range_1_auth_asym_id 
_pdbx_struct_sheet_hbond.range_1_auth_seq_id 
_pdbx_struct_sheet_hbond.range_2_label_atom_id 
_pdbx_struct_sheet_hbond.range_2_label_comp_id 
_pdbx_struct_sheet_hbond.range_2_label_asym_id 
_pdbx_struct_sheet_hbond.range_2_label_seq_id 
_pdbx_struct_sheet_hbond.range_2_PDB_ins_code 
_pdbx_struct_sheet_hbond.range_2_auth_atom_id 
_pdbx_struct_sheet_hbond.range_2_auth_comp_id 
_pdbx_struct_sheet_hbond.range_2_auth_asym_id 
_pdbx_struct_sheet_hbond.range_2_auth_seq_id 
A 1 2 N LEU A 32  ? N LEU A 32  O ARG A 88  ? O ARG A 88  
A 2 3 N ILE A 91  ? N ILE A 91  O ILE A 6   ? O ILE A 6   
A 3 4 O MSE A 5   ? O MSE A 5   N LEU A 115 ? N LEU A 115 
A 4 5 N GLY A 118 ? N GLY A 118 O VAL A 156 ? O VAL A 156 
B 1 2 O GLU A 55  ? O GLU A 55  N SER A 63  ? N SER A 63  
# 
_struct_site.id                   AC1 
_struct_site.pdbx_evidence_code   Software 
_struct_site.pdbx_auth_asym_id    A 
_struct_site.pdbx_auth_comp_id    SO4 
_struct_site.pdbx_auth_seq_id     601 
_struct_site.pdbx_auth_ins_code   ? 
_struct_site.pdbx_num_residues    10 
_struct_site.details              'BINDING SITE FOR RESIDUE SO4 A 601' 
# 
loop_
_struct_site_gen.id 
_struct_site_gen.site_id 
_struct_site_gen.pdbx_num_res 
_struct_site_gen.label_comp_id 
_struct_site_gen.label_asym_id 
_struct_site_gen.label_seq_id 
_struct_site_gen.pdbx_auth_ins_code 
_struct_site_gen.auth_comp_id 
_struct_site_gen.auth_asym_id 
_struct_site_gen.auth_seq_id 
_struct_site_gen.label_atom_id 
_struct_site_gen.label_alt_id 
_struct_site_gen.symmetry 
_struct_site_gen.details 
1  AC1 10 GLY A 11  ? GLY A 11  . ? 1_555 ? 
2  AC1 10 SER A 13  ? SER A 13  . ? 1_555 ? 
3  AC1 10 ALA A 14  ? ALA A 14  . ? 1_555 ? 
4  AC1 10 GLY A 15  ? GLY A 15  . ? 1_555 ? 
5  AC1 10 LYS A 16  ? LYS A 16  . ? 1_555 ? 
6  AC1 10 SER A 17  ? SER A 17  . ? 1_555 ? 
7  AC1 10 ARG A 133 ? ARG A 133 . ? 1_555 ? 
8  AC1 10 HOH C .   ? HOH A 613 . ? 1_555 ? 
9  AC1 10 HOH C .   ? HOH A 624 . ? 1_555 ? 
10 AC1 10 HOH C .   ? HOH A 630 . ? 1_555 ? 
# 
_pdbx_entry_details.entry_id                   1QHN 
_pdbx_entry_details.compound_details           ? 
_pdbx_entry_details.source_details             ? 
_pdbx_entry_details.nonpolymer_details         ? 
_pdbx_entry_details.sequence_details           ? 
_pdbx_entry_details.has_ligand_of_interest     ? 
_pdbx_entry_details.has_protein_modification   Y 
# 
_pdbx_validate_close_contact.id               1 
_pdbx_validate_close_contact.PDB_model_num    1 
_pdbx_validate_close_contact.auth_atom_id_1   O 
_pdbx_validate_close_contact.auth_asym_id_1   A 
_pdbx_validate_close_contact.auth_comp_id_1   GLY 
_pdbx_validate_close_contact.auth_seq_id_1    52 
_pdbx_validate_close_contact.PDB_ins_code_1   ? 
_pdbx_validate_close_contact.label_alt_id_1   ? 
_pdbx_validate_close_contact.auth_atom_id_2   N 
_pdbx_validate_close_contact.auth_asym_id_2   A 
_pdbx_validate_close_contact.auth_comp_id_2   PHE 
_pdbx_validate_close_contact.auth_seq_id_2    68 
_pdbx_validate_close_contact.PDB_ins_code_2   ? 
_pdbx_validate_close_contact.label_alt_id_2   ? 
_pdbx_validate_close_contact.dist             2.03 
# 
loop_
_pdbx_validate_torsion.id 
_pdbx_validate_torsion.PDB_model_num 
_pdbx_validate_torsion.auth_comp_id 
_pdbx_validate_torsion.auth_asym_id 
_pdbx_validate_torsion.auth_seq_id 
_pdbx_validate_torsion.PDB_ins_code 
_pdbx_validate_torsion.label_alt_id 
_pdbx_validate_torsion.phi 
_pdbx_validate_torsion.psi 
1 1 GLU A 51  ? ? -91.18  -68.14 
2 1 CYS A 121 ? ? -171.14 134.58 
# 
loop_
_pdbx_struct_mod_residue.id 
_pdbx_struct_mod_residue.label_asym_id 
_pdbx_struct_mod_residue.label_comp_id 
_pdbx_struct_mod_residue.label_seq_id 
_pdbx_struct_mod_residue.auth_asym_id 
_pdbx_struct_mod_residue.auth_comp_id 
_pdbx_struct_mod_residue.auth_seq_id 
_pdbx_struct_mod_residue.PDB_ins_code 
_pdbx_struct_mod_residue.parent_comp_id 
_pdbx_struct_mod_residue.details 
1 A MSE 1   A MSE 1   ? MET SELENOMETHIONINE 
2 A MSE 5   A MSE 5   ? MET SELENOMETHIONINE 
3 A MSE 43  A MSE 43  ? MET SELENOMETHIONINE 
4 A MSE 47  A MSE 47  ? MET SELENOMETHIONINE 
5 A MSE 82  A MSE 82  ? MET SELENOMETHIONINE 
6 A MSE 140 A MSE 140 ? MET SELENOMETHIONINE 
# 
_pdbx_struct_special_symmetry.id              1 
_pdbx_struct_special_symmetry.PDB_model_num   1 
_pdbx_struct_special_symmetry.auth_asym_id    A 
_pdbx_struct_special_symmetry.auth_comp_id    HOH 
_pdbx_struct_special_symmetry.auth_seq_id     772 
_pdbx_struct_special_symmetry.PDB_ins_code    ? 
_pdbx_struct_special_symmetry.label_asym_id   C 
_pdbx_struct_special_symmetry.label_comp_id   HOH 
_pdbx_struct_special_symmetry.label_seq_id    . 
# 
loop_
_chem_comp_atom.comp_id 
_chem_comp_atom.atom_id 
_chem_comp_atom.type_symbol 
_chem_comp_atom.pdbx_aromatic_flag 
_chem_comp_atom.pdbx_stereo_config 
_chem_comp_atom.pdbx_ordinal 
ALA N    N  N N 1   
ALA CA   C  N S 2   
ALA C    C  N N 3   
ALA O    O  N N 4   
ALA CB   C  N N 5   
ALA OXT  O  N N 6   
ALA H    H  N N 7   
ALA H2   H  N N 8   
ALA HA   H  N N 9   
ALA HB1  H  N N 10  
ALA HB2  H  N N 11  
ALA HB3  H  N N 12  
ALA HXT  H  N N 13  
ARG N    N  N N 14  
ARG CA   C  N S 15  
ARG C    C  N N 16  
ARG O    O  N N 17  
ARG CB   C  N N 18  
ARG CG   C  N N 19  
ARG CD   C  N N 20  
ARG NE   N  N N 21  
ARG CZ   C  N N 22  
ARG NH1  N  N N 23  
ARG NH2  N  N N 24  
ARG OXT  O  N N 25  
ARG H    H  N N 26  
ARG H2   H  N N 27  
ARG HA   H  N N 28  
ARG HB2  H  N N 29  
ARG HB3  H  N N 30  
ARG HG2  H  N N 31  
ARG HG3  H  N N 32  
ARG HD2  H  N N 33  
ARG HD3  H  N N 34  
ARG HE   H  N N 35  
ARG HH11 H  N N 36  
ARG HH12 H  N N 37  
ARG HH21 H  N N 38  
ARG HH22 H  N N 39  
ARG HXT  H  N N 40  
ASN N    N  N N 41  
ASN CA   C  N S 42  
ASN C    C  N N 43  
ASN O    O  N N 44  
ASN CB   C  N N 45  
ASN CG   C  N N 46  
ASN OD1  O  N N 47  
ASN ND2  N  N N 48  
ASN OXT  O  N N 49  
ASN H    H  N N 50  
ASN H2   H  N N 51  
ASN HA   H  N N 52  
ASN HB2  H  N N 53  
ASN HB3  H  N N 54  
ASN HD21 H  N N 55  
ASN HD22 H  N N 56  
ASN HXT  H  N N 57  
ASP N    N  N N 58  
ASP CA   C  N S 59  
ASP C    C  N N 60  
ASP O    O  N N 61  
ASP CB   C  N N 62  
ASP CG   C  N N 63  
ASP OD1  O  N N 64  
ASP OD2  O  N N 65  
ASP OXT  O  N N 66  
ASP H    H  N N 67  
ASP H2   H  N N 68  
ASP HA   H  N N 69  
ASP HB2  H  N N 70  
ASP HB3  H  N N 71  
ASP HD2  H  N N 72  
ASP HXT  H  N N 73  
CYS N    N  N N 74  
CYS CA   C  N R 75  
CYS C    C  N N 76  
CYS O    O  N N 77  
CYS CB   C  N N 78  
CYS SG   S  N N 79  
CYS OXT  O  N N 80  
CYS H    H  N N 81  
CYS H2   H  N N 82  
CYS HA   H  N N 83  
CYS HB2  H  N N 84  
CYS HB3  H  N N 85  
CYS HG   H  N N 86  
CYS HXT  H  N N 87  
GLN N    N  N N 88  
GLN CA   C  N S 89  
GLN C    C  N N 90  
GLN O    O  N N 91  
GLN CB   C  N N 92  
GLN CG   C  N N 93  
GLN CD   C  N N 94  
GLN OE1  O  N N 95  
GLN NE2  N  N N 96  
GLN OXT  O  N N 97  
GLN H    H  N N 98  
GLN H2   H  N N 99  
GLN HA   H  N N 100 
GLN HB2  H  N N 101 
GLN HB3  H  N N 102 
GLN HG2  H  N N 103 
GLN HG3  H  N N 104 
GLN HE21 H  N N 105 
GLN HE22 H  N N 106 
GLN HXT  H  N N 107 
GLU N    N  N N 108 
GLU CA   C  N S 109 
GLU C    C  N N 110 
GLU O    O  N N 111 
GLU CB   C  N N 112 
GLU CG   C  N N 113 
GLU CD   C  N N 114 
GLU OE1  O  N N 115 
GLU OE2  O  N N 116 
GLU OXT  O  N N 117 
GLU H    H  N N 118 
GLU H2   H  N N 119 
GLU HA   H  N N 120 
GLU HB2  H  N N 121 
GLU HB3  H  N N 122 
GLU HG2  H  N N 123 
GLU HG3  H  N N 124 
GLU HE2  H  N N 125 
GLU HXT  H  N N 126 
GLY N    N  N N 127 
GLY CA   C  N N 128 
GLY C    C  N N 129 
GLY O    O  N N 130 
GLY OXT  O  N N 131 
GLY H    H  N N 132 
GLY H2   H  N N 133 
GLY HA2  H  N N 134 
GLY HA3  H  N N 135 
GLY HXT  H  N N 136 
HIS N    N  N N 137 
HIS CA   C  N S 138 
HIS C    C  N N 139 
HIS O    O  N N 140 
HIS CB   C  N N 141 
HIS CG   C  Y N 142 
HIS ND1  N  Y N 143 
HIS CD2  C  Y N 144 
HIS CE1  C  Y N 145 
HIS NE2  N  Y N 146 
HIS OXT  O  N N 147 
HIS H    H  N N 148 
HIS H2   H  N N 149 
HIS HA   H  N N 150 
HIS HB2  H  N N 151 
HIS HB3  H  N N 152 
HIS HD1  H  N N 153 
HIS HD2  H  N N 154 
HIS HE1  H  N N 155 
HIS HE2  H  N N 156 
HIS HXT  H  N N 157 
HOH O    O  N N 158 
HOH H1   H  N N 159 
HOH H2   H  N N 160 
ILE N    N  N N 161 
ILE CA   C  N S 162 
ILE C    C  N N 163 
ILE O    O  N N 164 
ILE CB   C  N S 165 
ILE CG1  C  N N 166 
ILE CG2  C  N N 167 
ILE CD1  C  N N 168 
ILE OXT  O  N N 169 
ILE H    H  N N 170 
ILE H2   H  N N 171 
ILE HA   H  N N 172 
ILE HB   H  N N 173 
ILE HG12 H  N N 174 
ILE HG13 H  N N 175 
ILE HG21 H  N N 176 
ILE HG22 H  N N 177 
ILE HG23 H  N N 178 
ILE HD11 H  N N 179 
ILE HD12 H  N N 180 
ILE HD13 H  N N 181 
ILE HXT  H  N N 182 
LEU N    N  N N 183 
LEU CA   C  N S 184 
LEU C    C  N N 185 
LEU O    O  N N 186 
LEU CB   C  N N 187 
LEU CG   C  N N 188 
LEU CD1  C  N N 189 
LEU CD2  C  N N 190 
LEU OXT  O  N N 191 
LEU H    H  N N 192 
LEU H2   H  N N 193 
LEU HA   H  N N 194 
LEU HB2  H  N N 195 
LEU HB3  H  N N 196 
LEU HG   H  N N 197 
LEU HD11 H  N N 198 
LEU HD12 H  N N 199 
LEU HD13 H  N N 200 
LEU HD21 H  N N 201 
LEU HD22 H  N N 202 
LEU HD23 H  N N 203 
LEU HXT  H  N N 204 
LYS N    N  N N 205 
LYS CA   C  N S 206 
LYS C    C  N N 207 
LYS O    O  N N 208 
LYS CB   C  N N 209 
LYS CG   C  N N 210 
LYS CD   C  N N 211 
LYS CE   C  N N 212 
LYS NZ   N  N N 213 
LYS OXT  O  N N 214 
LYS H    H  N N 215 
LYS H2   H  N N 216 
LYS HA   H  N N 217 
LYS HB2  H  N N 218 
LYS HB3  H  N N 219 
LYS HG2  H  N N 220 
LYS HG3  H  N N 221 
LYS HD2  H  N N 222 
LYS HD3  H  N N 223 
LYS HE2  H  N N 224 
LYS HE3  H  N N 225 
LYS HZ1  H  N N 226 
LYS HZ2  H  N N 227 
LYS HZ3  H  N N 228 
LYS HXT  H  N N 229 
MET N    N  N N 230 
MET CA   C  N S 231 
MET C    C  N N 232 
MET O    O  N N 233 
MET CB   C  N N 234 
MET CG   C  N N 235 
MET SD   S  N N 236 
MET CE   C  N N 237 
MET OXT  O  N N 238 
MET H    H  N N 239 
MET H2   H  N N 240 
MET HA   H  N N 241 
MET HB2  H  N N 242 
MET HB3  H  N N 243 
MET HG2  H  N N 244 
MET HG3  H  N N 245 
MET HE1  H  N N 246 
MET HE2  H  N N 247 
MET HE3  H  N N 248 
MET HXT  H  N N 249 
MSE N    N  N N 250 
MSE CA   C  N S 251 
MSE C    C  N N 252 
MSE O    O  N N 253 
MSE OXT  O  N N 254 
MSE CB   C  N N 255 
MSE CG   C  N N 256 
MSE SE   SE N N 257 
MSE CE   C  N N 258 
MSE H    H  N N 259 
MSE H2   H  N N 260 
MSE HA   H  N N 261 
MSE HXT  H  N N 262 
MSE HB2  H  N N 263 
MSE HB3  H  N N 264 
MSE HG2  H  N N 265 
MSE HG3  H  N N 266 
MSE HE1  H  N N 267 
MSE HE2  H  N N 268 
MSE HE3  H  N N 269 
PHE N    N  N N 270 
PHE CA   C  N S 271 
PHE C    C  N N 272 
PHE O    O  N N 273 
PHE CB   C  N N 274 
PHE CG   C  Y N 275 
PHE CD1  C  Y N 276 
PHE CD2  C  Y N 277 
PHE CE1  C  Y N 278 
PHE CE2  C  Y N 279 
PHE CZ   C  Y N 280 
PHE OXT  O  N N 281 
PHE H    H  N N 282 
PHE H2   H  N N 283 
PHE HA   H  N N 284 
PHE HB2  H  N N 285 
PHE HB3  H  N N 286 
PHE HD1  H  N N 287 
PHE HD2  H  N N 288 
PHE HE1  H  N N 289 
PHE HE2  H  N N 290 
PHE HZ   H  N N 291 
PHE HXT  H  N N 292 
PRO N    N  N N 293 
PRO CA   C  N S 294 
PRO C    C  N N 295 
PRO O    O  N N 296 
PRO CB   C  N N 297 
PRO CG   C  N N 298 
PRO CD   C  N N 299 
PRO OXT  O  N N 300 
PRO H    H  N N 301 
PRO HA   H  N N 302 
PRO HB2  H  N N 303 
PRO HB3  H  N N 304 
PRO HG2  H  N N 305 
PRO HG3  H  N N 306 
PRO HD2  H  N N 307 
PRO HD3  H  N N 308 
PRO HXT  H  N N 309 
SER N    N  N N 310 
SER CA   C  N S 311 
SER C    C  N N 312 
SER O    O  N N 313 
SER CB   C  N N 314 
SER OG   O  N N 315 
SER OXT  O  N N 316 
SER H    H  N N 317 
SER H2   H  N N 318 
SER HA   H  N N 319 
SER HB2  H  N N 320 
SER HB3  H  N N 321 
SER HG   H  N N 322 
SER HXT  H  N N 323 
SO4 S    S  N N 324 
SO4 O1   O  N N 325 
SO4 O2   O  N N 326 
SO4 O3   O  N N 327 
SO4 O4   O  N N 328 
THR N    N  N N 329 
THR CA   C  N S 330 
THR C    C  N N 331 
THR O    O  N N 332 
THR CB   C  N R 333 
THR OG1  O  N N 334 
THR CG2  C  N N 335 
THR OXT  O  N N 336 
THR H    H  N N 337 
THR H2   H  N N 338 
THR HA   H  N N 339 
THR HB   H  N N 340 
THR HG1  H  N N 341 
THR HG21 H  N N 342 
THR HG22 H  N N 343 
THR HG23 H  N N 344 
THR HXT  H  N N 345 
TRP N    N  N N 346 
TRP CA   C  N S 347 
TRP C    C  N N 348 
TRP O    O  N N 349 
TRP CB   C  N N 350 
TRP CG   C  Y N 351 
TRP CD1  C  Y N 352 
TRP CD2  C  Y N 353 
TRP NE1  N  Y N 354 
TRP CE2  C  Y N 355 
TRP CE3  C  Y N 356 
TRP CZ2  C  Y N 357 
TRP CZ3  C  Y N 358 
TRP CH2  C  Y N 359 
TRP OXT  O  N N 360 
TRP H    H  N N 361 
TRP H2   H  N N 362 
TRP HA   H  N N 363 
TRP HB2  H  N N 364 
TRP HB3  H  N N 365 
TRP HD1  H  N N 366 
TRP HE1  H  N N 367 
TRP HE3  H  N N 368 
TRP HZ2  H  N N 369 
TRP HZ3  H  N N 370 
TRP HH2  H  N N 371 
TRP HXT  H  N N 372 
TYR N    N  N N 373 
TYR CA   C  N S 374 
TYR C    C  N N 375 
TYR O    O  N N 376 
TYR CB   C  N N 377 
TYR CG   C  Y N 378 
TYR CD1  C  Y N 379 
TYR CD2  C  Y N 380 
TYR CE1  C  Y N 381 
TYR CE2  C  Y N 382 
TYR CZ   C  Y N 383 
TYR OH   O  N N 384 
TYR OXT  O  N N 385 
TYR H    H  N N 386 
TYR H2   H  N N 387 
TYR HA   H  N N 388 
TYR HB2  H  N N 389 
TYR HB3  H  N N 390 
TYR HD1  H  N N 391 
TYR HD2  H  N N 392 
TYR HE1  H  N N 393 
TYR HE2  H  N N 394 
TYR HH   H  N N 395 
TYR HXT  H  N N 396 
VAL N    N  N N 397 
VAL CA   C  N S 398 
VAL C    C  N N 399 
VAL O    O  N N 400 
VAL CB   C  N N 401 
VAL CG1  C  N N 402 
VAL CG2  C  N N 403 
VAL OXT  O  N N 404 
VAL H    H  N N 405 
VAL H2   H  N N 406 
VAL HA   H  N N 407 
VAL HB   H  N N 408 
VAL HG11 H  N N 409 
VAL HG12 H  N N 410 
VAL HG13 H  N N 411 
VAL HG21 H  N N 412 
VAL HG22 H  N N 413 
VAL HG23 H  N N 414 
VAL HXT  H  N N 415 
# 
loop_
_chem_comp_bond.comp_id 
_chem_comp_bond.atom_id_1 
_chem_comp_bond.atom_id_2 
_chem_comp_bond.value_order 
_chem_comp_bond.pdbx_aromatic_flag 
_chem_comp_bond.pdbx_stereo_config 
_chem_comp_bond.pdbx_ordinal 
ALA N   CA   sing N N 1   
ALA N   H    sing N N 2   
ALA N   H2   sing N N 3   
ALA CA  C    sing N N 4   
ALA CA  CB   sing N N 5   
ALA CA  HA   sing N N 6   
ALA C   O    doub N N 7   
ALA C   OXT  sing N N 8   
ALA CB  HB1  sing N N 9   
ALA CB  HB2  sing N N 10  
ALA CB  HB3  sing N N 11  
ALA OXT HXT  sing N N 12  
ARG N   CA   sing N N 13  
ARG N   H    sing N N 14  
ARG N   H2   sing N N 15  
ARG CA  C    sing N N 16  
ARG CA  CB   sing N N 17  
ARG CA  HA   sing N N 18  
ARG C   O    doub N N 19  
ARG C   OXT  sing N N 20  
ARG CB  CG   sing N N 21  
ARG CB  HB2  sing N N 22  
ARG CB  HB3  sing N N 23  
ARG CG  CD   sing N N 24  
ARG CG  HG2  sing N N 25  
ARG CG  HG3  sing N N 26  
ARG CD  NE   sing N N 27  
ARG CD  HD2  sing N N 28  
ARG CD  HD3  sing N N 29  
ARG NE  CZ   sing N N 30  
ARG NE  HE   sing N N 31  
ARG CZ  NH1  sing N N 32  
ARG CZ  NH2  doub N N 33  
ARG NH1 HH11 sing N N 34  
ARG NH1 HH12 sing N N 35  
ARG NH2 HH21 sing N N 36  
ARG NH2 HH22 sing N N 37  
ARG OXT HXT  sing N N 38  
ASN N   CA   sing N N 39  
ASN N   H    sing N N 40  
ASN N   H2   sing N N 41  
ASN CA  C    sing N N 42  
ASN CA  CB   sing N N 43  
ASN CA  HA   sing N N 44  
ASN C   O    doub N N 45  
ASN C   OXT  sing N N 46  
ASN CB  CG   sing N N 47  
ASN CB  HB2  sing N N 48  
ASN CB  HB3  sing N N 49  
ASN CG  OD1  doub N N 50  
ASN CG  ND2  sing N N 51  
ASN ND2 HD21 sing N N 52  
ASN ND2 HD22 sing N N 53  
ASN OXT HXT  sing N N 54  
ASP N   CA   sing N N 55  
ASP N   H    sing N N 56  
ASP N   H2   sing N N 57  
ASP CA  C    sing N N 58  
ASP CA  CB   sing N N 59  
ASP CA  HA   sing N N 60  
ASP C   O    doub N N 61  
ASP C   OXT  sing N N 62  
ASP CB  CG   sing N N 63  
ASP CB  HB2  sing N N 64  
ASP CB  HB3  sing N N 65  
ASP CG  OD1  doub N N 66  
ASP CG  OD2  sing N N 67  
ASP OD2 HD2  sing N N 68  
ASP OXT HXT  sing N N 69  
CYS N   CA   sing N N 70  
CYS N   H    sing N N 71  
CYS N   H2   sing N N 72  
CYS CA  C    sing N N 73  
CYS CA  CB   sing N N 74  
CYS CA  HA   sing N N 75  
CYS C   O    doub N N 76  
CYS C   OXT  sing N N 77  
CYS CB  SG   sing N N 78  
CYS CB  HB2  sing N N 79  
CYS CB  HB3  sing N N 80  
CYS SG  HG   sing N N 81  
CYS OXT HXT  sing N N 82  
GLN N   CA   sing N N 83  
GLN N   H    sing N N 84  
GLN N   H2   sing N N 85  
GLN CA  C    sing N N 86  
GLN CA  CB   sing N N 87  
GLN CA  HA   sing N N 88  
GLN C   O    doub N N 89  
GLN C   OXT  sing N N 90  
GLN CB  CG   sing N N 91  
GLN CB  HB2  sing N N 92  
GLN CB  HB3  sing N N 93  
GLN CG  CD   sing N N 94  
GLN CG  HG2  sing N N 95  
GLN CG  HG3  sing N N 96  
GLN CD  OE1  doub N N 97  
GLN CD  NE2  sing N N 98  
GLN NE2 HE21 sing N N 99  
GLN NE2 HE22 sing N N 100 
GLN OXT HXT  sing N N 101 
GLU N   CA   sing N N 102 
GLU N   H    sing N N 103 
GLU N   H2   sing N N 104 
GLU CA  C    sing N N 105 
GLU CA  CB   sing N N 106 
GLU CA  HA   sing N N 107 
GLU C   O    doub N N 108 
GLU C   OXT  sing N N 109 
GLU CB  CG   sing N N 110 
GLU CB  HB2  sing N N 111 
GLU CB  HB3  sing N N 112 
GLU CG  CD   sing N N 113 
GLU CG  HG2  sing N N 114 
GLU CG  HG3  sing N N 115 
GLU CD  OE1  doub N N 116 
GLU CD  OE2  sing N N 117 
GLU OE2 HE2  sing N N 118 
GLU OXT HXT  sing N N 119 
GLY N   CA   sing N N 120 
GLY N   H    sing N N 121 
GLY N   H2   sing N N 122 
GLY CA  C    sing N N 123 
GLY CA  HA2  sing N N 124 
GLY CA  HA3  sing N N 125 
GLY C   O    doub N N 126 
GLY C   OXT  sing N N 127 
GLY OXT HXT  sing N N 128 
HIS N   CA   sing N N 129 
HIS N   H    sing N N 130 
HIS N   H2   sing N N 131 
HIS CA  C    sing N N 132 
HIS CA  CB   sing N N 133 
HIS CA  HA   sing N N 134 
HIS C   O    doub N N 135 
HIS C   OXT  sing N N 136 
HIS CB  CG   sing N N 137 
HIS CB  HB2  sing N N 138 
HIS CB  HB3  sing N N 139 
HIS CG  ND1  sing Y N 140 
HIS CG  CD2  doub Y N 141 
HIS ND1 CE1  doub Y N 142 
HIS ND1 HD1  sing N N 143 
HIS CD2 NE2  sing Y N 144 
HIS CD2 HD2  sing N N 145 
HIS CE1 NE2  sing Y N 146 
HIS CE1 HE1  sing N N 147 
HIS NE2 HE2  sing N N 148 
HIS OXT HXT  sing N N 149 
HOH O   H1   sing N N 150 
HOH O   H2   sing N N 151 
ILE N   CA   sing N N 152 
ILE N   H    sing N N 153 
ILE N   H2   sing N N 154 
ILE CA  C    sing N N 155 
ILE CA  CB   sing N N 156 
ILE CA  HA   sing N N 157 
ILE C   O    doub N N 158 
ILE C   OXT  sing N N 159 
ILE CB  CG1  sing N N 160 
ILE CB  CG2  sing N N 161 
ILE CB  HB   sing N N 162 
ILE CG1 CD1  sing N N 163 
ILE CG1 HG12 sing N N 164 
ILE CG1 HG13 sing N N 165 
ILE CG2 HG21 sing N N 166 
ILE CG2 HG22 sing N N 167 
ILE CG2 HG23 sing N N 168 
ILE CD1 HD11 sing N N 169 
ILE CD1 HD12 sing N N 170 
ILE CD1 HD13 sing N N 171 
ILE OXT HXT  sing N N 172 
LEU N   CA   sing N N 173 
LEU N   H    sing N N 174 
LEU N   H2   sing N N 175 
LEU CA  C    sing N N 176 
LEU CA  CB   sing N N 177 
LEU CA  HA   sing N N 178 
LEU C   O    doub N N 179 
LEU C   OXT  sing N N 180 
LEU CB  CG   sing N N 181 
LEU CB  HB2  sing N N 182 
LEU CB  HB3  sing N N 183 
LEU CG  CD1  sing N N 184 
LEU CG  CD2  sing N N 185 
LEU CG  HG   sing N N 186 
LEU CD1 HD11 sing N N 187 
LEU CD1 HD12 sing N N 188 
LEU CD1 HD13 sing N N 189 
LEU CD2 HD21 sing N N 190 
LEU CD2 HD22 sing N N 191 
LEU CD2 HD23 sing N N 192 
LEU OXT HXT  sing N N 193 
LYS N   CA   sing N N 194 
LYS N   H    sing N N 195 
LYS N   H2   sing N N 196 
LYS CA  C    sing N N 197 
LYS CA  CB   sing N N 198 
LYS CA  HA   sing N N 199 
LYS C   O    doub N N 200 
LYS C   OXT  sing N N 201 
LYS CB  CG   sing N N 202 
LYS CB  HB2  sing N N 203 
LYS CB  HB3  sing N N 204 
LYS CG  CD   sing N N 205 
LYS CG  HG2  sing N N 206 
LYS CG  HG3  sing N N 207 
LYS CD  CE   sing N N 208 
LYS CD  HD2  sing N N 209 
LYS CD  HD3  sing N N 210 
LYS CE  NZ   sing N N 211 
LYS CE  HE2  sing N N 212 
LYS CE  HE3  sing N N 213 
LYS NZ  HZ1  sing N N 214 
LYS NZ  HZ2  sing N N 215 
LYS NZ  HZ3  sing N N 216 
LYS OXT HXT  sing N N 217 
MET N   CA   sing N N 218 
MET N   H    sing N N 219 
MET N   H2   sing N N 220 
MET CA  C    sing N N 221 
MET CA  CB   sing N N 222 
MET CA  HA   sing N N 223 
MET C   O    doub N N 224 
MET C   OXT  sing N N 225 
MET CB  CG   sing N N 226 
MET CB  HB2  sing N N 227 
MET CB  HB3  sing N N 228 
MET CG  SD   sing N N 229 
MET CG  HG2  sing N N 230 
MET CG  HG3  sing N N 231 
MET SD  CE   sing N N 232 
MET CE  HE1  sing N N 233 
MET CE  HE2  sing N N 234 
MET CE  HE3  sing N N 235 
MET OXT HXT  sing N N 236 
MSE N   CA   sing N N 237 
MSE N   H    sing N N 238 
MSE N   H2   sing N N 239 
MSE CA  C    sing N N 240 
MSE CA  CB   sing N N 241 
MSE CA  HA   sing N N 242 
MSE C   O    doub N N 243 
MSE C   OXT  sing N N 244 
MSE OXT HXT  sing N N 245 
MSE CB  CG   sing N N 246 
MSE CB  HB2  sing N N 247 
MSE CB  HB3  sing N N 248 
MSE CG  SE   sing N N 249 
MSE CG  HG2  sing N N 250 
MSE CG  HG3  sing N N 251 
MSE SE  CE   sing N N 252 
MSE CE  HE1  sing N N 253 
MSE CE  HE2  sing N N 254 
MSE CE  HE3  sing N N 255 
PHE N   CA   sing N N 256 
PHE N   H    sing N N 257 
PHE N   H2   sing N N 258 
PHE CA  C    sing N N 259 
PHE CA  CB   sing N N 260 
PHE CA  HA   sing N N 261 
PHE C   O    doub N N 262 
PHE C   OXT  sing N N 263 
PHE CB  CG   sing N N 264 
PHE CB  HB2  sing N N 265 
PHE CB  HB3  sing N N 266 
PHE CG  CD1  doub Y N 267 
PHE CG  CD2  sing Y N 268 
PHE CD1 CE1  sing Y N 269 
PHE CD1 HD1  sing N N 270 
PHE CD2 CE2  doub Y N 271 
PHE CD2 HD2  sing N N 272 
PHE CE1 CZ   doub Y N 273 
PHE CE1 HE1  sing N N 274 
PHE CE2 CZ   sing Y N 275 
PHE CE2 HE2  sing N N 276 
PHE CZ  HZ   sing N N 277 
PHE OXT HXT  sing N N 278 
PRO N   CA   sing N N 279 
PRO N   CD   sing N N 280 
PRO N   H    sing N N 281 
PRO CA  C    sing N N 282 
PRO CA  CB   sing N N 283 
PRO CA  HA   sing N N 284 
PRO C   O    doub N N 285 
PRO C   OXT  sing N N 286 
PRO CB  CG   sing N N 287 
PRO CB  HB2  sing N N 288 
PRO CB  HB3  sing N N 289 
PRO CG  CD   sing N N 290 
PRO CG  HG2  sing N N 291 
PRO CG  HG3  sing N N 292 
PRO CD  HD2  sing N N 293 
PRO CD  HD3  sing N N 294 
PRO OXT HXT  sing N N 295 
SER N   CA   sing N N 296 
SER N   H    sing N N 297 
SER N   H2   sing N N 298 
SER CA  C    sing N N 299 
SER CA  CB   sing N N 300 
SER CA  HA   sing N N 301 
SER C   O    doub N N 302 
SER C   OXT  sing N N 303 
SER CB  OG   sing N N 304 
SER CB  HB2  sing N N 305 
SER CB  HB3  sing N N 306 
SER OG  HG   sing N N 307 
SER OXT HXT  sing N N 308 
SO4 S   O1   doub N N 309 
SO4 S   O2   doub N N 310 
SO4 S   O3   sing N N 311 
SO4 S   O4   sing N N 312 
THR N   CA   sing N N 313 
THR N   H    sing N N 314 
THR N   H2   sing N N 315 
THR CA  C    sing N N 316 
THR CA  CB   sing N N 317 
THR CA  HA   sing N N 318 
THR C   O    doub N N 319 
THR C   OXT  sing N N 320 
THR CB  OG1  sing N N 321 
THR CB  CG2  sing N N 322 
THR CB  HB   sing N N 323 
THR OG1 HG1  sing N N 324 
THR CG2 HG21 sing N N 325 
THR CG2 HG22 sing N N 326 
THR CG2 HG23 sing N N 327 
THR OXT HXT  sing N N 328 
TRP N   CA   sing N N 329 
TRP N   H    sing N N 330 
TRP N   H2   sing N N 331 
TRP CA  C    sing N N 332 
TRP CA  CB   sing N N 333 
TRP CA  HA   sing N N 334 
TRP C   O    doub N N 335 
TRP C   OXT  sing N N 336 
TRP CB  CG   sing N N 337 
TRP CB  HB2  sing N N 338 
TRP CB  HB3  sing N N 339 
TRP CG  CD1  doub Y N 340 
TRP CG  CD2  sing Y N 341 
TRP CD1 NE1  sing Y N 342 
TRP CD1 HD1  sing N N 343 
TRP CD2 CE2  doub Y N 344 
TRP CD2 CE3  sing Y N 345 
TRP NE1 CE2  sing Y N 346 
TRP NE1 HE1  sing N N 347 
TRP CE2 CZ2  sing Y N 348 
TRP CE3 CZ3  doub Y N 349 
TRP CE3 HE3  sing N N 350 
TRP CZ2 CH2  doub Y N 351 
TRP CZ2 HZ2  sing N N 352 
TRP CZ3 CH2  sing Y N 353 
TRP CZ3 HZ3  sing N N 354 
TRP CH2 HH2  sing N N 355 
TRP OXT HXT  sing N N 356 
TYR N   CA   sing N N 357 
TYR N   H    sing N N 358 
TYR N   H2   sing N N 359 
TYR CA  C    sing N N 360 
TYR CA  CB   sing N N 361 
TYR CA  HA   sing N N 362 
TYR C   O    doub N N 363 
TYR C   OXT  sing N N 364 
TYR CB  CG   sing N N 365 
TYR CB  HB2  sing N N 366 
TYR CB  HB3  sing N N 367 
TYR CG  CD1  doub Y N 368 
TYR CG  CD2  sing Y N 369 
TYR CD1 CE1  sing Y N 370 
TYR CD1 HD1  sing N N 371 
TYR CD2 CE2  doub Y N 372 
TYR CD2 HD2  sing N N 373 
TYR CE1 CZ   doub Y N 374 
TYR CE1 HE1  sing N N 375 
TYR CE2 CZ   sing Y N 376 
TYR CE2 HE2  sing N N 377 
TYR CZ  OH   sing N N 378 
TYR OH  HH   sing N N 379 
TYR OXT HXT  sing N N 380 
VAL N   CA   sing N N 381 
VAL N   H    sing N N 382 
VAL N   H2   sing N N 383 
VAL CA  C    sing N N 384 
VAL CA  CB   sing N N 385 
VAL CA  HA   sing N N 386 
VAL C   O    doub N N 387 
VAL C   OXT  sing N N 388 
VAL CB  CG1  sing N N 389 
VAL CB  CG2  sing N N 390 
VAL CB  HB   sing N N 391 
VAL CG1 HG11 sing N N 392 
VAL CG1 HG12 sing N N 393 
VAL CG1 HG13 sing N N 394 
VAL CG2 HG21 sing N N 395 
VAL CG2 HG22 sing N N 396 
VAL CG2 HG23 sing N N 397 
VAL OXT HXT  sing N N 398 
# 
_atom_sites.entry_id                    1QHN 
_atom_sites.fract_transf_matrix[1][1]   0.00468265 
_atom_sites.fract_transf_matrix[1][2]   -0.00057604 
_atom_sites.fract_transf_matrix[1][3]   -0.00165558 
_atom_sites.fract_transf_matrix[2][1]   -0.00094303 
_atom_sites.fract_transf_matrix[2][2]   -0.00480857 
_atom_sites.fract_transf_matrix[2][3]   -0.00099418 
_atom_sites.fract_transf_matrix[3][1]   -0.00147766 
_atom_sites.fract_transf_matrix[3][2]   0.00124333 
_atom_sites.fract_transf_matrix[3][3]   -0.00461201 
_atom_sites.fract_transf_vector[1]      0.062637 
_atom_sites.fract_transf_vector[2]      0.224906 
_atom_sites.fract_transf_vector[3]      0.201314 
# 
loop_
_atom_type.symbol 
C  
N  
O  
S  
SE 
# 
loop_
_atom_site.group_PDB 
_atom_site.id 
_atom_site.type_symbol 
_atom_site.label_atom_id 
_atom_site.label_alt_id 
_atom_site.label_comp_id 
_atom_site.label_asym_id 
_atom_site.label_entity_id 
_atom_site.label_seq_id 
_atom_site.pdbx_PDB_ins_code 
_atom_site.Cartn_x 
_atom_site.Cartn_y 
_atom_site.Cartn_z 
_atom_site.occupancy 
_atom_site.B_iso_or_equiv 
_atom_site.pdbx_formal_charge 
_atom_site.auth_seq_id 
_atom_site.auth_comp_id 
_atom_site.auth_asym_id 
_atom_site.auth_atom_id 
_atom_site.pdbx_PDB_model_num 
HETATM 1    N  N   . MSE A 1 1   ? -7.213  17.507  -12.221 1.00 50.39  ? 1   MSE A N   1 
HETATM 2    C  CA  . MSE A 1 1   ? -7.134  18.672  -11.300 1.00 50.39  ? 1   MSE A CA  1 
HETATM 3    C  C   . MSE A 1 1   ? -7.162  18.188  -9.850  1.00 50.39  ? 1   MSE A C   1 
HETATM 4    O  O   . MSE A 1 1   ? -6.121  18.068  -9.201  1.00 50.39  ? 1   MSE A O   1 
HETATM 5    C  CB  . MSE A 1 1   ? -8.297  19.655  -11.577 1.00 100.47 ? 1   MSE A CB  1 
HETATM 6    C  CG  . MSE A 1 1   ? -9.726  19.255  -11.104 1.00 100.47 ? 1   MSE A CG  1 
HETATM 7    SE SE  . MSE A 1 1   ? -10.825 18.191  -12.156 1.00 100.47 ? 1   MSE A SE  1 
HETATM 8    C  CE  . MSE A 1 1   ? -11.845 19.469  -13.021 1.00 100.47 ? 1   MSE A CE  1 
ATOM   9    N  N   . THR A 1 2   ? -8.365  17.899  -9.364  1.00 28.18  ? 2   THR A N   1 
ATOM   10   C  CA  . THR A 1 2   ? -8.588  17.415  -8.012  1.00 28.18  ? 2   THR A CA  1 
ATOM   11   C  C   . THR A 1 2   ? -8.039  16.005  -7.864  1.00 28.18  ? 2   THR A C   1 
ATOM   12   O  O   . THR A 1 2   ? -8.231  15.163  -8.737  1.00 28.18  ? 2   THR A O   1 
ATOM   13   C  CB  . THR A 1 2   ? -10.091 17.384  -7.699  1.00 27.56  ? 2   THR A CB  1 
ATOM   14   O  OG1 . THR A 1 2   ? -10.617 18.712  -7.787  1.00 27.56  ? 2   THR A OG1 1 
ATOM   15   C  CG2 . THR A 1 2   ? -10.343 16.831  -6.300  1.00 27.56  ? 2   THR A CG2 1 
ATOM   16   N  N   . THR A 1 3   ? -7.356  15.745  -6.757  1.00 28.13  ? 3   THR A N   1 
ATOM   17   C  CA  . THR A 1 3   ? -6.799  14.418  -6.518  1.00 28.13  ? 3   THR A CA  1 
ATOM   18   C  C   . THR A 1 3   ? -7.958  13.503  -6.123  1.00 28.13  ? 3   THR A C   1 
ATOM   19   O  O   . THR A 1 3   ? -8.707  13.813  -5.198  1.00 28.13  ? 3   THR A O   1 
ATOM   20   C  CB  . THR A 1 3   ? -5.754  14.460  -5.391  1.00 31.14  ? 3   THR A CB  1 
ATOM   21   O  OG1 . THR A 1 3   ? -4.761  15.448  -5.701  1.00 31.14  ? 3   THR A OG1 1 
ATOM   22   C  CG2 . THR A 1 3   ? -5.087  13.108  -5.244  1.00 31.14  ? 3   THR A CG2 1 
ATOM   23   N  N   . ARG A 1 4   ? -8.117  12.386  -6.822  1.00 27.44  ? 4   ARG A N   1 
ATOM   24   C  CA  . ARG A 1 4   ? -9.224  11.485  -6.519  1.00 27.44  ? 4   ARG A CA  1 
ATOM   25   C  C   . ARG A 1 4   ? -8.808  10.283  -5.685  1.00 27.44  ? 4   ARG A C   1 
ATOM   26   O  O   . ARG A 1 4   ? -9.584  9.787   -4.865  1.00 27.44  ? 4   ARG A O   1 
ATOM   27   C  CB  . ARG A 1 4   ? -9.873  10.999  -7.818  1.00 62.61  ? 4   ARG A CB  1 
ATOM   28   C  CG  . ARG A 1 4   ? -10.377 12.107  -8.727  1.00 62.61  ? 4   ARG A CG  1 
ATOM   29   C  CD  . ARG A 1 4   ? -11.582 12.838  -8.147  1.00 62.61  ? 4   ARG A CD  1 
ATOM   30   N  NE  . ARG A 1 4   ? -11.944 13.987  -8.979  1.00 62.61  ? 4   ARG A NE  1 
ATOM   31   C  CZ  . ARG A 1 4   ? -12.962 14.813  -8.735  1.00 62.61  ? 4   ARG A CZ  1 
ATOM   32   N  NH1 . ARG A 1 4   ? -13.205 15.834  -9.556  1.00 62.61  ? 4   ARG A NH1 1 
ATOM   33   N  NH2 . ARG A 1 4   ? -13.741 14.621  -7.675  1.00 62.61  ? 4   ARG A NH2 1 
HETATM 34   N  N   . MSE A 1 5   ? -7.576  9.831   -5.893  1.00 33.81  ? 5   MSE A N   1 
HETATM 35   C  CA  . MSE A 1 5   ? -7.056  8.664   -5.199  1.00 33.81  ? 5   MSE A CA  1 
HETATM 36   C  C   . MSE A 1 5   ? -5.578  8.821   -4.840  1.00 33.81  ? 5   MSE A C   1 
HETATM 37   O  O   . MSE A 1 5   ? -4.782  9.313   -5.642  1.00 33.81  ? 5   MSE A O   1 
HETATM 38   C  CB  . MSE A 1 5   ? -7.252  7.444   -6.100  1.00 69.25  ? 5   MSE A CB  1 
HETATM 39   C  CG  . MSE A 1 5   ? -6.791  6.117   -5.535  1.00 69.25  ? 5   MSE A CG  1 
HETATM 40   SE SE  . MSE A 1 5   ? -7.136  4.738   -6.706  1.00 69.25  ? 5   MSE A SE  1 
HETATM 41   C  CE  . MSE A 1 5   ? -8.835  4.297   -6.236  1.00 69.25  ? 5   MSE A CE  1 
ATOM   42   N  N   . ILE A 1 6   ? -5.226  8.422   -3.621  1.00 21.00  ? 6   ILE A N   1 
ATOM   43   C  CA  . ILE A 1 6   ? -3.841  8.470   -3.155  1.00 21.00  ? 6   ILE A CA  1 
ATOM   44   C  C   . ILE A 1 6   ? -3.381  7.024   -3.005  1.00 21.00  ? 6   ILE A C   1 
ATOM   45   O  O   . ILE A 1 6   ? -4.011  6.252   -2.289  1.00 21.00  ? 6   ILE A O   1 
ATOM   46   C  CB  . ILE A 1 6   ? -3.711  9.139   -1.770  1.00 19.32  ? 6   ILE A CB  1 
ATOM   47   C  CG1 . ILE A 1 6   ? -4.277  10.557  -1.816  1.00 19.32  ? 6   ILE A CG1 1 
ATOM   48   C  CG2 . ILE A 1 6   ? -2.243  9.154   -1.339  1.00 19.32  ? 6   ILE A CG2 1 
ATOM   49   C  CD1 . ILE A 1 6   ? -4.266  11.260  -0.475  1.00 19.32  ? 6   ILE A CD1 1 
ATOM   50   N  N   . ILE A 1 7   ? -2.291  6.658   -3.667  1.00 22.78  ? 7   ILE A N   1 
ATOM   51   C  CA  . ILE A 1 7   ? -1.791  5.292   -3.583  1.00 22.78  ? 7   ILE A CA  1 
ATOM   52   C  C   . ILE A 1 7   ? -0.394  5.214   -2.978  1.00 22.78  ? 7   ILE A C   1 
ATOM   53   O  O   . ILE A 1 7   ? 0.577   5.687   -3.567  1.00 22.78  ? 7   ILE A O   1 
ATOM   54   C  CB  . ILE A 1 7   ? -1.764  4.643   -4.973  1.00 21.21  ? 7   ILE A CB  1 
ATOM   55   C  CG1 . ILE A 1 7   ? -3.190  4.572   -5.522  1.00 21.21  ? 7   ILE A CG1 1 
ATOM   56   C  CG2 . ILE A 1 7   ? -1.117  3.269   -4.904  1.00 21.21  ? 7   ILE A CG2 1 
ATOM   57   C  CD1 . ILE A 1 7   ? -3.276  4.051   -6.947  1.00 21.21  ? 7   ILE A CD1 1 
ATOM   58   N  N   . LEU A 1 8   ? -0.294  4.609   -1.801  1.00 21.72  ? 8   LEU A N   1 
ATOM   59   C  CA  . LEU A 1 8   ? 0.990   4.474   -1.130  1.00 21.72  ? 8   LEU A CA  1 
ATOM   60   C  C   . LEU A 1 8   ? 1.593   3.101   -1.368  1.00 21.72  ? 8   LEU A C   1 
ATOM   61   O  O   . LEU A 1 8   ? 0.896   2.094   -1.325  1.00 21.72  ? 8   LEU A O   1 
ATOM   62   C  CB  . LEU A 1 8   ? 0.839   4.685   0.377   1.00 28.31  ? 8   LEU A CB  1 
ATOM   63   C  CG  . LEU A 1 8   ? 0.356   6.043   0.884   1.00 28.31  ? 8   LEU A CG  1 
ATOM   64   C  CD1 . LEU A 1 8   ? -1.100  6.244   0.506   1.00 28.31  ? 8   LEU A CD1 1 
ATOM   65   C  CD2 . LEU A 1 8   ? 0.514   6.099   2.393   1.00 28.31  ? 8   LEU A CD2 1 
ATOM   66   N  N   . ASN A 1 9   ? 2.891   3.067   -1.635  1.00 22.63  ? 9   ASN A N   1 
ATOM   67   C  CA  . ASN A 1 9   ? 3.584   1.808   -1.836  1.00 22.63  ? 9   ASN A CA  1 
ATOM   68   C  C   . ASN A 1 9   ? 4.770   1.764   -0.892  1.00 22.63  ? 9   ASN A C   1 
ATOM   69   O  O   . ASN A 1 9   ? 5.525   2.733   -0.784  1.00 22.63  ? 9   ASN A O   1 
ATOM   70   C  CB  . ASN A 1 9   ? 4.085   1.652   -3.270  1.00 21.99  ? 9   ASN A CB  1 
ATOM   71   C  CG  . ASN A 1 9   ? 5.004   0.448   -3.425  1.00 21.99  ? 9   ASN A CG  1 
ATOM   72   O  OD1 . ASN A 1 9   ? 4.679   -0.659  -2.986  1.00 21.99  ? 9   ASN A OD1 1 
ATOM   73   N  ND2 . ASN A 1 9   ? 6.153   0.655   -4.050  1.00 21.99  ? 9   ASN A ND2 1 
ATOM   74   N  N   . GLY A 1 10  ? 4.925   0.643   -0.203  1.00 24.44  ? 10  GLY A N   1 
ATOM   75   C  CA  . GLY A 1 10  ? 6.027   0.503   0.726   1.00 24.44  ? 10  GLY A CA  1 
ATOM   76   C  C   . GLY A 1 10  ? 6.102   -0.895  1.294   1.00 24.44  ? 10  GLY A C   1 
ATOM   77   O  O   . GLY A 1 10  ? 5.120   -1.643  1.288   1.00 24.44  ? 10  GLY A O   1 
ATOM   78   N  N   . GLY A 1 11  ? 7.281   -1.255  1.782   1.00 27.31  ? 11  GLY A N   1 
ATOM   79   C  CA  . GLY A 1 11  ? 7.462   -2.573  2.353   1.00 27.31  ? 11  GLY A CA  1 
ATOM   80   C  C   . GLY A 1 11  ? 6.698   -2.715  3.652   1.00 27.31  ? 11  GLY A C   1 
ATOM   81   O  O   . GLY A 1 11  ? 6.290   -1.731  4.267   1.00 27.31  ? 11  GLY A O   1 
ATOM   82   N  N   . SER A 1 12  ? 6.495   -3.958  4.063   1.00 24.60  ? 12  SER A N   1 
ATOM   83   C  CA  . SER A 1 12  ? 5.795   -4.246  5.302   1.00 24.60  ? 12  SER A CA  1 
ATOM   84   C  C   . SER A 1 12  ? 6.532   -3.530  6.439   1.00 24.60  ? 12  SER A C   1 
ATOM   85   O  O   . SER A 1 12  ? 7.762   -3.562  6.506   1.00 24.60  ? 12  SER A O   1 
ATOM   86   C  CB  . SER A 1 12  ? 5.780   -5.755  5.533   1.00 29.98  ? 12  SER A CB  1 
ATOM   87   O  OG  . SER A 1 12  ? 4.992   -6.076  6.655   1.00 29.98  ? 12  SER A OG  1 
ATOM   88   N  N   . SER A 1 13  ? 5.776   -2.883  7.321   1.00 24.35  ? 13  SER A N   1 
ATOM   89   C  CA  . SER A 1 13  ? 6.342   -2.140  8.452   1.00 24.35  ? 13  SER A CA  1 
ATOM   90   C  C   . SER A 1 13  ? 7.024   -0.828  8.069   1.00 24.35  ? 13  SER A C   1 
ATOM   91   O  O   . SER A 1 13  ? 7.748   -0.248  8.875   1.00 24.35  ? 13  SER A O   1 
ATOM   92   C  CB  . SER A 1 13  ? 7.339   -2.997  9.236   1.00 27.34  ? 13  SER A CB  1 
ATOM   93   O  OG  . SER A 1 13  ? 6.672   -3.872  10.124  1.00 27.34  ? 13  SER A OG  1 
ATOM   94   N  N   . ALA A 1 14  ? 6.811   -0.355  6.848   1.00 22.70  ? 14  ALA A N   1 
ATOM   95   C  CA  . ALA A 1 14  ? 7.420   0.908   6.458   1.00 22.70  ? 14  ALA A CA  1 
ATOM   96   C  C   . ALA A 1 14  ? 6.643   2.050   7.125   1.00 22.70  ? 14  ALA A C   1 
ATOM   97   O  O   . ALA A 1 14  ? 7.111   3.190   7.177   1.00 22.70  ? 14  ALA A O   1 
ATOM   98   C  CB  . ALA A 1 14  ? 7.406   1.063   4.938   1.00 16.40  ? 14  ALA A CB  1 
ATOM   99   N  N   . GLY A 1 15  ? 5.453   1.734   7.636   1.00 22.13  ? 15  GLY A N   1 
ATOM   100  C  CA  . GLY A 1 15  ? 4.645   2.737   8.301   1.00 22.13  ? 15  GLY A CA  1 
ATOM   101  C  C   . GLY A 1 15  ? 3.442   3.194   7.498   1.00 22.13  ? 15  GLY A C   1 
ATOM   102  O  O   . GLY A 1 15  ? 2.789   4.181   7.854   1.00 22.13  ? 15  GLY A O   1 
ATOM   103  N  N   . LYS A 1 16  ? 3.136   2.478   6.421   1.00 23.73  ? 16  LYS A N   1 
ATOM   104  C  CA  . LYS A 1 16  ? 2.009   2.834   5.571   1.00 23.73  ? 16  LYS A CA  1 
ATOM   105  C  C   . LYS A 1 16  ? 0.703   3.090   6.325   1.00 23.73  ? 16  LYS A C   1 
ATOM   106  O  O   . LYS A 1 16  ? 0.102   4.166   6.206   1.00 23.73  ? 16  LYS A O   1 
ATOM   107  C  CB  . LYS A 1 16  ? 1.785   1.751   4.514   1.00 21.06  ? 16  LYS A CB  1 
ATOM   108  C  CG  . LYS A 1 16  ? 2.938   1.607   3.523   1.00 21.06  ? 16  LYS A CG  1 
ATOM   109  C  CD  . LYS A 1 16  ? 2.571   0.705   2.339   1.00 21.06  ? 16  LYS A CD  1 
ATOM   110  C  CE  . LYS A 1 16  ? 2.266   -0.721  2.776   1.00 21.06  ? 16  LYS A CE  1 
ATOM   111  N  NZ  . LYS A 1 16  ? 3.440   -1.351  3.434   1.00 21.06  ? 16  LYS A NZ  1 
ATOM   112  N  N   . SER A 1 17  ? 0.261   2.113   7.108   1.00 20.52  ? 17  SER A N   1 
ATOM   113  C  CA  . SER A 1 17  ? -0.988  2.263   7.842   1.00 20.52  ? 17  SER A CA  1 
ATOM   114  C  C   . SER A 1 17  ? -1.052  3.490   8.734   1.00 20.52  ? 17  SER A C   1 
ATOM   115  O  O   . SER A 1 17  ? -2.053  4.210   8.731   1.00 20.52  ? 17  SER A O   1 
ATOM   116  C  CB  . SER A 1 17  ? -1.262  1.013   8.666   1.00 24.79  ? 17  SER A CB  1 
ATOM   117  O  OG  . SER A 1 17  ? -1.534  -0.062  7.794   1.00 24.79  ? 17  SER A OG  1 
ATOM   118  N  N   . GLY A 1 18  ? 0.009   3.721   9.503   1.00 16.49  ? 18  GLY A N   1 
ATOM   119  C  CA  . GLY A 1 18  ? 0.039   4.873   10.385  1.00 16.49  ? 18  GLY A CA  1 
ATOM   120  C  C   . GLY A 1 18  ? -0.107  6.164   9.596   1.00 16.49  ? 18  GLY A C   1 
ATOM   121  O  O   . GLY A 1 18  ? -0.847  7.075   9.993   1.00 16.49  ? 18  GLY A O   1 
ATOM   122  N  N   . ILE A 1 19  ? 0.599   6.250   8.471   1.00 21.59  ? 19  ILE A N   1 
ATOM   123  C  CA  . ILE A 1 19  ? 0.516   7.437   7.644   1.00 21.59  ? 19  ILE A CA  1 
ATOM   124  C  C   . ILE A 1 19  ? -0.915  7.593   7.129   1.00 21.59  ? 19  ILE A C   1 
ATOM   125  O  O   . ILE A 1 19  ? -1.468  8.697   7.112   1.00 21.59  ? 19  ILE A O   1 
ATOM   126  C  CB  . ILE A 1 19  ? 1.495   7.350   6.456   1.00 14.72  ? 19  ILE A CB  1 
ATOM   127  C  CG1 . ILE A 1 19  ? 2.936   7.451   6.970   1.00 14.72  ? 19  ILE A CG1 1 
ATOM   128  C  CG2 . ILE A 1 19  ? 1.203   8.451   5.455   1.00 14.72  ? 19  ILE A CG2 1 
ATOM   129  C  CD1 . ILE A 1 19  ? 3.998   7.136   5.931   1.00 14.72  ? 19  ILE A CD1 1 
ATOM   130  N  N   . VAL A 1 20  ? -1.519  6.482   6.723   1.00 17.65  ? 20  VAL A N   1 
ATOM   131  C  CA  . VAL A 1 20  ? -2.881  6.521   6.211   1.00 17.65  ? 20  VAL A CA  1 
ATOM   132  C  C   . VAL A 1 20  ? -3.842  7.065   7.263   1.00 17.65  ? 20  VAL A C   1 
ATOM   133  O  O   . VAL A 1 20  ? -4.650  7.953   6.966   1.00 17.65  ? 20  VAL A O   1 
ATOM   134  C  CB  . VAL A 1 20  ? -3.348  5.117   5.752   1.00 16.02  ? 20  VAL A CB  1 
ATOM   135  C  CG1 . VAL A 1 20  ? -4.829  5.145   5.392   1.00 16.02  ? 20  VAL A CG1 1 
ATOM   136  C  CG2 . VAL A 1 20  ? -2.529  4.673   4.548   1.00 16.02  ? 20  VAL A CG2 1 
ATOM   137  N  N   . ARG A 1 21  ? -3.759  6.551   8.487   1.00 19.30  ? 21  ARG A N   1 
ATOM   138  C  CA  . ARG A 1 21  ? -4.647  7.044   9.538   1.00 19.30  ? 21  ARG A CA  1 
ATOM   139  C  C   . ARG A 1 21  ? -4.392  8.535   9.775   1.00 19.30  ? 21  ARG A C   1 
ATOM   140  O  O   . ARG A 1 21  ? -5.327  9.301   10.025  1.00 19.30  ? 21  ARG A O   1 
ATOM   141  C  CB  . ARG A 1 21  ? -4.454  6.267   10.843  1.00 30.38  ? 21  ARG A CB  1 
ATOM   142  C  CG  . ARG A 1 21  ? -4.872  4.811   10.768  1.00 30.38  ? 21  ARG A CG  1 
ATOM   143  C  CD  . ARG A 1 21  ? -5.026  4.206   12.157  1.00 30.38  ? 21  ARG A CD  1 
ATOM   144  N  NE  . ARG A 1 21  ? -5.143  2.751   12.099  1.00 30.38  ? 21  ARG A NE  1 
ATOM   145  C  CZ  . ARG A 1 21  ? -4.110  1.916   12.000  1.00 30.38  ? 21  ARG A CZ  1 
ATOM   146  N  NH1 . ARG A 1 21  ? -2.865  2.386   11.959  1.00 30.38  ? 21  ARG A NH1 1 
ATOM   147  N  NH2 . ARG A 1 21  ? -4.325  0.607   11.909  1.00 30.38  ? 21  ARG A NH2 1 
ATOM   148  N  N   . CYS A 1 22  ? -3.128  8.946   9.681   1.00 16.12  ? 22  CYS A N   1 
ATOM   149  C  CA  . CYS A 1 22  ? -2.786  10.346  9.870   1.00 16.12  ? 22  CYS A CA  1 
ATOM   150  C  C   . CYS A 1 22  ? -3.404  11.176  8.756   1.00 16.12  ? 22  CYS A C   1 
ATOM   151  O  O   . CYS A 1 22  ? -3.945  12.261  8.997   1.00 16.12  ? 22  CYS A O   1 
ATOM   152  C  CB  . CYS A 1 22  ? -1.270  10.526  9.890   1.00 20.53  ? 22  CYS A CB  1 
ATOM   153  S  SG  . CYS A 1 22  ? -0.546  10.080  11.481  1.00 20.53  ? 22  CYS A SG  1 
ATOM   154  N  N   . LEU A 1 23  ? -3.328  10.659  7.535   1.00 19.66  ? 23  LEU A N   1 
ATOM   155  C  CA  . LEU A 1 23  ? -3.905  11.353  6.404   1.00 19.66  ? 23  LEU A CA  1 
ATOM   156  C  C   . LEU A 1 23  ? -5.403  11.532  6.622   1.00 19.66  ? 23  LEU A C   1 
ATOM   157  O  O   . LEU A 1 23  ? -5.947  12.621  6.409   1.00 19.66  ? 23  LEU A O   1 
ATOM   158  C  CB  . LEU A 1 23  ? -3.648  10.573  5.116   1.00 15.56  ? 23  LEU A CB  1 
ATOM   159  C  CG  . LEU A 1 23  ? -2.237  10.744  4.531   1.00 15.56  ? 23  LEU A CG  1 
ATOM   160  C  CD1 . LEU A 1 23  ? -2.032  9.796   3.347   1.00 15.56  ? 23  LEU A CD1 1 
ATOM   161  C  CD2 . LEU A 1 23  ? -2.050  12.197  4.097   1.00 15.56  ? 23  LEU A CD2 1 
ATOM   162  N  N   . GLN A 1 24  ? -6.074  10.470  7.061   1.00 22.61  ? 24  GLN A N   1 
ATOM   163  C  CA  . GLN A 1 24  ? -7.510  10.553  7.287   1.00 22.61  ? 24  GLN A CA  1 
ATOM   164  C  C   . GLN A 1 24  ? -7.816  11.635  8.306   1.00 22.61  ? 24  GLN A C   1 
ATOM   165  O  O   . GLN A 1 24  ? -8.814  12.344  8.190   1.00 22.61  ? 24  GLN A O   1 
ATOM   166  C  CB  . GLN A 1 24  ? -8.066  9.213   7.761   1.00 27.23  ? 24  GLN A CB  1 
ATOM   167  C  CG  . GLN A 1 24  ? -7.867  8.086   6.766   1.00 27.23  ? 24  GLN A CG  1 
ATOM   168  C  CD  . GLN A 1 24  ? -8.664  6.844   7.120   1.00 27.23  ? 24  GLN A CD  1 
ATOM   169  O  OE1 . GLN A 1 24  ? -9.707  6.569   6.523   1.00 27.23  ? 24  GLN A OE1 1 
ATOM   170  N  NE2 . GLN A 1 24  ? -8.182  6.091   8.103   1.00 27.23  ? 24  GLN A NE2 1 
ATOM   171  N  N   . SER A 1 25  ? -6.949  11.770  9.302   1.00 26.38  ? 25  SER A N   1 
ATOM   172  C  CA  . SER A 1 25  ? -7.145  12.782  10.333  1.00 26.38  ? 25  SER A CA  1 
ATOM   173  C  C   . SER A 1 25  ? -6.845  14.189  9.818   1.00 26.38  ? 25  SER A C   1 
ATOM   174  O  O   . SER A 1 25  ? -7.614  15.124  10.043  1.00 26.38  ? 25  SER A O   1 
ATOM   175  C  CB  . SER A 1 25  ? -6.252  12.489  11.530  1.00 18.01  ? 25  SER A CB  1 
ATOM   176  O  OG  . SER A 1 25  ? -6.423  13.477  12.527  1.00 18.01  ? 25  SER A OG  1 
ATOM   177  N  N   . VAL A 1 26  ? -5.724  14.325  9.119   1.00 21.95  ? 26  VAL A N   1 
ATOM   178  C  CA  . VAL A 1 26  ? -5.292  15.610  8.587   1.00 21.95  ? 26  VAL A CA  1 
ATOM   179  C  C   . VAL A 1 26  ? -6.168  16.179  7.476   1.00 21.95  ? 26  VAL A C   1 
ATOM   180  O  O   . VAL A 1 26  ? -6.598  17.331  7.552   1.00 21.95  ? 26  VAL A O   1 
ATOM   181  C  CB  . VAL A 1 26  ? -3.833  15.524  8.071   1.00 14.95  ? 26  VAL A CB  1 
ATOM   182  C  CG1 . VAL A 1 26  ? -3.456  16.804  7.334   1.00 14.95  ? 26  VAL A CG1 1 
ATOM   183  C  CG2 . VAL A 1 26  ? -2.883  15.297  9.251   1.00 14.95  ? 26  VAL A CG2 1 
ATOM   184  N  N   . LEU A 1 27  ? -6.421  15.383  6.443   1.00 22.26  ? 27  LEU A N   1 
ATOM   185  C  CA  . LEU A 1 27  ? -7.228  15.843  5.319   1.00 22.26  ? 27  LEU A CA  1 
ATOM   186  C  C   . LEU A 1 27  ? -8.625  16.291  5.753   1.00 22.26  ? 27  LEU A C   1 
ATOM   187  O  O   . LEU A 1 27  ? -9.329  15.574  6.462   1.00 22.26  ? 27  LEU A O   1 
ATOM   188  C  CB  . LEU A 1 27  ? -7.303  14.742  4.258   1.00 14.35  ? 27  LEU A CB  1 
ATOM   189  C  CG  . LEU A 1 27  ? -5.938  14.430  3.621   1.00 14.35  ? 27  LEU A CG  1 
ATOM   190  C  CD1 . LEU A 1 27  ? -6.031  13.179  2.740   1.00 14.35  ? 27  LEU A CD1 1 
ATOM   191  C  CD2 . LEU A 1 27  ? -5.469  15.635  2.803   1.00 14.35  ? 27  LEU A CD2 1 
ATOM   192  N  N   . PRO A 1 28  ? -9.037  17.498  5.325   1.00 31.90  ? 28  PRO A N   1 
ATOM   193  C  CA  . PRO A 1 28  ? -10.346 18.072  5.660   1.00 31.90  ? 28  PRO A CA  1 
ATOM   194  C  C   . PRO A 1 28  ? -11.529 17.259  5.134   1.00 31.90  ? 28  PRO A C   1 
ATOM   195  O  O   . PRO A 1 28  ? -12.512 17.066  5.846   1.00 31.90  ? 28  PRO A O   1 
ATOM   196  C  CB  . PRO A 1 28  ? -10.266 19.471  5.056   1.00 24.43  ? 28  PRO A CB  1 
ATOM   197  C  CG  . PRO A 1 28  ? -9.428  19.240  3.826   1.00 24.43  ? 28  PRO A CG  1 
ATOM   198  C  CD  . PRO A 1 28  ? -8.329  18.337  4.341   1.00 24.43  ? 28  PRO A CD  1 
ATOM   199  N  N   . GLU A 1 29  ? -11.433 16.788  3.894   1.00 25.82  ? 29  GLU A N   1 
ATOM   200  C  CA  . GLU A 1 29  ? -12.493 15.973  3.304   1.00 25.82  ? 29  GLU A CA  1 
ATOM   201  C  C   . GLU A 1 29  ? -12.334 14.522  3.762   1.00 25.82  ? 29  GLU A C   1 
ATOM   202  O  O   . GLU A 1 29  ? -11.220 14.062  4.013   1.00 25.82  ? 29  GLU A O   1 
ATOM   203  C  CB  . GLU A 1 29  ? -12.431 16.032  1.778   1.00 50.51  ? 29  GLU A CB  1 
ATOM   204  C  CG  . GLU A 1 29  ? -12.868 17.354  1.194   1.00 50.51  ? 29  GLU A CG  1 
ATOM   205  C  CD  . GLU A 1 29  ? -14.250 17.762  1.668   1.00 50.51  ? 29  GLU A CD  1 
ATOM   206  O  OE1 . GLU A 1 29  ? -15.175 16.925  1.605   1.00 50.51  ? 29  GLU A OE1 1 
ATOM   207  O  OE2 . GLU A 1 29  ? -14.417 18.921  2.100   1.00 50.51  ? 29  GLU A OE2 1 
ATOM   208  N  N   . PRO A 1 30  ? -13.445 13.782  3.877   1.00 29.53  ? 30  PRO A N   1 
ATOM   209  C  CA  . PRO A 1 30  ? -13.370 12.385  4.312   1.00 29.53  ? 30  PRO A CA  1 
ATOM   210  C  C   . PRO A 1 30  ? -12.765 11.454  3.264   1.00 29.53  ? 30  PRO A C   1 
ATOM   211  O  O   . PRO A 1 30  ? -13.273 11.341  2.150   1.00 29.53  ? 30  PRO A O   1 
ATOM   212  C  CB  . PRO A 1 30  ? -14.826 12.046  4.624   1.00 24.42  ? 30  PRO A CB  1 
ATOM   213  C  CG  . PRO A 1 30  ? -15.564 12.855  3.624   1.00 24.42  ? 30  PRO A CG  1 
ATOM   214  C  CD  . PRO A 1 30  ? -14.847 14.191  3.676   1.00 24.42  ? 30  PRO A CD  1 
ATOM   215  N  N   . TRP A 1 31  ? -11.670 10.797  3.628   1.00 26.52  ? 31  TRP A N   1 
ATOM   216  C  CA  . TRP A 1 31  ? -11.004 9.868   2.729   1.00 26.52  ? 31  TRP A CA  1 
ATOM   217  C  C   . TRP A 1 31  ? -11.204 8.435   3.216   1.00 26.52  ? 31  TRP A C   1 
ATOM   218  O  O   . TRP A 1 31  ? -10.932 8.123   4.378   1.00 26.52  ? 31  TRP A O   1 
ATOM   219  C  CB  . TRP A 1 31  ? -9.501  10.174  2.647   1.00 16.62  ? 31  TRP A CB  1 
ATOM   220  C  CG  . TRP A 1 31  ? -9.186  11.428  1.883   1.00 16.62  ? 31  TRP A CG  1 
ATOM   221  C  CD1 . TRP A 1 31  ? -9.426  12.718  2.279   1.00 16.62  ? 31  TRP A CD1 1 
ATOM   222  C  CD2 . TRP A 1 31  ? -8.679  11.506  0.544   1.00 16.62  ? 31  TRP A CD2 1 
ATOM   223  N  NE1 . TRP A 1 31  ? -9.106  13.592  1.264   1.00 16.62  ? 31  TRP A NE1 1 
ATOM   224  C  CE2 . TRP A 1 31  ? -8.649  12.876  0.187   1.00 16.62  ? 31  TRP A CE2 1 
ATOM   225  C  CE3 . TRP A 1 31  ? -8.253  10.555  -0.392  1.00 16.62  ? 31  TRP A CE3 1 
ATOM   226  C  CZ2 . TRP A 1 31  ? -8.213  13.316  -1.067  1.00 16.62  ? 31  TRP A CZ2 1 
ATOM   227  C  CZ3 . TRP A 1 31  ? -7.819  10.993  -1.646  1.00 16.62  ? 31  TRP A CZ3 1 
ATOM   228  C  CH2 . TRP A 1 31  ? -7.804  12.365  -1.969  1.00 16.62  ? 31  TRP A CH2 1 
ATOM   229  N  N   . LEU A 1 32  ? -11.704 7.575   2.333   1.00 21.61  ? 32  LEU A N   1 
ATOM   230  C  CA  . LEU A 1 32  ? -11.905 6.171   2.674   1.00 21.61  ? 32  LEU A CA  1 
ATOM   231  C  C   . LEU A 1 32  ? -10.574 5.483   2.457   1.00 21.61  ? 32  LEU A C   1 
ATOM   232  O  O   . LEU A 1 32  ? -9.890  5.757   1.469   1.00 21.61  ? 32  LEU A O   1 
ATOM   233  C  CB  . LEU A 1 32  ? -12.950 5.524   1.764   1.00 20.41  ? 32  LEU A CB  1 
ATOM   234  C  CG  . LEU A 1 32  ? -14.422 5.869   1.985   1.00 20.41  ? 32  LEU A CG  1 
ATOM   235  C  CD1 . LEU A 1 32  ? -15.262 5.125   0.956   1.00 20.41  ? 32  LEU A CD1 1 
ATOM   236  C  CD2 . LEU A 1 32  ? -14.834 5.493   3.409   1.00 20.41  ? 32  LEU A CD2 1 
ATOM   237  N  N   . ALA A 1 33  ? -10.208 4.587   3.368   1.00 24.07  ? 33  ALA A N   1 
ATOM   238  C  CA  . ALA A 1 33  ? -8.937  3.877   3.249   1.00 24.07  ? 33  ALA A CA  1 
ATOM   239  C  C   . ALA A 1 33  ? -9.104  2.377   3.023   1.00 24.07  ? 33  ALA A C   1 
ATOM   240  O  O   . ALA A 1 33  ? -9.913  1.722   3.679   1.00 24.07  ? 33  ALA A O   1 
ATOM   241  C  CB  . ALA A 1 33  ? -8.095  4.117   4.497   1.00 13.51  ? 33  ALA A CB  1 
ATOM   242  N  N   . PHE A 1 34  ? -8.329  1.844   2.088   1.00 27.04  ? 34  PHE A N   1 
ATOM   243  C  CA  . PHE A 1 34  ? -8.350  0.420   1.780   1.00 27.04  ? 34  PHE A CA  1 
ATOM   244  C  C   . PHE A 1 34  ? -6.930  0.022   1.442   1.00 27.04  ? 34  PHE A C   1 
ATOM   245  O  O   . PHE A 1 34  ? -6.169  0.816   0.892   1.00 27.04  ? 34  PHE A O   1 
ATOM   246  C  CB  . PHE A 1 34  ? -9.246  0.117   0.579   1.00 15.16  ? 34  PHE A CB  1 
ATOM   247  C  CG  . PHE A 1 34  ? -10.695 0.443   0.805   1.00 15.16  ? 34  PHE A CG  1 
ATOM   248  C  CD1 . PHE A 1 34  ? -11.264 1.579   0.230   1.00 15.16  ? 34  PHE A CD1 1 
ATOM   249  C  CD2 . PHE A 1 34  ? -11.487 -0.374  1.617   1.00 15.16  ? 34  PHE A CD2 1 
ATOM   250  C  CE1 . PHE A 1 34  ? -12.600 1.901   0.460   1.00 15.16  ? 34  PHE A CE1 1 
ATOM   251  C  CE2 . PHE A 1 34  ? -12.827 -0.061  1.854   1.00 15.16  ? 34  PHE A CE2 1 
ATOM   252  C  CZ  . PHE A 1 34  ? -13.385 1.081   1.273   1.00 15.16  ? 34  PHE A CZ  1 
ATOM   253  N  N   . GLY A 1 35  ? -6.572  -1.209  1.764   1.00 25.88  ? 35  GLY A N   1 
ATOM   254  C  CA  . GLY A 1 35  ? -5.229  -1.659  1.472   1.00 25.88  ? 35  GLY A CA  1 
ATOM   255  C  C   . GLY A 1 35  ? -5.164  -3.162  1.363   1.00 25.88  ? 35  GLY A C   1 
ATOM   256  O  O   . GLY A 1 35  ? -6.155  -3.855  1.601   1.00 25.88  ? 35  GLY A O   1 
ATOM   257  N  N   . VAL A 1 36  ? -3.992  -3.667  1.004   1.00 28.64  ? 36  VAL A N   1 
ATOM   258  C  CA  . VAL A 1 36  ? -3.802  -5.099  0.862   1.00 28.64  ? 36  VAL A CA  1 
ATOM   259  C  C   . VAL A 1 36  ? -4.266  -5.844  2.121   1.00 28.64  ? 36  VAL A C   1 
ATOM   260  O  O   . VAL A 1 36  ? -4.796  -6.949  2.030   1.00 28.64  ? 36  VAL A O   1 
ATOM   261  C  CB  . VAL A 1 36  ? -2.316  -5.426  0.557   1.00 32.00  ? 36  VAL A CB  1 
ATOM   262  C  CG1 . VAL A 1 36  ? -1.428  -4.911  1.681   1.00 32.00  ? 36  VAL A CG1 1 
ATOM   263  C  CG2 . VAL A 1 36  ? -2.141  -6.924  0.360   1.00 32.00  ? 36  VAL A CG2 1 
ATOM   264  N  N   . ASP A 1 37  ? -4.087  -5.239  3.291   1.00 25.47  ? 37  ASP A N   1 
ATOM   265  C  CA  . ASP A 1 37  ? -4.511  -5.886  4.526   1.00 25.47  ? 37  ASP A CA  1 
ATOM   266  C  C   . ASP A 1 37  ? -6.024  -6.108  4.550   1.00 25.47  ? 37  ASP A C   1 
ATOM   267  O  O   . ASP A 1 37  ? -6.486  -7.241  4.725   1.00 25.47  ? 37  ASP A O   1 
ATOM   268  C  CB  . ASP A 1 37  ? -4.103  -5.062  5.750   1.00 36.95  ? 37  ASP A CB  1 
ATOM   269  C  CG  . ASP A 1 37  ? -2.598  -4.960  5.904   1.00 36.95  ? 37  ASP A CG  1 
ATOM   270  O  OD1 . ASP A 1 37  ? -1.914  -5.993  5.755   1.00 36.95  ? 37  ASP A OD1 1 
ATOM   271  O  OD2 . ASP A 1 37  ? -2.099  -3.846  6.185   1.00 36.95  ? 37  ASP A OD2 1 
ATOM   272  N  N   . SER A 1 38  ? -6.795  -5.038  4.369   1.00 14.47  ? 38  SER A N   1 
ATOM   273  C  CA  . SER A 1 38  ? -8.248  -5.171  4.389   1.00 14.47  ? 38  SER A CA  1 
ATOM   274  C  C   . SER A 1 38  ? -8.709  -6.085  3.254   1.00 14.47  ? 38  SER A C   1 
ATOM   275  O  O   . SER A 1 38  ? -9.770  -6.702  3.335   1.00 14.47  ? 38  SER A O   1 
ATOM   276  C  CB  . SER A 1 38  ? -8.926  -3.798  4.284   1.00 18.54  ? 38  SER A CB  1 
ATOM   277  O  OG  . SER A 1 38  ? -8.641  -3.170  3.048   1.00 18.54  ? 38  SER A OG  1 
ATOM   278  N  N   . LEU A 1 39  ? -7.908  -6.176  2.196   1.00 14.15  ? 39  LEU A N   1 
ATOM   279  C  CA  . LEU A 1 39  ? -8.242  -7.046  1.076   1.00 14.15  ? 39  LEU A CA  1 
ATOM   280  C  C   . LEU A 1 39  ? -8.121  -8.495  1.575   1.00 14.15  ? 39  LEU A C   1 
ATOM   281  O  O   . LEU A 1 39  ? -9.024  -9.308  1.381   1.00 14.15  ? 39  LEU A O   1 
ATOM   282  C  CB  . LEU A 1 39  ? -7.273  -6.822  -0.086  1.00 33.76  ? 39  LEU A CB  1 
ATOM   283  C  CG  . LEU A 1 39  ? -7.697  -7.239  -1.502  1.00 33.76  ? 39  LEU A CG  1 
ATOM   284  C  CD1 . LEU A 1 39  ? -6.469  -7.262  -2.394  1.00 33.76  ? 39  LEU A CD1 1 
ATOM   285  C  CD2 . LEU A 1 39  ? -8.346  -8.600  -1.501  1.00 33.76  ? 39  LEU A CD2 1 
ATOM   286  N  N   . ILE A 1 40  ? -7.000  -8.806  2.217   1.00 24.43  ? 40  ILE A N   1 
ATOM   287  C  CA  . ILE A 1 40  ? -6.780  -10.147 2.747   1.00 24.43  ? 40  ILE A CA  1 
ATOM   288  C  C   . ILE A 1 40  ? -7.947  -10.458 3.677   1.00 24.43  ? 40  ILE A C   1 
ATOM   289  O  O   . ILE A 1 40  ? -8.500  -11.557 3.675   1.00 24.43  ? 40  ILE A O   1 
ATOM   290  C  CB  . ILE A 1 40  ? -5.479  -10.226 3.589   1.00 26.18  ? 40  ILE A CB  1 
ATOM   291  C  CG1 . ILE A 1 40  ? -4.264  -9.816  2.750   1.00 26.18  ? 40  ILE A CG1 1 
ATOM   292  C  CG2 . ILE A 1 40  ? -5.301  -11.631 4.139   1.00 26.18  ? 40  ILE A CG2 1 
ATOM   293  C  CD1 . ILE A 1 40  ? -3.977  -10.728 1.606   1.00 26.18  ? 40  ILE A CD1 1 
ATOM   294  N  N   . GLU A 1 41  ? -8.308  -9.464  4.477   1.00 21.08  ? 41  GLU A N   1 
ATOM   295  C  CA  . GLU A 1 41  ? -9.387  -9.591  5.433   1.00 21.08  ? 41  GLU A CA  1 
ATOM   296  C  C   . GLU A 1 41  ? -10.694 -9.989  4.761   1.00 21.08  ? 41  GLU A C   1 
ATOM   297  O  O   . GLU A 1 41  ? -11.449 -10.807 5.286   1.00 21.08  ? 41  GLU A O   1 
ATOM   298  C  CB  . GLU A 1 41  ? -9.570  -8.262  6.167   1.00 73.22  ? 41  GLU A CB  1 
ATOM   299  C  CG  . GLU A 1 41  ? -9.356  -8.342  7.664   1.00 73.22  ? 41  GLU A CG  1 
ATOM   300  C  CD  . GLU A 1 41  ? -10.490 -9.048  8.371   1.00 73.22  ? 41  GLU A CD  1 
ATOM   301  O  OE1 . GLU A 1 41  ? -11.613 -8.498  8.380   1.00 73.22  ? 41  GLU A OE1 1 
ATOM   302  O  OE2 . GLU A 1 41  ? -10.261 -10.151 8.912   1.00 73.22  ? 41  GLU A OE2 1 
ATOM   303  N  N   . ALA A 1 42  ? -10.948 -9.410  3.591   1.00 20.87  ? 42  ALA A N   1 
ATOM   304  C  CA  . ALA A 1 42  ? -12.178 -9.669  2.857   1.00 20.87  ? 42  ALA A CA  1 
ATOM   305  C  C   . ALA A 1 42  ? -12.170 -10.999 2.118   1.00 20.87  ? 42  ALA A C   1 
ATOM   306  O  O   . ALA A 1 42  ? -13.227 -11.524 1.754   1.00 20.87  ? 42  ALA A O   1 
ATOM   307  C  CB  . ALA A 1 42  ? -12.436 -8.533  1.884   1.00 18.37  ? 42  ALA A CB  1 
HETATM 308  N  N   . MSE A 1 43  ? -10.980 -11.540 1.884   1.00 25.64  ? 43  MSE A N   1 
HETATM 309  C  CA  . MSE A 1 43  ? -10.874 -12.812 1.188   1.00 25.64  ? 43  MSE A CA  1 
HETATM 310  C  C   . MSE A 1 43  ? -11.230 -13.922 2.160   1.00 25.64  ? 43  MSE A C   1 
HETATM 311  O  O   . MSE A 1 43  ? -11.153 -13.744 3.377   1.00 25.64  ? 43  MSE A O   1 
HETATM 312  C  CB  . MSE A 1 43  ? -9.453  -13.027 0.662   1.00 52.19  ? 43  MSE A CB  1 
HETATM 313  C  CG  . MSE A 1 43  ? -8.989  -11.993 -0.346  1.00 52.19  ? 43  MSE A CG  1 
HETATM 314  SE SE  . MSE A 1 43  ? -7.305  -12.326 -0.972  1.00 52.19  ? 43  MSE A SE  1 
HETATM 315  C  CE  . MSE A 1 43  ? -7.392  -11.627 -2.681  1.00 52.19  ? 43  MSE A CE  1 
ATOM   316  N  N   . PRO A 1 44  ? -11.677 -15.072 1.640   1.00 25.19  ? 44  PRO A N   1 
ATOM   317  C  CA  . PRO A 1 44  ? -12.009 -16.149 2.572   1.00 25.19  ? 44  PRO A CA  1 
ATOM   318  C  C   . PRO A 1 44  ? -10.739 -16.623 3.271   1.00 25.19  ? 44  PRO A C   1 
ATOM   319  O  O   . PRO A 1 44  ? -9.665  -16.629 2.676   1.00 25.19  ? 44  PRO A O   1 
ATOM   320  C  CB  . PRO A 1 44  ? -12.640 -17.217 1.672   1.00 27.65  ? 44  PRO A CB  1 
ATOM   321  C  CG  . PRO A 1 44  ? -12.149 -16.875 0.296   1.00 27.65  ? 44  PRO A CG  1 
ATOM   322  C  CD  . PRO A 1 44  ? -12.162 -15.378 0.286   1.00 27.65  ? 44  PRO A CD  1 
ATOM   323  N  N   . LEU A 1 45  ? -10.871 -17.001 4.538   1.00 28.19  ? 45  LEU A N   1 
ATOM   324  C  CA  . LEU A 1 45  ? -9.735  -17.458 5.318   1.00 28.19  ? 45  LEU A CA  1 
ATOM   325  C  C   . LEU A 1 45  ? -8.932  -18.500 4.554   1.00 28.19  ? 45  LEU A C   1 
ATOM   326  O  O   . LEU A 1 45  ? -7.704  -18.452 4.528   1.00 28.19  ? 45  LEU A O   1 
ATOM   327  C  CB  . LEU A 1 45  ? -10.203 -18.059 6.640   1.00 41.49  ? 45  LEU A CB  1 
ATOM   328  C  CG  . LEU A 1 45  ? -9.261  -17.911 7.839   1.00 41.49  ? 45  LEU A CG  1 
ATOM   329  C  CD1 . LEU A 1 45  ? -9.753  -18.808 8.965   1.00 41.49  ? 45  LEU A CD1 1 
ATOM   330  C  CD2 . LEU A 1 45  ? -7.841  -18.284 7.460   1.00 41.49  ? 45  LEU A CD2 1 
ATOM   331  N  N   . LYS A 1 46  ? -9.626  -19.440 3.926   1.00 30.50  ? 46  LYS A N   1 
ATOM   332  C  CA  . LYS A 1 46  ? -8.953  -20.498 3.187   1.00 30.50  ? 46  LYS A CA  1 
ATOM   333  C  C   . LYS A 1 46  ? -8.039  -19.989 2.079   1.00 30.50  ? 46  LYS A C   1 
ATOM   334  O  O   . LYS A 1 46  ? -7.248  -20.753 1.538   1.00 30.50  ? 46  LYS A O   1 
ATOM   335  C  CB  . LYS A 1 46  ? -9.976  -21.486 2.611   1.00 25.49  ? 46  LYS A CB  1 
ATOM   336  C  CG  . LYS A 1 46  ? -10.979 -20.885 1.644   1.00 25.49  ? 46  LYS A CG  1 
ATOM   337  C  CD  . LYS A 1 46  ? -11.986 -21.939 1.227   1.00 25.49  ? 46  LYS A CD  1 
ATOM   338  C  CE  . LYS A 1 46  ? -13.053 -21.379 0.301   1.00 25.49  ? 46  LYS A CE  1 
ATOM   339  N  NZ  . LYS A 1 46  ? -14.023 -22.438 -0.109  1.00 25.49  ? 46  LYS A NZ  1 
HETATM 340  N  N   . MSE A 1 47  ? -8.148  -18.708 1.740   1.00 41.36  ? 47  MSE A N   1 
HETATM 341  C  CA  . MSE A 1 47  ? -7.296  -18.121 0.704   1.00 41.36  ? 47  MSE A CA  1 
HETATM 342  C  C   . MSE A 1 47  ? -5.843  -18.013 1.144   1.00 41.36  ? 47  MSE A C   1 
HETATM 343  O  O   . MSE A 1 47  ? -4.949  -17.873 0.313   1.00 41.36  ? 47  MSE A O   1 
HETATM 344  C  CB  . MSE A 1 47  ? -7.791  -16.726 0.325   1.00 94.09  ? 47  MSE A CB  1 
HETATM 345  C  CG  . MSE A 1 47  ? -8.915  -16.709 -0.690  1.00 94.09  ? 47  MSE A CG  1 
HETATM 346  SE SE  . MSE A 1 47  ? -8.337  -17.022 -2.375  1.00 94.09  ? 47  MSE A SE  1 
HETATM 347  C  CE  . MSE A 1 47  ? -8.658  -18.796 -2.510  1.00 94.09  ? 47  MSE A CE  1 
ATOM   348  N  N   . GLN A 1 48  ? -5.600  -18.065 2.454   1.00 40.29  ? 48  GLN A N   1 
ATOM   349  C  CA  . GLN A 1 48  ? -4.238  -17.965 2.977   1.00 40.29  ? 48  GLN A CA  1 
ATOM   350  C  C   . GLN A 1 48  ? -3.579  -19.316 3.017   1.00 40.29  ? 48  GLN A C   1 
ATOM   351  O  O   . GLN A 1 48  ? -2.406  -19.441 3.398   1.00 40.29  ? 48  GLN A O   1 
ATOM   352  C  CB  . GLN A 1 48  ? -4.287  -17.321 4.350   1.00 46.00  ? 48  GLN A CB  1 
ATOM   353  C  CG  . GLN A 1 48  ? -4.789  -15.876 4.305   1.00 46.00  ? 48  GLN A CG  1 
ATOM   354  C  CD  . GLN A 1 48  ? -4.999  -15.265 5.692   1.00 46.00  ? 48  GLN A CD  1 
ATOM   355  O  OE1 . GLN A 1 48  ? -4.073  -15.248 6.501   1.00 46.00  ? 48  GLN A OE1 1 
ATOM   356  N  NE2 . GLN A 1 48  ? -6.173  -14.757 6.018   1.00 46.00  ? 48  GLN A NE2 1 
ATOM   357  N  N   . SER A 1 49  ? -4.365  -20.262 2.615   1.00 100.47 ? 49  SER A N   1 
ATOM   358  C  CA  . SER A 1 49  ? -3.942  -21.638 2.514   1.00 100.47 ? 49  SER A CA  1 
ATOM   359  C  C   . SER A 1 49  ? -4.433  -22.245 1.197   1.00 100.47 ? 49  SER A C   1 
ATOM   360  O  O   . SER A 1 49  ? -5.324  -23.108 1.184   1.00 100.47 ? 49  SER A O   1 
ATOM   361  C  CB  . SER A 1 49  ? -4.560  -22.463 3.640   1.00 89.29  ? 49  SER A CB  1 
ATOM   362  O  OG  . SER A 1 49  ? -4.134  -23.814 3.543   1.00 89.29  ? 49  SER A OG  1 
ATOM   363  N  N   . ALA A 1 50  ? -3.843  -21.785 0.110   1.00 95.38  ? 50  ALA A N   1 
ATOM   364  C  CA  . ALA A 1 50  ? -4.209  -22.259 -1.234  1.00 95.38  ? 50  ALA A CA  1 
ATOM   365  C  C   . ALA A 1 50  ? -3.048  -22.069 -2.212  1.00 95.38  ? 50  ALA A C   1 
ATOM   366  O  O   . ALA A 1 50  ? -1.929  -21.714 -1.814  1.00 95.38  ? 50  ALA A O   1 
ATOM   367  C  CB  . ALA A 1 50  ? -5.416  -21.479 -1.755  1.00 75.98  ? 50  ALA A CB  1 
ATOM   368  N  N   . GLU A 1 51  ? -3.372  -22.317 -3.468  1.00 78.48  ? 51  GLU A N   1 
ATOM   369  C  CA  . GLU A 1 51  ? -2.418  -22.217 -4.580  1.00 78.48  ? 51  GLU A CA  1 
ATOM   370  C  C   . GLU A 1 51  ? -2.439  -20.813 -5.189  1.00 78.48  ? 51  GLU A C   1 
ATOM   371  O  O   . GLU A 1 51  ? -1.468  -20.052 -5.074  1.00 78.48  ? 51  GLU A O   1 
ATOM   372  C  CB  . GLU A 1 51  ? -2.782  -23.220 -5.679  1.00 100.47 ? 51  GLU A CB  1 
ATOM   373  C  CG  . GLU A 1 51  ? -3.698  -24.341 -5.186  1.00 100.47 ? 51  GLU A CG  1 
ATOM   374  C  CD  . GLU A 1 51  ? -3.130  -25.083 -3.975  1.00 100.47 ? 51  GLU A CD  1 
ATOM   375  O  OE1 . GLU A 1 51  ? -1.856  -25.248 -3.860  1.00 100.47 ? 51  GLU A OE1 1 
ATOM   376  O  OE2 . GLU A 1 51  ? -3.925  -25.544 -3.070  1.00 100.47 ? 51  GLU A OE2 1 
ATOM   377  N  N   . GLY A 1 52  ? -3.560  -20.519 -5.822  1.00 64.42  ? 52  GLY A N   1 
ATOM   378  C  CA  . GLY A 1 52  ? -3.779  -19.242 -6.518  1.00 64.42  ? 52  GLY A CA  1 
ATOM   379  C  C   . GLY A 1 52  ? -4.090  -18.103 -5.528  1.00 64.42  ? 52  GLY A C   1 
ATOM   380  O  O   . GLY A 1 52  ? -4.634  -17.058 -5.907  1.00 64.42  ? 52  GLY A O   1 
ATOM   381  N  N   . GLY A 1 53  ? -3.741  -18.275 -4.276  1.00 47.89  ? 53  GLY A N   1 
ATOM   382  C  CA  . GLY A 1 53  ? -3.980  -17.221 -3.268  1.00 47.89  ? 53  GLY A CA  1 
ATOM   383  C  C   . GLY A 1 53  ? -2.657  -16.708 -2.740  1.00 47.89  ? 53  GLY A C   1 
ATOM   384  O  O   . GLY A 1 53  ? -1.735  -16.476 -3.513  1.00 47.89  ? 53  GLY A O   1 
ATOM   385  N  N   . ILE A 1 54  ? -2.564  -16.524 -1.429  1.00 32.31  ? 54  ILE A N   1 
ATOM   386  C  CA  . ILE A 1 54  ? -1.343  -16.006 -0.822  1.00 32.31  ? 54  ILE A CA  1 
ATOM   387  C  C   . ILE A 1 54  ? -0.772  -16.884 0.291   1.00 32.31  ? 54  ILE A C   1 
ATOM   388  O  O   . ILE A 1 54  ? -1.517  -17.394 1.132   1.00 32.31  ? 54  ILE A O   1 
ATOM   389  C  CB  . ILE A 1 54  ? -1.589  -14.589 -0.238  1.00 27.59  ? 54  ILE A CB  1 
ATOM   390  C  CG1 . ILE A 1 54  ? -0.332  -14.084 0.486   1.00 27.59  ? 54  ILE A CG1 1 
ATOM   391  C  CG2 . ILE A 1 54  ? -2.776  -14.631 0.717   1.00 27.59  ? 54  ILE A CG2 1 
ATOM   392  C  CD1 . ILE A 1 54  ? -0.432  -12.647 0.968   1.00 27.59  ? 54  ILE A CD1 1 
ATOM   393  N  N   . GLU A 1 55  ? 0.545   -17.071 0.291   1.00 36.43  ? 55  GLU A N   1 
ATOM   394  C  CA  . GLU A 1 55  ? 1.186   -17.863 1.337   1.00 36.43  ? 55  GLU A CA  1 
ATOM   395  C  C   . GLU A 1 55  ? 2.475   -17.204 1.798   1.00 36.43  ? 55  GLU A C   1 
ATOM   396  O  O   . GLU A 1 55  ? 3.165   -16.554 1.012   1.00 36.43  ? 55  GLU A O   1 
ATOM   397  C  CB  . GLU A 1 55  ? 1.481   -19.284 0.859   1.00 83.81  ? 55  GLU A CB  1 
ATOM   398  C  CG  . GLU A 1 55  ? 2.302   -19.373 -0.406  1.00 83.81  ? 55  GLU A CG  1 
ATOM   399  C  CD  . GLU A 1 55  ? 2.587   -20.810 -0.803  1.00 83.81  ? 55  GLU A CD  1 
ATOM   400  O  OE1 . GLU A 1 55  ? 3.024   -21.038 -1.952  1.00 83.81  ? 55  GLU A OE1 1 
ATOM   401  O  OE2 . GLU A 1 55  ? 2.374   -21.713 0.036   1.00 83.81  ? 55  GLU A OE2 1 
ATOM   402  N  N   . PHE A 1 56  ? 2.792   -17.367 3.077   1.00 37.19  ? 56  PHE A N   1 
ATOM   403  C  CA  . PHE A 1 56  ? 4.000   -16.782 3.641   1.00 37.19  ? 56  PHE A CA  1 
ATOM   404  C  C   . PHE A 1 56  ? 4.931   -17.894 4.080   1.00 37.19  ? 56  PHE A C   1 
ATOM   405  O  O   . PHE A 1 56  ? 4.554   -18.708 4.915   1.00 37.19  ? 56  PHE A O   1 
ATOM   406  C  CB  . PHE A 1 56  ? 3.661   -15.917 4.861   1.00 42.44  ? 56  PHE A CB  1 
ATOM   407  C  CG  . PHE A 1 56  ? 2.507   -14.976 4.645   1.00 42.44  ? 56  PHE A CG  1 
ATOM   408  C  CD1 . PHE A 1 56  ? 1.197   -15.448 4.637   1.00 42.44  ? 56  PHE A CD1 1 
ATOM   409  C  CD2 . PHE A 1 56  ? 2.731   -13.616 4.447   1.00 42.44  ? 56  PHE A CD2 1 
ATOM   410  C  CE1 . PHE A 1 56  ? 0.125   -14.578 4.439   1.00 42.44  ? 56  PHE A CE1 1 
ATOM   411  C  CE2 . PHE A 1 56  ? 1.668   -12.740 4.247   1.00 42.44  ? 56  PHE A CE2 1 
ATOM   412  C  CZ  . PHE A 1 56  ? 0.363   -13.221 4.242   1.00 42.44  ? 56  PHE A CZ  1 
ATOM   413  N  N   . ASP A 1 57  ? 6.140   -17.945 3.532   1.00 39.23  ? 57  ASP A N   1 
ATOM   414  C  CA  . ASP A 1 57  ? 7.060   -18.992 3.948   1.00 39.23  ? 57  ASP A CA  1 
ATOM   415  C  C   . ASP A 1 57  ? 7.603   -18.690 5.349   1.00 39.23  ? 57  ASP A C   1 
ATOM   416  O  O   . ASP A 1 57  ? 7.142   -17.761 6.022   1.00 39.23  ? 57  ASP A O   1 
ATOM   417  C  CB  . ASP A 1 57  ? 8.206   -19.159 2.945   1.00 67.56  ? 57  ASP A CB  1 
ATOM   418  C  CG  . ASP A 1 57  ? 9.071   -17.925 2.824   1.00 67.56  ? 57  ASP A CG  1 
ATOM   419  O  OD1 . ASP A 1 57  ? 9.526   -17.400 3.866   1.00 67.56  ? 57  ASP A OD1 1 
ATOM   420  O  OD2 . ASP A 1 57  ? 9.309   -17.490 1.678   1.00 67.56  ? 57  ASP A OD2 1 
ATOM   421  N  N   . ALA A 1 58  ? 8.580   -19.477 5.787   1.00 58.83  ? 58  ALA A N   1 
ATOM   422  C  CA  . ALA A 1 58  ? 9.167   -19.322 7.114   1.00 58.83  ? 58  ALA A CA  1 
ATOM   423  C  C   . ALA A 1 58  ? 9.907   -18.009 7.344   1.00 58.83  ? 58  ALA A C   1 
ATOM   424  O  O   . ALA A 1 58  ? 9.764   -17.386 8.395   1.00 58.83  ? 58  ALA A O   1 
ATOM   425  C  CB  . ALA A 1 58  ? 10.101  -20.493 7.400   1.00 65.28  ? 58  ALA A CB  1 
ATOM   426  N  N   . ASP A 1 59  ? 10.698  -17.591 6.363   1.00 47.79  ? 59  ASP A N   1 
ATOM   427  C  CA  . ASP A 1 59  ? 11.483  -16.369 6.482   1.00 47.79  ? 59  ASP A CA  1 
ATOM   428  C  C   . ASP A 1 59  ? 10.801  -15.061 6.071   1.00 47.79  ? 59  ASP A C   1 
ATOM   429  O  O   . ASP A 1 59  ? 11.471  -14.046 5.870   1.00 47.79  ? 59  ASP A O   1 
ATOM   430  C  CB  . ASP A 1 59  ? 12.798  -16.529 5.714   1.00 100.47 ? 59  ASP A CB  1 
ATOM   431  C  CG  . ASP A 1 59  ? 12.658  -17.435 4.508   1.00 100.47 ? 59  ASP A CG  1 
ATOM   432  O  OD1 . ASP A 1 59  ? 12.427  -18.649 4.702   1.00 100.47 ? 59  ASP A OD1 1 
ATOM   433  O  OD2 . ASP A 1 59  ? 12.779  -16.937 3.368   1.00 100.47 ? 59  ASP A OD2 1 
ATOM   434  N  N   . GLY A 1 60  ? 9.476   -15.077 5.948   1.00 32.70  ? 60  GLY A N   1 
ATOM   435  C  CA  . GLY A 1 60  ? 8.768   -13.862 5.581   1.00 32.70  ? 60  GLY A CA  1 
ATOM   436  C  C   . GLY A 1 60  ? 8.549   -13.644 4.094   1.00 32.70  ? 60  GLY A C   1 
ATOM   437  O  O   . GLY A 1 60  ? 8.018   -12.605 3.690   1.00 32.70  ? 60  GLY A O   1 
ATOM   438  N  N   . GLY A 1 61  ? 8.965   -14.609 3.278   1.00 28.09  ? 61  GLY A N   1 
ATOM   439  C  CA  . GLY A 1 61  ? 8.773   -14.492 1.844   1.00 28.09  ? 61  GLY A CA  1 
ATOM   440  C  C   . GLY A 1 61  ? 7.293   -14.584 1.537   1.00 28.09  ? 61  GLY A C   1 
ATOM   441  O  O   . GLY A 1 61  ? 6.544   -15.243 2.262   1.00 28.09  ? 61  GLY A O   1 
ATOM   442  N  N   . VAL A 1 62  ? 6.856   -13.927 0.472   1.00 33.56  ? 62  VAL A N   1 
ATOM   443  C  CA  . VAL A 1 62  ? 5.449   -13.946 0.115   1.00 33.56  ? 62  VAL A CA  1 
ATOM   444  C  C   . VAL A 1 62  ? 5.259   -14.289 -1.348  1.00 33.56  ? 62  VAL A C   1 
ATOM   445  O  O   . VAL A 1 62  ? 6.032   -13.846 -2.195  1.00 33.56  ? 62  VAL A O   1 
ATOM   446  C  CB  . VAL A 1 62  ? 4.801   -12.570 0.370   1.00 32.21  ? 62  VAL A CB  1 
ATOM   447  C  CG1 . VAL A 1 62  ? 3.368   -12.556 -0.150  1.00 32.21  ? 62  VAL A CG1 1 
ATOM   448  C  CG2 . VAL A 1 62  ? 4.833   -12.254 1.859   1.00 32.21  ? 62  VAL A CG2 1 
ATOM   449  N  N   . SER A 1 63  ? 4.239   -15.085 -1.647  1.00 29.12  ? 63  SER A N   1 
ATOM   450  C  CA  . SER A 1 63  ? 3.955   -15.435 -3.033  1.00 29.12  ? 63  SER A CA  1 
ATOM   451  C  C   . SER A 1 63  ? 2.455   -15.328 -3.277  1.00 29.12  ? 63  SER A C   1 
ATOM   452  O  O   . SER A 1 63  ? 1.642   -15.675 -2.413  1.00 29.12  ? 63  SER A O   1 
ATOM   453  C  CB  . SER A 1 63  ? 4.463   -16.840 -3.363  1.00 39.21  ? 63  SER A CB  1 
ATOM   454  O  OG  . SER A 1 63  ? 3.847   -17.806 -2.546  1.00 39.21  ? 63  SER A OG  1 
ATOM   455  N  N   . ILE A 1 64  ? 2.107   -14.836 -4.461  1.00 31.51  ? 64  ILE A N   1 
ATOM   456  C  CA  . ILE A 1 64  ? 0.722   -14.629 -4.851  1.00 31.51  ? 64  ILE A CA  1 
ATOM   457  C  C   . ILE A 1 64  ? 0.331   -15.475 -6.060  1.00 31.51  ? 64  ILE A C   1 
ATOM   458  O  O   . ILE A 1 64  ? 0.919   -15.342 -7.132  1.00 31.51  ? 64  ILE A O   1 
ATOM   459  C  CB  . ILE A 1 64  ? 0.491   -13.147 -5.214  1.00 37.58  ? 64  ILE A CB  1 
ATOM   460  C  CG1 . ILE A 1 64  ? 0.972   -12.243 -4.074  1.00 37.58  ? 64  ILE A CG1 1 
ATOM   461  C  CG2 . ILE A 1 64  ? -0.975  -12.913 -5.526  1.00 37.58  ? 64  ILE A CG2 1 
ATOM   462  C  CD1 . ILE A 1 64  ? 0.203   -12.402 -2.773  1.00 37.58  ? 64  ILE A CD1 1 
ATOM   463  N  N   . GLY A 1 65  ? -0.668  -16.334 -5.890  1.00 23.83  ? 65  GLY A N   1 
ATOM   464  C  CA  . GLY A 1 65  ? -1.121  -17.168 -6.987  1.00 23.83  ? 65  GLY A CA  1 
ATOM   465  C  C   . GLY A 1 65  ? -2.170  -16.460 -7.833  1.00 23.83  ? 65  GLY A C   1 
ATOM   466  O  O   . GLY A 1 65  ? -2.582  -15.344 -7.506  1.00 23.83  ? 65  GLY A O   1 
ATOM   467  N  N   . PRO A 1 66  ? -2.633  -17.086 -8.925  1.00 27.42  ? 66  PRO A N   1 
ATOM   468  C  CA  . PRO A 1 66  ? -3.645  -16.488 -9.810  1.00 27.42  ? 66  PRO A CA  1 
ATOM   469  C  C   . PRO A 1 66  ? -5.022  -16.261 -9.181  1.00 27.42  ? 66  PRO A C   1 
ATOM   470  O  O   . PRO A 1 66  ? -5.721  -15.311 -9.538  1.00 27.42  ? 66  PRO A O   1 
ATOM   471  C  CB  . PRO A 1 66  ? -3.691  -17.464 -10.988 1.00 30.34  ? 66  PRO A CB  1 
ATOM   472  C  CG  . PRO A 1 66  ? -3.345  -18.777 -10.344 1.00 30.34  ? 66  PRO A CG  1 
ATOM   473  C  CD  . PRO A 1 66  ? -2.212  -18.409 -9.416  1.00 30.34  ? 66  PRO A CD  1 
ATOM   474  N  N   . GLU A 1 67  ? -5.420  -17.129 -8.259  1.00 31.03  ? 67  GLU A N   1 
ATOM   475  C  CA  . GLU A 1 67  ? -6.719  -16.975 -7.600  1.00 31.03  ? 67  GLU A CA  1 
ATOM   476  C  C   . GLU A 1 67  ? -6.746  -15.615 -6.913  1.00 31.03  ? 67  GLU A C   1 
ATOM   477  O  O   . GLU A 1 67  ? -7.704  -14.845 -7.038  1.00 31.03  ? 67  GLU A O   1 
ATOM   478  C  CB  . GLU A 1 67  ? -6.931  -18.078 -6.562  1.00 83.20  ? 67  GLU A CB  1 
ATOM   479  C  CG  . GLU A 1 67  ? -6.965  -19.471 -7.146  1.00 83.20  ? 67  GLU A CG  1 
ATOM   480  C  CD  . GLU A 1 67  ? -7.974  -19.589 -8.264  1.00 83.20  ? 67  GLU A CD  1 
ATOM   481  O  OE1 . GLU A 1 67  ? -9.163  -19.278 -8.027  1.00 83.20  ? 67  GLU A OE1 1 
ATOM   482  O  OE2 . GLU A 1 67  ? -7.578  -19.987 -9.381  1.00 83.20  ? 67  GLU A OE2 1 
ATOM   483  N  N   . PHE A 1 68  ? -5.667  -15.333 -6.190  1.00 28.62  ? 68  PHE A N   1 
ATOM   484  C  CA  . PHE A 1 68  ? -5.513  -14.080 -5.476  1.00 28.62  ? 68  PHE A CA  1 
ATOM   485  C  C   . PHE A 1 68  ? -5.537  -12.922 -6.467  1.00 28.62  ? 68  PHE A C   1 
ATOM   486  O  O   . PHE A 1 68  ? -6.275  -11.951 -6.295  1.00 28.62  ? 68  PHE A O   1 
ATOM   487  C  CB  . PHE A 1 68  ? -4.186  -14.098 -4.720  1.00 22.82  ? 68  PHE A CB  1 
ATOM   488  C  CG  . PHE A 1 68  ? -3.994  -12.927 -3.809  1.00 22.82  ? 68  PHE A CG  1 
ATOM   489  C  CD1 . PHE A 1 68  ? -3.812  -11.646 -4.324  1.00 22.82  ? 68  PHE A CD1 1 
ATOM   490  C  CD2 . PHE A 1 68  ? -4.017  -13.102 -2.429  1.00 22.82  ? 68  PHE A CD2 1 
ATOM   491  C  CE1 . PHE A 1 68  ? -3.653  -10.556 -3.481  1.00 22.82  ? 68  PHE A CE1 1 
ATOM   492  C  CE2 . PHE A 1 68  ? -3.860  -12.013 -1.572  1.00 22.82  ? 68  PHE A CE2 1 
ATOM   493  C  CZ  . PHE A 1 68  ? -3.679  -10.737 -2.102  1.00 22.82  ? 68  PHE A CZ  1 
ATOM   494  N  N   . ARG A 1 69  ? -4.723  -13.042 -7.509  1.00 33.94  ? 69  ARG A N   1 
ATOM   495  C  CA  . ARG A 1 69  ? -4.613  -12.024 -8.544  1.00 33.94  ? 69  ARG A CA  1 
ATOM   496  C  C   . ARG A 1 69  ? -5.987  -11.642 -9.097  1.00 33.94  ? 69  ARG A C   1 
ATOM   497  O  O   . ARG A 1 69  ? -6.328  -10.461 -9.175  1.00 33.94  ? 69  ARG A O   1 
ATOM   498  C  CB  . ARG A 1 69  ? -3.720  -12.548 -9.669  1.00 59.05  ? 69  ARG A CB  1 
ATOM   499  C  CG  . ARG A 1 69  ? -2.781  -11.526 -10.275 1.00 59.05  ? 69  ARG A CG  1 
ATOM   500  C  CD  . ARG A 1 69  ? -1.822  -12.195 -11.253 1.00 59.05  ? 69  ARG A CD  1 
ATOM   501  N  NE  . ARG A 1 69  ? -1.032  -13.250 -10.614 1.00 59.05  ? 69  ARG A NE  1 
ATOM   502  C  CZ  . ARG A 1 69  ? -0.929  -14.497 -11.073 1.00 59.05  ? 69  ARG A CZ  1 
ATOM   503  N  NH1 . ARG A 1 69  ? -1.569  -14.858 -12.181 1.00 59.05  ? 69  ARG A NH1 1 
ATOM   504  N  NH2 . ARG A 1 69  ? -0.187  -15.390 -10.424 1.00 59.05  ? 69  ARG A NH2 1 
ATOM   505  N  N   . ALA A 1 70  ? -6.776  -12.646 -9.463  1.00 27.87  ? 70  ALA A N   1 
ATOM   506  C  CA  . ALA A 1 70  ? -8.106  -12.412 -10.018 1.00 27.87  ? 70  ALA A CA  1 
ATOM   507  C  C   . ALA A 1 70  ? -8.961  -11.565 -9.086  1.00 27.87  ? 70  ALA A C   1 
ATOM   508  O  O   . ALA A 1 70  ? -9.568  -10.578 -9.506  1.00 27.87  ? 70  ALA A O   1 
ATOM   509  C  CB  . ALA A 1 70  ? -8.796  -13.743 -10.292 1.00 16.40  ? 70  ALA A CB  1 
ATOM   510  N  N   . LEU A 1 71  ? -9.016  -11.956 -7.819  1.00 27.34  ? 71  LEU A N   1 
ATOM   511  C  CA  . LEU A 1 71  ? -9.801  -11.212 -6.848  1.00 27.34  ? 71  LEU A CA  1 
ATOM   512  C  C   . LEU A 1 71  ? -9.282  -9.783  -6.718  1.00 27.34  ? 71  LEU A C   1 
ATOM   513  O  O   . LEU A 1 71  ? -10.050 -8.826  -6.812  1.00 27.34  ? 71  LEU A O   1 
ATOM   514  C  CB  . LEU A 1 71  ? -9.756  -11.913 -5.493  1.00 29.47  ? 71  LEU A CB  1 
ATOM   515  C  CG  . LEU A 1 71  ? -10.565 -13.209 -5.417  1.00 29.47  ? 71  LEU A CG  1 
ATOM   516  C  CD1 . LEU A 1 71  ? -10.227 -13.955 -4.143  1.00 29.47  ? 71  LEU A CD1 1 
ATOM   517  C  CD2 . LEU A 1 71  ? -12.049 -12.884 -5.474  1.00 29.47  ? 71  LEU A CD2 1 
ATOM   518  N  N   . GLU A 1 72  ? -7.973  -9.650  -6.514  1.00 25.04  ? 72  GLU A N   1 
ATOM   519  C  CA  . GLU A 1 72  ? -7.337  -8.345  -6.363  1.00 25.04  ? 72  GLU A CA  1 
ATOM   520  C  C   . GLU A 1 72  ? -7.668  -7.430  -7.549  1.00 25.04  ? 72  GLU A C   1 
ATOM   521  O  O   . GLU A 1 72  ? -7.939  -6.232  -7.374  1.00 25.04  ? 72  GLU A O   1 
ATOM   522  C  CB  . GLU A 1 72  ? -5.825  -8.540  -6.219  1.00 36.13  ? 72  GLU A CB  1 
ATOM   523  C  CG  . GLU A 1 72  ? -5.019  -7.281  -5.963  1.00 36.13  ? 72  GLU A CG  1 
ATOM   524  C  CD  . GLU A 1 72  ? -4.697  -6.522  -7.234  1.00 36.13  ? 72  GLU A CD  1 
ATOM   525  O  OE1 . GLU A 1 72  ? -4.340  -7.166  -8.244  1.00 36.13  ? 72  GLU A OE1 1 
ATOM   526  O  OE2 . GLU A 1 72  ? -4.781  -5.279  -7.226  1.00 36.13  ? 72  GLU A OE2 1 
ATOM   527  N  N   . GLY A 1 73  ? -7.658  -7.999  -8.753  1.00 25.85  ? 73  GLY A N   1 
ATOM   528  C  CA  . GLY A 1 73  ? -7.973  -7.216  -9.934  1.00 25.85  ? 73  GLY A CA  1 
ATOM   529  C  C   . GLY A 1 73  ? -9.365  -6.618  -9.828  1.00 25.85  ? 73  GLY A C   1 
ATOM   530  O  O   . GLY A 1 73  ? -9.571  -5.425  -10.070 1.00 25.85  ? 73  GLY A O   1 
ATOM   531  N  N   . ALA A 1 74  ? -10.328 -7.450  -9.451  1.00 22.36  ? 74  ALA A N   1 
ATOM   532  C  CA  . ALA A 1 74  ? -11.704 -6.994  -9.311  1.00 22.36  ? 74  ALA A CA  1 
ATOM   533  C  C   . ALA A 1 74  ? -11.809 -5.963  -8.190  1.00 22.36  ? 74  ALA A C   1 
ATOM   534  O  O   . ALA A 1 74  ? -12.507 -4.956  -8.313  1.00 22.36  ? 74  ALA A O   1 
ATOM   535  C  CB  . ALA A 1 74  ? -12.618 -8.179  -9.028  1.00 20.58  ? 74  ALA A CB  1 
ATOM   536  N  N   . TRP A 1 75  ? -11.110 -6.222  -7.093  1.00 19.16  ? 75  TRP A N   1 
ATOM   537  C  CA  . TRP A 1 75  ? -11.112 -5.311  -5.956  1.00 19.16  ? 75  TRP A CA  1 
ATOM   538  C  C   . TRP A 1 75  ? -10.564 -3.953  -6.406  1.00 19.16  ? 75  TRP A C   1 
ATOM   539  O  O   . TRP A 1 75  ? -11.063 -2.901  -5.998  1.00 19.16  ? 75  TRP A O   1 
ATOM   540  C  CB  . TRP A 1 75  ? -10.236 -5.897  -4.853  1.00 21.87  ? 75  TRP A CB  1 
ATOM   541  C  CG  . TRP A 1 75  ? -9.923  -4.975  -3.725  1.00 21.87  ? 75  TRP A CG  1 
ATOM   542  C  CD1 . TRP A 1 75  ? -10.738 -4.637  -2.680  1.00 21.87  ? 75  TRP A CD1 1 
ATOM   543  C  CD2 . TRP A 1 75  ? -8.673  -4.319  -3.489  1.00 21.87  ? 75  TRP A CD2 1 
ATOM   544  N  NE1 . TRP A 1 75  ? -10.065 -3.821  -1.802  1.00 21.87  ? 75  TRP A NE1 1 
ATOM   545  C  CE2 . TRP A 1 75  ? -8.794  -3.610  -2.273  1.00 21.87  ? 75  TRP A CE2 1 
ATOM   546  C  CE3 . TRP A 1 75  ? -7.456  -4.267  -4.184  1.00 21.87  ? 75  TRP A CE3 1 
ATOM   547  C  CZ2 . TRP A 1 75  ? -7.747  -2.859  -1.738  1.00 21.87  ? 75  TRP A CZ2 1 
ATOM   548  C  CZ3 . TRP A 1 75  ? -6.412  -3.519  -3.649  1.00 21.87  ? 75  TRP A CZ3 1 
ATOM   549  C  CH2 . TRP A 1 75  ? -6.566  -2.825  -2.438  1.00 21.87  ? 75  TRP A CH2 1 
ATOM   550  N  N   . ALA A 1 76  ? -9.540  -3.986  -7.256  1.00 21.69  ? 76  ALA A N   1 
ATOM   551  C  CA  . ALA A 1 76  ? -8.927  -2.764  -7.765  1.00 21.69  ? 76  ALA A CA  1 
ATOM   552  C  C   . ALA A 1 76  ? -9.949  -1.952  -8.549  1.00 21.69  ? 76  ALA A C   1 
ATOM   553  O  O   . ALA A 1 76  ? -10.129 -0.758  -8.299  1.00 21.69  ? 76  ALA A O   1 
ATOM   554  C  CB  . ALA A 1 76  ? -7.737  -3.105  -8.653  1.00 26.81  ? 76  ALA A CB  1 
ATOM   555  N  N   . GLU A 1 77  ? -10.630 -2.601  -9.488  1.00 28.87  ? 77  GLU A N   1 
ATOM   556  C  CA  . GLU A 1 77  ? -11.633 -1.908  -10.284 1.00 28.87  ? 77  GLU A CA  1 
ATOM   557  C  C   . GLU A 1 77  ? -12.701 -1.316  -9.379  1.00 28.87  ? 77  GLU A C   1 
ATOM   558  O  O   . GLU A 1 77  ? -13.259 -0.255  -9.672  1.00 28.87  ? 77  GLU A O   1 
ATOM   559  C  CB  . GLU A 1 77  ? -12.275 -2.864  -11.283 1.00 36.32  ? 77  GLU A CB  1 
ATOM   560  C  CG  . GLU A 1 77  ? -11.313 -3.385  -12.325 1.00 36.32  ? 77  GLU A CG  1 
ATOM   561  C  CD  . GLU A 1 77  ? -11.995 -4.283  -13.335 1.00 36.32  ? 77  GLU A CD  1 
ATOM   562  O  OE1 . GLU A 1 77  ? -12.938 -3.811  -14.006 1.00 36.32  ? 77  GLU A OE1 1 
ATOM   563  O  OE2 . GLU A 1 77  ? -11.590 -5.460  -13.460 1.00 36.32  ? 77  GLU A OE2 1 
ATOM   564  N  N   . GLY A 1 78  ? -12.974 -2.002  -8.273  1.00 23.87  ? 78  GLY A N   1 
ATOM   565  C  CA  . GLY A 1 78  ? -13.974 -1.527  -7.336  1.00 23.87  ? 78  GLY A CA  1 
ATOM   566  C  C   . GLY A 1 78  ? -13.618 -0.209  -6.663  1.00 23.87  ? 78  GLY A C   1 
ATOM   567  O  O   . GLY A 1 78  ? -14.418 0.738   -6.671  1.00 23.87  ? 78  GLY A O   1 
ATOM   568  N  N   . VAL A 1 79  ? -12.425 -0.138  -6.072  1.00 26.99  ? 79  VAL A N   1 
ATOM   569  C  CA  . VAL A 1 79  ? -12.004 1.085   -5.396  1.00 26.99  ? 79  VAL A CA  1 
ATOM   570  C  C   . VAL A 1 79  ? -11.879 2.215   -6.411  1.00 26.99  ? 79  VAL A C   1 
ATOM   571  O  O   . VAL A 1 79  ? -12.220 3.367   -6.121  1.00 26.99  ? 79  VAL A O   1 
ATOM   572  C  CB  . VAL A 1 79  ? -10.653 0.901   -4.651  1.00 21.98  ? 79  VAL A CB  1 
ATOM   573  C  CG1 . VAL A 1 79  ? -10.821 -0.121  -3.527  1.00 21.98  ? 79  VAL A CG1 1 
ATOM   574  C  CG2 . VAL A 1 79  ? -9.554  0.465   -5.631  1.00 21.98  ? 79  VAL A CG2 1 
ATOM   575  N  N   . VAL A 1 80  ? -11.394 1.887   -7.604  1.00 25.91  ? 80  VAL A N   1 
ATOM   576  C  CA  . VAL A 1 80  ? -11.274 2.894   -8.645  1.00 25.91  ? 80  VAL A CA  1 
ATOM   577  C  C   . VAL A 1 80  ? -12.680 3.429   -8.904  1.00 25.91  ? 80  VAL A C   1 
ATOM   578  O  O   . VAL A 1 80  ? -12.886 4.643   -9.026  1.00 25.91  ? 80  VAL A O   1 
ATOM   579  C  CB  . VAL A 1 80  ? -10.706 2.289   -9.949  1.00 25.84  ? 80  VAL A CB  1 
ATOM   580  C  CG1 . VAL A 1 80  ? -10.875 3.269   -11.110 1.00 25.84  ? 80  VAL A CG1 1 
ATOM   581  C  CG2 . VAL A 1 80  ? -9.232  1.957   -9.758  1.00 25.84  ? 80  VAL A CG2 1 
ATOM   582  N  N   . ALA A 1 81  ? -13.646 2.515   -8.968  1.00 21.90  ? 81  ALA A N   1 
ATOM   583  C  CA  . ALA A 1 81  ? -15.036 2.884   -9.209  1.00 21.90  ? 81  ALA A CA  1 
ATOM   584  C  C   . ALA A 1 81  ? -15.552 3.759   -8.078  1.00 21.90  ? 81  ALA A C   1 
ATOM   585  O  O   . ALA A 1 81  ? -16.325 4.692   -8.308  1.00 21.90  ? 81  ALA A O   1 
ATOM   586  C  CB  . ALA A 1 81  ? -15.893 1.640   -9.340  1.00 16.24  ? 81  ALA A CB  1 
HETATM 587  N  N   . MSE A 1 82  ? -15.137 3.452   -6.853  1.00 27.33  ? 82  MSE A N   1 
HETATM 588  C  CA  . MSE A 1 82  ? -15.561 4.248   -5.710  1.00 27.33  ? 82  MSE A CA  1 
HETATM 589  C  C   . MSE A 1 82  ? -15.111 5.689   -5.935  1.00 27.33  ? 82  MSE A C   1 
HETATM 590  O  O   . MSE A 1 82  ? -15.876 6.637   -5.726  1.00 27.33  ? 82  MSE A O   1 
HETATM 591  C  CB  . MSE A 1 82  ? -14.937 3.715   -4.428  1.00 50.94  ? 82  MSE A CB  1 
HETATM 592  C  CG  . MSE A 1 82  ? -15.568 2.445   -3.917  1.00 50.94  ? 82  MSE A CG  1 
HETATM 593  SE SE  . MSE A 1 82  ? -14.770 1.849   -2.400  1.00 50.94  ? 82  MSE A SE  1 
HETATM 594  C  CE  . MSE A 1 82  ? -14.740 0.037   -2.721  1.00 50.94  ? 82  MSE A CE  1 
ATOM   595  N  N   . ALA A 1 83  ? -13.864 5.841   -6.373  1.00 27.86  ? 83  ALA A N   1 
ATOM   596  C  CA  . ALA A 1 83  ? -13.298 7.157   -6.631  1.00 27.86  ? 83  ALA A CA  1 
ATOM   597  C  C   . ALA A 1 83  ? -14.077 7.815   -7.759  1.00 27.86  ? 83  ALA A C   1 
ATOM   598  O  O   . ALA A 1 83  ? -14.494 8.965   -7.655  1.00 27.86  ? 83  ALA A O   1 
ATOM   599  C  CB  . ALA A 1 83  ? -11.829 7.024   -7.007  1.00 17.58  ? 83  ALA A CB  1 
ATOM   600  N  N   . ARG A 1 84  ? -14.278 7.067   -8.833  1.00 25.64  ? 84  ARG A N   1 
ATOM   601  C  CA  . ARG A 1 84  ? -15.018 7.568   -9.979  1.00 25.64  ? 84  ARG A CA  1 
ATOM   602  C  C   . ARG A 1 84  ? -16.400 8.062   -9.546  1.00 25.64  ? 84  ARG A C   1 
ATOM   603  O  O   . ARG A 1 84  ? -16.959 8.977   -10.146 1.00 25.64  ? 84  ARG A O   1 
ATOM   604  C  CB  . ARG A 1 84  ? -15.173 6.461   -11.019 1.00 36.48  ? 84  ARG A CB  1 
ATOM   605  C  CG  . ARG A 1 84  ? -14.825 6.899   -12.414 1.00 36.48  ? 84  ARG A CG  1 
ATOM   606  C  CD  . ARG A 1 84  ? -13.467 6.390   -12.844 1.00 36.48  ? 84  ARG A CD  1 
ATOM   607  N  NE  . ARG A 1 84  ? -12.777 7.356   -13.693 1.00 36.48  ? 84  ARG A NE  1 
ATOM   608  C  CZ  . ARG A 1 84  ? -11.717 7.068   -14.443 1.00 36.48  ? 84  ARG A CZ  1 
ATOM   609  N  NH1 . ARG A 1 84  ? -11.144 8.012   -15.179 1.00 36.48  ? 84  ARG A NH1 1 
ATOM   610  N  NH2 . ARG A 1 84  ? -11.237 5.830   -14.468 1.00 36.48  ? 84  ARG A NH2 1 
ATOM   611  N  N   . ALA A 1 85  ? -16.948 7.460   -8.496  1.00 24.51  ? 85  ALA A N   1 
ATOM   612  C  CA  . ALA A 1 85  ? -18.265 7.850   -8.010  1.00 24.51  ? 85  ALA A CA  1 
ATOM   613  C  C   . ALA A 1 85  ? -18.220 9.045   -7.068  1.00 24.51  ? 85  ALA A C   1 
ATOM   614  O  O   . ALA A 1 85  ? -19.245 9.430   -6.506  1.00 24.51  ? 85  ALA A O   1 
ATOM   615  C  CB  . ALA A 1 85  ? -18.939 6.673   -7.326  1.00 17.34  ? 85  ALA A CB  1 
ATOM   616  N  N   . GLY A 1 86  ? -17.039 9.620   -6.870  1.00 32.52  ? 86  GLY A N   1 
ATOM   617  C  CA  . GLY A 1 86  ? -16.956 10.788  -6.012  1.00 32.52  ? 86  GLY A CA  1 
ATOM   618  C  C   . GLY A 1 86  ? -16.396 10.630  -4.612  1.00 32.52  ? 86  GLY A C   1 
ATOM   619  O  O   . GLY A 1 86  ? -16.317 11.605  -3.864  1.00 32.52  ? 86  GLY A O   1 
ATOM   620  N  N   . ALA A 1 87  ? -16.016 9.417   -4.233  1.00 24.94  ? 87  ALA A N   1 
ATOM   621  C  CA  . ALA A 1 87  ? -15.447 9.225   -2.908  1.00 24.94  ? 87  ALA A CA  1 
ATOM   622  C  C   . ALA A 1 87  ? -13.930 9.309   -3.004  1.00 24.94  ? 87  ALA A C   1 
ATOM   623  O  O   . ALA A 1 87  ? -13.321 8.702   -3.888  1.00 24.94  ? 87  ALA A O   1 
ATOM   624  C  CB  . ALA A 1 87  ? -15.853 7.877   -2.345  1.00 19.87  ? 87  ALA A CB  1 
ATOM   625  N  N   . ARG A 1 88  ? -13.325 10.072  -2.101  1.00 24.61  ? 88  ARG A N   1 
ATOM   626  C  CA  . ARG A 1 88  ? -11.873 10.204  -2.075  1.00 24.61  ? 88  ARG A CA  1 
ATOM   627  C  C   . ARG A 1 88  ? -11.309 8.896   -1.514  1.00 24.61  ? 88  ARG A C   1 
ATOM   628  O  O   . ARG A 1 88  ? -11.684 8.453   -0.422  1.00 24.61  ? 88  ARG A O   1 
ATOM   629  C  CB  . ARG A 1 88  ? -11.487 11.405  -1.217  1.00 45.57  ? 88  ARG A CB  1 
ATOM   630  C  CG  . ARG A 1 88  ? -12.066 12.702  -1.768  1.00 45.57  ? 88  ARG A CG  1 
ATOM   631  C  CD  . ARG A 1 88  ? -11.963 13.847  -0.784  1.00 45.57  ? 88  ARG A CD  1 
ATOM   632  N  NE  . ARG A 1 88  ? -12.610 15.059  -1.287  1.00 45.57  ? 88  ARG A NE  1 
ATOM   633  C  CZ  . ARG A 1 88  ? -13.926 15.225  -1.410  1.00 45.57  ? 88  ARG A CZ  1 
ATOM   634  N  NH1 . ARG A 1 88  ? -14.767 14.255  -1.066  1.00 45.57  ? 88  ARG A NH1 1 
ATOM   635  N  NH2 . ARG A 1 88  ? -14.407 16.370  -1.881  1.00 45.57  ? 88  ARG A NH2 1 
ATOM   636  N  N   . ILE A 1 89  ? -10.412 8.272   -2.267  1.00 19.66  ? 89  ILE A N   1 
ATOM   637  C  CA  . ILE A 1 89  ? -9.859  6.990   -1.852  1.00 19.66  ? 89  ILE A CA  1 
ATOM   638  C  C   . ILE A 1 89  ? -8.363  6.939   -1.563  1.00 19.66  ? 89  ILE A C   1 
ATOM   639  O  O   . ILE A 1 89  ? -7.549  7.424   -2.351  1.00 19.66  ? 89  ILE A O   1 
ATOM   640  C  CB  . ILE A 1 89  ? -10.156 5.916   -2.922  1.00 23.36  ? 89  ILE A CB  1 
ATOM   641  C  CG1 . ILE A 1 89  ? -11.658 5.892   -3.232  1.00 23.36  ? 89  ILE A CG1 1 
ATOM   642  C  CG2 . ILE A 1 89  ? -9.648  4.564   -2.461  1.00 23.36  ? 89  ILE A CG2 1 
ATOM   643  C  CD1 . ILE A 1 89  ? -12.545 5.724   -2.018  1.00 23.36  ? 89  ILE A CD1 1 
ATOM   644  N  N   . ILE A 1 90  ? -8.008  6.339   -0.432  1.00 21.63  ? 90  ILE A N   1 
ATOM   645  C  CA  . ILE A 1 90  ? -6.605  6.168   -0.071  1.00 21.63  ? 90  ILE A CA  1 
ATOM   646  C  C   . ILE A 1 90  ? -6.322  4.678   -0.112  1.00 21.63  ? 90  ILE A C   1 
ATOM   647  O  O   . ILE A 1 90  ? -7.054  3.877   0.476   1.00 21.63  ? 90  ILE A O   1 
ATOM   648  C  CB  . ILE A 1 90  ? -6.281  6.645   1.351   1.00 27.94  ? 90  ILE A CB  1 
ATOM   649  C  CG1 . ILE A 1 90  ? -6.485  8.152   1.466   1.00 27.94  ? 90  ILE A CG1 1 
ATOM   650  C  CG2 . ILE A 1 90  ? -4.834  6.284   1.691   1.00 27.94  ? 90  ILE A CG2 1 
ATOM   651  C  CD1 . ILE A 1 90  ? -6.200  8.695   2.855   1.00 27.94  ? 90  ILE A CD1 1 
ATOM   652  N  N   . ILE A 1 91  ? -5.255  4.307   -0.797  1.00 29.07  ? 91  ILE A N   1 
ATOM   653  C  CA  . ILE A 1 91  ? -4.894  2.909   -0.903  1.00 29.07  ? 91  ILE A CA  1 
ATOM   654  C  C   . ILE A 1 91  ? -3.426  2.684   -0.597  1.00 29.07  ? 91  ILE A C   1 
ATOM   655  O  O   . ILE A 1 91  ? -2.563  3.371   -1.143  1.00 29.07  ? 91  ILE A O   1 
ATOM   656  C  CB  . ILE A 1 91  ? -5.197  2.379   -2.316  1.00 27.99  ? 91  ILE A CB  1 
ATOM   657  C  CG1 . ILE A 1 91  ? -6.708  2.287   -2.502  1.00 27.99  ? 91  ILE A CG1 1 
ATOM   658  C  CG2 . ILE A 1 91  ? -4.538  1.026   -2.533  1.00 27.99  ? 91  ILE A CG2 1 
ATOM   659  C  CD1 . ILE A 1 91  ? -7.103  1.809   -3.844  1.00 27.99  ? 91  ILE A CD1 1 
ATOM   660  N  N   . ASP A 1 92  ? -3.148  1.741   0.298   1.00 19.24  ? 92  ASP A N   1 
ATOM   661  C  CA  . ASP A 1 92  ? -1.767  1.413   0.616   1.00 19.24  ? 92  ASP A CA  1 
ATOM   662  C  C   . ASP A 1 92  ? -1.569  -0.018  0.132   1.00 19.24  ? 92  ASP A C   1 
ATOM   663  O  O   . ASP A 1 92  ? -2.432  -0.880  0.324   1.00 19.24  ? 92  ASP A O   1 
ATOM   664  C  CB  . ASP A 1 92  ? -1.479  1.545   2.118   1.00 29.61  ? 92  ASP A CB  1 
ATOM   665  C  CG  . ASP A 1 92  ? -2.182  0.503   2.947   1.00 29.61  ? 92  ASP A CG  1 
ATOM   666  O  OD1 . ASP A 1 92  ? -3.418  0.593   3.101   1.00 29.61  ? 92  ASP A OD1 1 
ATOM   667  O  OD2 . ASP A 1 92  ? -1.486  -0.406  3.446   1.00 29.61  ? 92  ASP A OD2 1 
ATOM   668  N  N   . ASP A 1 93  ? -0.433  -0.266  -0.501  1.00 20.88  ? 93  ASP A N   1 
ATOM   669  C  CA  . ASP A 1 93  ? -0.163  -1.576  -1.071  1.00 20.88  ? 93  ASP A CA  1 
ATOM   670  C  C   . ASP A 1 93  ? 1.322   -1.909  -0.937  1.00 20.88  ? 93  ASP A C   1 
ATOM   671  O  O   . ASP A 1 93  ? 2.118   -1.069  -0.513  1.00 20.88  ? 93  ASP A O   1 
ATOM   672  C  CB  . ASP A 1 93  ? -0.570  -1.520  -2.550  1.00 27.18  ? 93  ASP A CB  1 
ATOM   673  C  CG  . ASP A 1 93  ? -0.698  -2.882  -3.190  1.00 27.18  ? 93  ASP A CG  1 
ATOM   674  O  OD1 . ASP A 1 93  ? -0.293  -3.895  -2.585  1.00 27.18  ? 93  ASP A OD1 1 
ATOM   675  O  OD2 . ASP A 1 93  ? -1.212  -2.929  -4.331  1.00 27.18  ? 93  ASP A OD2 1 
ATOM   676  N  N   . VAL A 1 94  ? 1.682   -3.141  -1.286  1.00 27.20  ? 94  VAL A N   1 
ATOM   677  C  CA  . VAL A 1 94  ? 3.070   -3.584  -1.258  1.00 27.20  ? 94  VAL A CA  1 
ATOM   678  C  C   . VAL A 1 94  ? 3.374   -4.136  -2.644  1.00 27.20  ? 94  VAL A C   1 
ATOM   679  O  O   . VAL A 1 94  ? 3.003   -5.264  -2.964  1.00 27.20  ? 94  VAL A O   1 
ATOM   680  C  CB  . VAL A 1 94  ? 3.305   -4.693  -0.216  1.00 17.93  ? 94  VAL A CB  1 
ATOM   681  C  CG1 . VAL A 1 94  ? 4.742   -5.201  -0.315  1.00 17.93  ? 94  VAL A CG1 1 
ATOM   682  C  CG2 . VAL A 1 94  ? 3.044   -4.155  1.182   1.00 17.93  ? 94  VAL A CG2 1 
ATOM   683  N  N   . PHE A 1 95  ? 4.041   -3.329  -3.465  1.00 31.44  ? 95  PHE A N   1 
ATOM   684  C  CA  . PHE A 1 95  ? 4.381   -3.722  -4.830  1.00 31.44  ? 95  PHE A CA  1 
ATOM   685  C  C   . PHE A 1 95  ? 5.478   -4.780  -4.899  1.00 31.44  ? 95  PHE A C   1 
ATOM   686  O  O   . PHE A 1 95  ? 6.632   -4.470  -5.209  1.00 31.44  ? 95  PHE A O   1 
ATOM   687  C  CB  . PHE A 1 95  ? 4.826   -2.499  -5.634  1.00 21.35  ? 95  PHE A CB  1 
ATOM   688  C  CG  . PHE A 1 95  ? 3.763   -1.449  -5.797  1.00 21.35  ? 95  PHE A CG  1 
ATOM   689  C  CD1 . PHE A 1 95  ? 2.474   -1.652  -5.310  1.00 21.35  ? 95  PHE A CD1 1 
ATOM   690  C  CD2 . PHE A 1 95  ? 4.047   -0.261  -6.460  1.00 21.35  ? 95  PHE A CD2 1 
ATOM   691  C  CE1 . PHE A 1 95  ? 1.481   -0.687  -5.488  1.00 21.35  ? 95  PHE A CE1 1 
ATOM   692  C  CE2 . PHE A 1 95  ? 3.063   0.712   -6.645  1.00 21.35  ? 95  PHE A CE2 1 
ATOM   693  C  CZ  . PHE A 1 95  ? 1.776   0.502   -6.157  1.00 21.35  ? 95  PHE A CZ  1 
ATOM   694  N  N   . LEU A 1 96  ? 5.123   -6.028  -4.620  1.00 33.39  ? 96  LEU A N   1 
ATOM   695  C  CA  . LEU A 1 96  ? 6.105   -7.100  -4.665  1.00 33.39  ? 96  LEU A CA  1 
ATOM   696  C  C   . LEU A 1 96  ? 6.729   -7.172  -6.048  1.00 33.39  ? 96  LEU A C   1 
ATOM   697  O  O   . LEU A 1 96  ? 7.922   -7.451  -6.185  1.00 33.39  ? 96  LEU A O   1 
ATOM   698  C  CB  . LEU A 1 96  ? 5.452   -8.435  -4.325  1.00 26.42  ? 96  LEU A CB  1 
ATOM   699  C  CG  . LEU A 1 96  ? 4.880   -8.534  -2.912  1.00 26.42  ? 96  LEU A CG  1 
ATOM   700  C  CD1 . LEU A 1 96  ? 4.229   -9.891  -2.723  1.00 26.42  ? 96  LEU A CD1 1 
ATOM   701  C  CD2 . LEU A 1 96  ? 5.997   -8.317  -1.889  1.00 26.42  ? 96  LEU A CD2 1 
ATOM   702  N  N   . GLY A 1 97  ? 5.922   -6.905  -7.069  1.00 45.83  ? 97  GLY A N   1 
ATOM   703  C  CA  . GLY A 1 97  ? 6.421   -6.950  -8.431  1.00 45.83  ? 97  GLY A CA  1 
ATOM   704  C  C   . GLY A 1 97  ? 7.048   -5.660  -8.930  1.00 45.83  ? 97  GLY A C   1 
ATOM   705  O  O   . GLY A 1 97  ? 7.251   -5.488  -10.134 1.00 45.83  ? 97  GLY A O   1 
ATOM   706  N  N   . GLY A 1 98  ? 7.354   -4.748  -8.011  1.00 32.81  ? 98  GLY A N   1 
ATOM   707  C  CA  . GLY A 1 98  ? 7.962   -3.487  -8.398  1.00 32.81  ? 98  GLY A CA  1 
ATOM   708  C  C   . GLY A 1 98  ? 7.172   -2.719  -9.443  1.00 32.81  ? 98  GLY A C   1 
ATOM   709  O  O   . GLY A 1 98  ? 5.961   -2.538  -9.310  1.00 32.81  ? 98  GLY A O   1 
ATOM   710  N  N   . ALA A 1 99  ? 7.860   -2.272  -10.489 1.00 30.50  ? 99  ALA A N   1 
ATOM   711  C  CA  . ALA A 1 99  ? 7.234   -1.502  -11.563 1.00 30.50  ? 99  ALA A CA  1 
ATOM   712  C  C   . ALA A 1 99  ? 6.019   -2.201  -12.160 1.00 30.50  ? 99  ALA A C   1 
ATOM   713  O  O   . ALA A 1 99  ? 5.011   -1.559  -12.466 1.00 30.50  ? 99  ALA A O   1 
ATOM   714  C  CB  . ALA A 1 99  ? 8.261   -1.207  -12.660 1.00 18.52  ? 99  ALA A CB  1 
ATOM   715  N  N   . ALA A 1 100 ? 6.119   -3.516  -12.328 1.00 27.52  ? 100 ALA A N   1 
ATOM   716  C  CA  . ALA A 1 100 ? 5.019   -4.297  -12.889 1.00 27.52  ? 100 ALA A CA  1 
ATOM   717  C  C   . ALA A 1 100 ? 3.741   -4.033  -12.104 1.00 27.52  ? 100 ALA A C   1 
ATOM   718  O  O   . ALA A 1 100 ? 2.670   -3.835  -12.686 1.00 27.52  ? 100 ALA A O   1 
ATOM   719  C  CB  . ALA A 1 100 ? 5.359   -5.787  -12.857 1.00 8.24   ? 100 ALA A CB  1 
ATOM   720  N  N   . ALA A 1 101 ? 3.863   -4.024  -10.779 1.00 27.74  ? 101 ALA A N   1 
ATOM   721  C  CA  . ALA A 1 101 ? 2.714   -3.770  -9.921  1.00 27.74  ? 101 ALA A CA  1 
ATOM   722  C  C   . ALA A 1 101 ? 2.138   -2.387  -10.220 1.00 27.74  ? 101 ALA A C   1 
ATOM   723  O  O   . ALA A 1 101 ? 0.918   -2.210  -10.282 1.00 27.74  ? 101 ALA A O   1 
ATOM   724  C  CB  . ALA A 1 101 ? 3.117   -3.872  -8.453  1.00 27.16  ? 101 ALA A CB  1 
ATOM   725  N  N   . GLN A 1 102 ? 3.017   -1.403  -10.407 1.00 28.11  ? 102 GLN A N   1 
ATOM   726  C  CA  . GLN A 1 102 ? 2.552   -0.057  -10.710 1.00 28.11  ? 102 GLN A CA  1 
ATOM   727  C  C   . GLN A 1 102 ? 1.790   -0.070  -12.030 1.00 28.11  ? 102 GLN A C   1 
ATOM   728  O  O   . GLN A 1 102 ? 0.729   0.550   -12.151 1.00 28.11  ? 102 GLN A O   1 
ATOM   729  C  CB  . GLN A 1 102 ? 3.721   0.932   -10.781 1.00 30.88  ? 102 GLN A CB  1 
ATOM   730  C  CG  . GLN A 1 102 ? 3.292   2.347   -11.167 1.00 30.88  ? 102 GLN A CG  1 
ATOM   731  C  CD  . GLN A 1 102 ? 4.257   3.422   -10.682 1.00 30.88  ? 102 GLN A CD  1 
ATOM   732  O  OE1 . GLN A 1 102 ? 5.462   3.358   -10.935 1.00 30.88  ? 102 GLN A OE1 1 
ATOM   733  N  NE2 . GLN A 1 102 ? 3.726   4.424   -9.987  1.00 30.88  ? 102 GLN A NE2 1 
ATOM   734  N  N   . GLU A 1 103 ? 2.320   -0.787  -13.017 1.00 24.16  ? 103 GLU A N   1 
ATOM   735  C  CA  . GLU A 1 103 ? 1.645   -0.863  -14.302 1.00 24.16  ? 103 GLU A CA  1 
ATOM   736  C  C   . GLU A 1 103 ? 0.255   -1.451  -14.134 1.00 24.16  ? 103 GLU A C   1 
ATOM   737  O  O   . GLU A 1 103 ? -0.716  -0.955  -14.723 1.00 24.16  ? 103 GLU A O   1 
ATOM   738  C  CB  . GLU A 1 103 ? 2.454   -1.696  -15.294 1.00 59.16  ? 103 GLU A CB  1 
ATOM   739  C  CG  . GLU A 1 103 ? 3.519   -0.877  -15.989 1.00 59.16  ? 103 GLU A CG  1 
ATOM   740  C  CD  . GLU A 1 103 ? 2.978   0.466   -16.466 1.00 59.16  ? 103 GLU A CD  1 
ATOM   741  O  OE1 . GLU A 1 103 ? 1.974   0.471   -17.215 1.00 59.16  ? 103 GLU A OE1 1 
ATOM   742  O  OE2 . GLU A 1 103 ? 3.554   1.513   -16.084 1.00 59.16  ? 103 GLU A OE2 1 
ATOM   743  N  N   . ARG A 1 104 ? 0.155   -2.495  -13.312 1.00 30.14  ? 104 ARG A N   1 
ATOM   744  C  CA  . ARG A 1 104 ? -1.128  -3.128  -13.069 1.00 30.14  ? 104 ARG A CA  1 
ATOM   745  C  C   . ARG A 1 104 ? -2.085  -2.064  -12.553 1.00 30.14  ? 104 ARG A C   1 
ATOM   746  O  O   . ARG A 1 104 ? -3.189  -1.906  -13.075 1.00 30.14  ? 104 ARG A O   1 
ATOM   747  C  CB  . ARG A 1 104 ? -0.986  -4.255  -12.043 1.00 48.19  ? 104 ARG A CB  1 
ATOM   748  C  CG  . ARG A 1 104 ? -2.185  -5.199  -11.967 1.00 48.19  ? 104 ARG A CG  1 
ATOM   749  C  CD  . ARG A 1 104 ? -1.929  -6.309  -10.956 1.00 48.19  ? 104 ARG A CD  1 
ATOM   750  N  NE  . ARG A 1 104 ? -2.637  -7.547  -11.283 1.00 48.19  ? 104 ARG A NE  1 
ATOM   751  C  CZ  . ARG A 1 104 ? -3.950  -7.716  -11.181 1.00 48.19  ? 104 ARG A CZ  1 
ATOM   752  N  NH1 . ARG A 1 104 ? -4.714  -6.725  -10.759 1.00 48.19  ? 104 ARG A NH1 1 
ATOM   753  N  NH2 . ARG A 1 104 ? -4.501  -8.876  -11.501 1.00 48.19  ? 104 ARG A NH2 1 
ATOM   754  N  N   . TRP A 1 105 ? -1.666  -1.317  -11.538 1.00 28.83  ? 105 TRP A N   1 
ATOM   755  C  CA  . TRP A 1 105 ? -2.537  -0.278  -11.007 1.00 28.83  ? 105 TRP A CA  1 
ATOM   756  C  C   . TRP A 1 105 ? -2.849  0.766   -12.071 1.00 28.83  ? 105 TRP A C   1 
ATOM   757  O  O   . TRP A 1 105 ? -3.971  1.281   -12.144 1.00 28.83  ? 105 TRP A O   1 
ATOM   758  C  CB  . TRP A 1 105 ? -1.901  0.400   -9.797  1.00 18.66  ? 105 TRP A CB  1 
ATOM   759  C  CG  . TRP A 1 105 ? -2.213  -0.269  -8.504  1.00 18.66  ? 105 TRP A CG  1 
ATOM   760  C  CD1 . TRP A 1 105 ? -1.343  -0.945  -7.700  1.00 18.66  ? 105 TRP A CD1 1 
ATOM   761  C  CD2 . TRP A 1 105 ? -3.479  -0.296  -7.842  1.00 18.66  ? 105 TRP A CD2 1 
ATOM   762  N  NE1 . TRP A 1 105 ? -1.988  -1.388  -6.568  1.00 18.66  ? 105 TRP A NE1 1 
ATOM   763  C  CE2 . TRP A 1 105 ? -3.301  -1.004  -6.630  1.00 18.66  ? 105 TRP A CE2 1 
ATOM   764  C  CE3 . TRP A 1 105 ? -4.746  0.211   -8.152  1.00 18.66  ? 105 TRP A CE3 1 
ATOM   765  C  CZ2 . TRP A 1 105 ? -4.347  -1.218  -5.722  1.00 18.66  ? 105 TRP A CZ2 1 
ATOM   766  C  CZ3 . TRP A 1 105 ? -5.788  0.002   -7.252  1.00 18.66  ? 105 TRP A CZ3 1 
ATOM   767  C  CH2 . TRP A 1 105 ? -5.580  -0.708  -6.048  1.00 18.66  ? 105 TRP A CH2 1 
ATOM   768  N  N   . ARG A 1 106 ? -1.856  1.081   -12.897 1.00 29.55  ? 106 ARG A N   1 
ATOM   769  C  CA  . ARG A 1 106 ? -2.060  2.063   -13.947 1.00 29.55  ? 106 ARG A CA  1 
ATOM   770  C  C   . ARG A 1 106 ? -3.162  1.616   -14.897 1.00 29.55  ? 106 ARG A C   1 
ATOM   771  O  O   . ARG A 1 106 ? -4.001  2.421   -15.302 1.00 29.55  ? 106 ARG A O   1 
ATOM   772  C  CB  . ARG A 1 106 ? -0.752  2.319   -14.700 1.00 36.67  ? 106 ARG A CB  1 
ATOM   773  C  CG  . ARG A 1 106 ? -0.016  3.533   -14.164 1.00 36.67  ? 106 ARG A CG  1 
ATOM   774  C  CD  . ARG A 1 106 ? 1.433   3.632   -14.610 1.00 36.67  ? 106 ARG A CD  1 
ATOM   775  N  NE  . ARG A 1 106 ? 2.029   4.853   -14.069 1.00 36.67  ? 106 ARG A NE  1 
ATOM   776  C  CZ  . ARG A 1 106 ? 3.333   5.077   -13.958 1.00 36.67  ? 106 ARG A CZ  1 
ATOM   777  N  NH1 . ARG A 1 106 ? 4.206   4.160   -14.354 1.00 36.67  ? 106 ARG A NH1 1 
ATOM   778  N  NH2 . ARG A 1 106 ? 3.762   6.219   -13.435 1.00 36.67  ? 106 ARG A NH2 1 
ATOM   779  N  N   . SER A 1 107 ? -3.179  0.329   -15.229 1.00 35.34  ? 107 SER A N   1 
ATOM   780  C  CA  . SER A 1 107 ? -4.197  -0.188  -16.130 1.00 35.34  ? 107 SER A CA  1 
ATOM   781  C  C   . SER A 1 107 ? -5.599  0.022   -15.554 1.00 35.34  ? 107 SER A C   1 
ATOM   782  O  O   . SER A 1 107 ? -6.517  0.388   -16.284 1.00 35.34  ? 107 SER A O   1 
ATOM   783  C  CB  . SER A 1 107 ? -3.975  -1.676  -16.402 1.00 50.04  ? 107 SER A CB  1 
ATOM   784  O  OG  . SER A 1 107 ? -4.341  -2.460  -15.282 1.00 50.04  ? 107 SER A OG  1 
ATOM   785  N  N   . PHE A 1 108 ? -5.766  -0.193  -14.251 1.00 31.61  ? 108 PHE A N   1 
ATOM   786  C  CA  . PHE A 1 108 ? -7.079  -0.023  -13.620 1.00 31.61  ? 108 PHE A CA  1 
ATOM   787  C  C   . PHE A 1 108 ? -7.482  1.431   -13.399 1.00 31.61  ? 108 PHE A C   1 
ATOM   788  O  O   . PHE A 1 108 ? -8.655  1.790   -13.514 1.00 31.61  ? 108 PHE A O   1 
ATOM   789  C  CB  . PHE A 1 108 ? -7.122  -0.732  -12.262 1.00 27.61  ? 108 PHE A CB  1 
ATOM   790  C  CG  . PHE A 1 108 ? -6.970  -2.216  -12.345 1.00 27.61  ? 108 PHE A CG  1 
ATOM   791  C  CD1 . PHE A 1 108 ? -5.928  -2.855  -11.680 1.00 27.61  ? 108 PHE A CD1 1 
ATOM   792  C  CD2 . PHE A 1 108 ? -7.868  -2.982  -13.088 1.00 27.61  ? 108 PHE A CD2 1 
ATOM   793  C  CE1 . PHE A 1 108 ? -5.780  -4.237  -11.753 1.00 27.61  ? 108 PHE A CE1 1 
ATOM   794  C  CE2 . PHE A 1 108 ? -7.731  -4.366  -13.169 1.00 27.61  ? 108 PHE A CE2 1 
ATOM   795  C  CZ  . PHE A 1 108 ? -6.684  -4.997  -12.500 1.00 27.61  ? 108 PHE A CZ  1 
ATOM   796  N  N   . VAL A 1 109 ? -6.503  2.258   -13.061 1.00 31.34  ? 109 VAL A N   1 
ATOM   797  C  CA  . VAL A 1 109 ? -6.742  3.668   -12.782 1.00 31.34  ? 109 VAL A CA  1 
ATOM   798  C  C   . VAL A 1 109 ? -7.184  4.507   -13.978 1.00 31.34  ? 109 VAL A C   1 
ATOM   799  O  O   . VAL A 1 109 ? -8.003  5.420   -13.835 1.00 31.34  ? 109 VAL A O   1 
ATOM   800  C  CB  . VAL A 1 109 ? -5.484  4.293   -12.151 1.00 35.24  ? 109 VAL A CB  1 
ATOM   801  C  CG1 . VAL A 1 109 ? -5.513  5.800   -12.291 1.00 35.24  ? 109 VAL A CG1 1 
ATOM   802  C  CG2 . VAL A 1 109 ? -5.416  3.907   -10.683 1.00 35.24  ? 109 VAL A CG2 1 
ATOM   803  N  N   . GLY A 1 110 ? -6.645  4.208   -15.154 1.00 30.29  ? 110 GLY A N   1 
ATOM   804  C  CA  . GLY A 1 110 ? -7.016  4.975   -16.328 1.00 30.29  ? 110 GLY A CA  1 
ATOM   805  C  C   . GLY A 1 110 ? -6.598  6.428   -16.195 1.00 30.29  ? 110 GLY A C   1 
ATOM   806  O  O   . GLY A 1 110 ? -5.512  6.717   -15.699 1.00 30.29  ? 110 GLY A O   1 
ATOM   807  N  N   . ASP A 1 111 ? -7.463  7.345   -16.620 1.00 36.01  ? 111 ASP A N   1 
ATOM   808  C  CA  . ASP A 1 111 ? -7.154  8.772   -16.557 1.00 36.01  ? 111 ASP A CA  1 
ATOM   809  C  C   . ASP A 1 111 ? -7.531  9.404   -15.222 1.00 36.01  ? 111 ASP A C   1 
ATOM   810  O  O   . ASP A 1 111 ? -7.566  10.627  -15.094 1.00 36.01  ? 111 ASP A O   1 
ATOM   811  C  CB  . ASP A 1 111 ? -7.869  9.511   -17.691 1.00 66.33  ? 111 ASP A CB  1 
ATOM   812  C  CG  . ASP A 1 111 ? -9.375  9.466   -17.555 1.00 66.33  ? 111 ASP A CG  1 
ATOM   813  O  OD1 . ASP A 1 111 ? -9.901  10.017  -16.568 1.00 66.33  ? 111 ASP A OD1 1 
ATOM   814  O  OD2 . ASP A 1 111 ? -10.035 8.879   -18.434 1.00 66.33  ? 111 ASP A OD2 1 
ATOM   815  N  N   . LEU A 1 112 ? -7.822  8.570   -14.231 1.00 28.79  ? 112 LEU A N   1 
ATOM   816  C  CA  . LEU A 1 112 ? -8.194  9.064   -12.908 1.00 28.79  ? 112 LEU A CA  1 
ATOM   817  C  C   . LEU A 1 112 ? -7.015  9.823   -12.289 1.00 28.79  ? 112 LEU A C   1 
ATOM   818  O  O   . LEU A 1 112 ? -5.870  9.376   -12.370 1.00 28.79  ? 112 LEU A O   1 
ATOM   819  C  CB  . LEU A 1 112 ? -8.583  7.889   -12.012 1.00 43.94  ? 112 LEU A CB  1 
ATOM   820  C  CG  . LEU A 1 112 ? -9.102  8.241   -10.620 1.00 43.94  ? 112 LEU A CG  1 
ATOM   821  C  CD1 . LEU A 1 112 ? -10.470 8.881   -10.740 1.00 43.94  ? 112 LEU A CD1 1 
ATOM   822  C  CD2 . LEU A 1 112 ? -9.182  6.984   -9.767  1.00 43.94  ? 112 LEU A CD2 1 
ATOM   823  N  N   . ASP A 1 113 ? -7.287  10.970  -11.678 1.00 31.91  ? 113 ASP A N   1 
ATOM   824  C  CA  . ASP A 1 113 ? -6.213  11.743  -11.068 1.00 31.91  ? 113 ASP A CA  1 
ATOM   825  C  C   . ASP A 1 113 ? -5.729  11.046  -9.801  1.00 31.91  ? 113 ASP A C   1 
ATOM   826  O  O   . ASP A 1 113 ? -6.433  11.001  -8.784  1.00 31.91  ? 113 ASP A O   1 
ATOM   827  C  CB  . ASP A 1 113 ? -6.681  13.160  -10.736 1.00 80.65  ? 113 ASP A CB  1 
ATOM   828  C  CG  . ASP A 1 113 ? -5.532  14.069  -10.344 1.00 80.65  ? 113 ASP A CG  1 
ATOM   829  O  OD1 . ASP A 1 113 ? -4.910  13.831  -9.287  1.00 80.65  ? 113 ASP A OD1 1 
ATOM   830  O  OD2 . ASP A 1 113 ? -5.242  15.019  -11.101 1.00 80.65  ? 113 ASP A OD2 1 
ATOM   831  N  N   . VAL A 1 114 ? -4.512  10.519  -9.871  1.00 28.10  ? 114 VAL A N   1 
ATOM   832  C  CA  . VAL A 1 114 ? -3.920  9.795   -8.762  1.00 28.10  ? 114 VAL A CA  1 
ATOM   833  C  C   . VAL A 1 114 ? -2.621  10.404  -8.243  1.00 28.10  ? 114 VAL A C   1 
ATOM   834  O  O   . VAL A 1 114 ? -1.793  10.889  -9.016  1.00 28.10  ? 114 VAL A O   1 
ATOM   835  C  CB  . VAL A 1 114 ? -3.646  8.329   -9.178  1.00 22.01  ? 114 VAL A CB  1 
ATOM   836  C  CG1 . VAL A 1 114 ? -2.710  7.647   -8.174  1.00 22.01  ? 114 VAL A CG1 1 
ATOM   837  C  CG2 . VAL A 1 114 ? -4.970  7.575   -9.283  1.00 22.01  ? 114 VAL A CG2 1 
ATOM   838  N  N   . LEU A 1 115 ? -2.450  10.363  -6.926  1.00 24.68  ? 115 LEU A N   1 
ATOM   839  C  CA  . LEU A 1 115 ? -1.245  10.871  -6.284  1.00 24.68  ? 115 LEU A CA  1 
ATOM   840  C  C   . LEU A 1 115 ? -0.449  9.644   -5.837  1.00 24.68  ? 115 LEU A C   1 
ATOM   841  O  O   . LEU A 1 115 ? -0.833  8.962   -4.883  1.00 24.68  ? 115 LEU A O   1 
ATOM   842  C  CB  . LEU A 1 115 ? -1.622  11.736  -5.075  1.00 20.16  ? 115 LEU A CB  1 
ATOM   843  C  CG  . LEU A 1 115 ? -0.606  12.705  -4.452  1.00 20.16  ? 115 LEU A CG  1 
ATOM   844  C  CD1 . LEU A 1 115 ? -0.226  12.227  -3.079  1.00 20.16  ? 115 LEU A CD1 1 
ATOM   845  C  CD2 . LEU A 1 115 ? 0.616   12.856  -5.343  1.00 20.16  ? 115 LEU A CD2 1 
ATOM   846  N  N   . TRP A 1 116 ? 0.639   9.350   -6.550  1.00 25.63  ? 116 TRP A N   1 
ATOM   847  C  CA  . TRP A 1 116 ? 1.487   8.197   -6.240  1.00 25.63  ? 116 TRP A CA  1 
ATOM   848  C  C   . TRP A 1 116 ? 2.512   8.517   -5.162  1.00 25.63  ? 116 TRP A C   1 
ATOM   849  O  O   . TRP A 1 116 ? 3.379   9.377   -5.345  1.00 25.63  ? 116 TRP A O   1 
ATOM   850  C  CB  . TRP A 1 116 ? 2.217   7.711   -7.493  1.00 30.15  ? 116 TRP A CB  1 
ATOM   851  C  CG  . TRP A 1 116 ? 1.291   7.300   -8.591  1.00 30.15  ? 116 TRP A CG  1 
ATOM   852  C  CD1 . TRP A 1 116 ? 0.638   8.123   -9.465  1.00 30.15  ? 116 TRP A CD1 1 
ATOM   853  C  CD2 . TRP A 1 116 ? 0.871   5.968   -8.904  1.00 30.15  ? 116 TRP A CD2 1 
ATOM   854  N  NE1 . TRP A 1 116 ? -0.163  7.383   -10.303 1.00 30.15  ? 116 TRP A NE1 1 
ATOM   855  C  CE2 . TRP A 1 116 ? -0.039  6.058   -9.981  1.00 30.15  ? 116 TRP A CE2 1 
ATOM   856  C  CE3 . TRP A 1 116 ? 1.174   4.706   -8.378  1.00 30.15  ? 116 TRP A CE3 1 
ATOM   857  C  CZ2 . TRP A 1 116 ? -0.653  4.933   -10.544 1.00 30.15  ? 116 TRP A CZ2 1 
ATOM   858  C  CZ3 . TRP A 1 116 ? 0.562   3.581   -8.939  1.00 30.15  ? 116 TRP A CZ3 1 
ATOM   859  C  CH2 . TRP A 1 116 ? -0.339  3.705   -10.013 1.00 30.15  ? 116 TRP A CH2 1 
ATOM   860  N  N   . VAL A 1 117 ? 2.419   7.799   -4.048  1.00 20.41  ? 117 VAL A N   1 
ATOM   861  C  CA  . VAL A 1 117 ? 3.313   8.012   -2.925  1.00 20.41  ? 117 VAL A CA  1 
ATOM   862  C  C   . VAL A 1 117 ? 4.239   6.837   -2.620  1.00 20.41  ? 117 VAL A C   1 
ATOM   863  O  O   . VAL A 1 117 ? 3.813   5.679   -2.607  1.00 20.41  ? 117 VAL A O   1 
ATOM   864  C  CB  . VAL A 1 117 ? 2.505   8.315   -1.662  1.00 17.10  ? 117 VAL A CB  1 
ATOM   865  C  CG1 . VAL A 1 117 ? 3.443   8.477   -0.468  1.00 17.10  ? 117 VAL A CG1 1 
ATOM   866  C  CG2 . VAL A 1 117 ? 1.664   9.560   -1.884  1.00 17.10  ? 117 VAL A CG2 1 
ATOM   867  N  N   . GLY A 1 118 ? 5.507   7.155   -2.366  1.00 22.71  ? 118 GLY A N   1 
ATOM   868  C  CA  . GLY A 1 118 ? 6.485   6.140   -2.025  1.00 22.71  ? 118 GLY A CA  1 
ATOM   869  C  C   . GLY A 1 118 ? 6.802   6.263   -0.544  1.00 22.71  ? 118 GLY A C   1 
ATOM   870  O  O   . GLY A 1 118 ? 7.116   7.355   -0.060  1.00 22.71  ? 118 GLY A O   1 
ATOM   871  N  N   . VAL A 1 119 ? 6.698   5.160   0.189   1.00 24.17  ? 119 VAL A N   1 
ATOM   872  C  CA  . VAL A 1 119 ? 6.985   5.176   1.621   1.00 24.17  ? 119 VAL A CA  1 
ATOM   873  C  C   . VAL A 1 119 ? 8.196   4.294   1.883   1.00 24.17  ? 119 VAL A C   1 
ATOM   874  O  O   . VAL A 1 119 ? 8.094   3.068   1.863   1.00 24.17  ? 119 VAL A O   1 
ATOM   875  C  CB  . VAL A 1 119 ? 5.798   4.632   2.440   1.00 22.87  ? 119 VAL A CB  1 
ATOM   876  C  CG1 . VAL A 1 119 ? 6.095   4.747   3.928   1.00 22.87  ? 119 VAL A CG1 1 
ATOM   877  C  CG2 . VAL A 1 119 ? 4.535   5.390   2.090   1.00 22.87  ? 119 VAL A CG2 1 
ATOM   878  N  N   . ARG A 1 120 ? 9.341   4.924   2.119   1.00 32.14  ? 120 ARG A N   1 
ATOM   879  C  CA  . ARG A 1 120 ? 10.572  4.186   2.370   1.00 32.14  ? 120 ARG A CA  1 
ATOM   880  C  C   . ARG A 1 120 ? 10.908  4.112   3.848   1.00 32.14  ? 120 ARG A C   1 
ATOM   881  O  O   . ARG A 1 120 ? 10.398  4.885   4.661   1.00 32.14  ? 120 ARG A O   1 
ATOM   882  C  CB  . ARG A 1 120 ? 11.743  4.840   1.636   1.00 33.91  ? 120 ARG A CB  1 
ATOM   883  C  CG  . ARG A 1 120 ? 11.674  4.755   0.123   1.00 33.91  ? 120 ARG A CG  1 
ATOM   884  C  CD  . ARG A 1 120 ? 12.756  5.627   -0.513  1.00 33.91  ? 120 ARG A CD  1 
ATOM   885  N  NE  . ARG A 1 120 ? 12.621  5.692   -1.965  1.00 33.91  ? 120 ARG A NE  1 
ATOM   886  C  CZ  . ARG A 1 120 ? 12.937  4.702   -2.796  1.00 33.91  ? 120 ARG A CZ  1 
ATOM   887  N  NH1 . ARG A 1 120 ? 13.416  3.557   -2.318  1.00 33.91  ? 120 ARG A NH1 1 
ATOM   888  N  NH2 . ARG A 1 120 ? 12.756  4.854   -4.105  1.00 33.91  ? 120 ARG A NH2 1 
ATOM   889  N  N   . CYS A 1 121 ? 11.776  3.169   4.185   1.00 19.48  ? 121 CYS A N   1 
ATOM   890  C  CA  . CYS A 1 121 ? 12.239  2.985   5.551   1.00 19.48  ? 121 CYS A CA  1 
ATOM   891  C  C   . CYS A 1 121 ? 13.372  1.975   5.494   1.00 19.48  ? 121 CYS A C   1 
ATOM   892  O  O   . CYS A 1 121 ? 13.258  0.953   4.815   1.00 19.48  ? 121 CYS A O   1 
ATOM   893  C  CB  . CYS A 1 121 ? 11.116  2.457   6.439   1.00 26.42  ? 121 CYS A CB  1 
ATOM   894  S  SG  . CYS A 1 121 ? 11.622  2.274   8.161   1.00 26.42  ? 121 CYS A SG  1 
ATOM   895  N  N   . ASP A 1 122 ? 14.469  2.252   6.191   1.00 25.07  ? 122 ASP A N   1 
ATOM   896  C  CA  . ASP A 1 122 ? 15.593  1.326   6.167   1.00 25.07  ? 122 ASP A CA  1 
ATOM   897  C  C   . ASP A 1 122 ? 15.181  -0.073  6.607   1.00 25.07  ? 122 ASP A C   1 
ATOM   898  O  O   . ASP A 1 122 ? 14.389  -0.242  7.542   1.00 25.07  ? 122 ASP A O   1 
ATOM   899  C  CB  . ASP A 1 122 ? 16.742  1.841   7.036   1.00 88.26  ? 122 ASP A CB  1 
ATOM   900  C  CG  . ASP A 1 122 ? 17.396  3.080   6.452   1.00 88.26  ? 122 ASP A CG  1 
ATOM   901  O  OD1 . ASP A 1 122 ? 17.674  3.090   5.233   1.00 88.26  ? 122 ASP A OD1 1 
ATOM   902  O  OD2 . ASP A 1 122 ? 17.638  4.042   7.210   1.00 88.26  ? 122 ASP A OD2 1 
ATOM   903  N  N   . GLY A 1 123 ? 15.727  -1.068  5.911   1.00 23.03  ? 123 GLY A N   1 
ATOM   904  C  CA  . GLY A 1 123 ? 15.426  -2.457  6.203   1.00 23.03  ? 123 GLY A CA  1 
ATOM   905  C  C   . GLY A 1 123 ? 15.612  -2.869  7.652   1.00 23.03  ? 123 GLY A C   1 
ATOM   906  O  O   . GLY A 1 123 ? 14.709  -3.449  8.256   1.00 23.03  ? 123 GLY A O   1 
ATOM   907  N  N   . ALA A 1 124 ? 16.777  -2.576  8.220   1.00 23.87  ? 124 ALA A N   1 
ATOM   908  C  CA  . ALA A 1 124 ? 17.033  -2.951  9.603   1.00 23.87  ? 124 ALA A CA  1 
ATOM   909  C  C   . ALA A 1 124 ? 16.033  -2.289  10.540  1.00 23.87  ? 124 ALA A C   1 
ATOM   910  O  O   . ALA A 1 124 ? 15.536  -2.922  11.470  1.00 23.87  ? 124 ALA A O   1 
ATOM   911  C  CB  . ALA A 1 124 ? 18.456  -2.572  9.998   1.00 5.47   ? 124 ALA A CB  1 
ATOM   912  N  N   . VAL A 1 125 ? 15.736  -1.017  10.300  1.00 24.98  ? 125 VAL A N   1 
ATOM   913  C  CA  . VAL A 1 125 ? 14.785  -0.312  11.148  1.00 24.98  ? 125 VAL A CA  1 
ATOM   914  C  C   . VAL A 1 125 ? 13.398  -0.918  11.007  1.00 24.98  ? 125 VAL A C   1 
ATOM   915  O  O   . VAL A 1 125 ? 12.704  -1.145  12.004  1.00 24.98  ? 125 VAL A O   1 
ATOM   916  C  CB  . VAL A 1 125 ? 14.707  1.186   10.796  1.00 17.61  ? 125 VAL A CB  1 
ATOM   917  C  CG1 . VAL A 1 125 ? 13.559  1.852   11.568  1.00 17.61  ? 125 VAL A CG1 1 
ATOM   918  C  CG2 . VAL A 1 125 ? 16.016  1.854   11.143  1.00 17.61  ? 125 VAL A CG2 1 
ATOM   919  N  N   . ALA A 1 126 ? 12.994  -1.175  9.768   1.00 22.73  ? 126 ALA A N   1 
ATOM   920  C  CA  . ALA A 1 126 ? 11.686  -1.759  9.517   1.00 22.73  ? 126 ALA A CA  1 
ATOM   921  C  C   . ALA A 1 126 ? 11.586  -3.080  10.281  1.00 22.73  ? 126 ALA A C   1 
ATOM   922  O  O   . ALA A 1 126 ? 10.586  -3.349  10.956  1.00 22.73  ? 126 ALA A O   1 
ATOM   923  C  CB  . ALA A 1 126 ? 11.487  -1.988  8.017   1.00 8.25   ? 126 ALA A CB  1 
ATOM   924  N  N   . GLU A 1 127 ? 12.637  -3.889  10.180  1.00 23.19  ? 127 GLU A N   1 
ATOM   925  C  CA  . GLU A 1 127 ? 12.685  -5.179  10.859  1.00 23.19  ? 127 GLU A CA  1 
ATOM   926  C  C   . GLU A 1 127 ? 12.428  -5.000  12.353  1.00 23.19  ? 127 GLU A C   1 
ATOM   927  O  O   . GLU A 1 127 ? 11.664  -5.762  12.966  1.00 23.19  ? 127 GLU A O   1 
ATOM   928  C  CB  . GLU A 1 127 ? 14.049  -5.826  10.655  1.00 35.07  ? 127 GLU A CB  1 
ATOM   929  C  CG  . GLU A 1 127 ? 14.155  -7.241  11.187  1.00 35.07  ? 127 GLU A CG  1 
ATOM   930  C  CD  . GLU A 1 127 ? 15.582  -7.746  11.169  1.00 35.07  ? 127 GLU A CD  1 
ATOM   931  O  OE1 . GLU A 1 127 ? 16.370  -7.347  12.056  1.00 35.07  ? 127 GLU A OE1 1 
ATOM   932  O  OE2 . GLU A 1 127 ? 15.924  -8.530  10.262  1.00 35.07  ? 127 GLU A OE2 1 
ATOM   933  N  N   . GLY A 1 128 ? 13.076  -3.994  12.936  1.00 18.67  ? 128 GLY A N   1 
ATOM   934  C  CA  . GLY A 1 128 ? 12.895  -3.730  14.350  1.00 18.67  ? 128 GLY A CA  1 
ATOM   935  C  C   . GLY A 1 128 ? 11.443  -3.412  14.666  1.00 18.67  ? 128 GLY A C   1 
ATOM   936  O  O   . GLY A 1 128 ? 10.871  -3.921  15.639  1.00 18.67  ? 128 GLY A O   1 
ATOM   937  N  N   . ARG A 1 129 ? 10.840  -2.564  13.840  1.00 18.28  ? 129 ARG A N   1 
ATOM   938  C  CA  . ARG A 1 129 ? 9.451   -2.193  14.038  1.00 18.28  ? 129 ARG A CA  1 
ATOM   939  C  C   . ARG A 1 129 ? 8.546   -3.407  13.861  1.00 18.28  ? 129 ARG A C   1 
ATOM   940  O  O   . ARG A 1 129 ? 7.525   -3.536  14.534  1.00 18.28  ? 129 ARG A O   1 
ATOM   941  C  CB  . ARG A 1 129 ? 9.069   -1.080  13.064  1.00 20.09  ? 129 ARG A CB  1 
ATOM   942  C  CG  . ARG A 1 129 ? 9.796   0.223   13.360  1.00 20.09  ? 129 ARG A CG  1 
ATOM   943  C  CD  . ARG A 1 129 ? 9.425   1.317   12.391  1.00 20.09  ? 129 ARG A CD  1 
ATOM   944  N  NE  . ARG A 1 129 ? 10.240  2.508   12.610  1.00 20.09  ? 129 ARG A NE  1 
ATOM   945  C  CZ  . ARG A 1 129 ? 10.255  3.564   11.801  1.00 20.09  ? 129 ARG A CZ  1 
ATOM   946  N  NH1 . ARG A 1 129 ? 9.496   3.581   10.713  1.00 20.09  ? 129 ARG A NH1 1 
ATOM   947  N  NH2 . ARG A 1 129 ? 11.040  4.599   12.077  1.00 20.09  ? 129 ARG A NH2 1 
ATOM   948  N  N   . GLU A 1 130 ? 8.932   -4.302  12.962  1.00 24.50  ? 130 GLU A N   1 
ATOM   949  C  CA  . GLU A 1 130 ? 8.164   -5.513  12.712  1.00 24.50  ? 130 GLU A CA  1 
ATOM   950  C  C   . GLU A 1 130 ? 8.097   -6.306  14.016  1.00 24.50  ? 130 GLU A C   1 
ATOM   951  O  O   . GLU A 1 130 ? 7.061   -6.879  14.367  1.00 24.50  ? 130 GLU A O   1 
ATOM   952  C  CB  . GLU A 1 130 ? 8.855   -6.337  11.626  1.00 26.48  ? 130 GLU A CB  1 
ATOM   953  C  CG  . GLU A 1 130 ? 8.111   -7.565  11.166  1.00 26.48  ? 130 GLU A CG  1 
ATOM   954  C  CD  . GLU A 1 130 ? 8.865   -8.295  10.072  1.00 26.48  ? 130 GLU A CD  1 
ATOM   955  O  OE1 . GLU A 1 130 ? 9.945   -8.856  10.363  1.00 26.48  ? 130 GLU A OE1 1 
ATOM   956  O  OE2 . GLU A 1 130 ? 8.390   -8.298  8.916   1.00 26.48  ? 130 GLU A OE2 1 
ATOM   957  N  N   . THR A 1 131 ? 9.211   -6.332  14.738  1.00 19.70  ? 131 THR A N   1 
ATOM   958  C  CA  . THR A 1 131 ? 9.270   -7.041  16.002  1.00 19.70  ? 131 THR A CA  1 
ATOM   959  C  C   . THR A 1 131 ? 8.448   -6.293  17.033  1.00 19.70  ? 131 THR A C   1 
ATOM   960  O  O   . THR A 1 131 ? 7.681   -6.891  17.787  1.00 19.70  ? 131 THR A O   1 
ATOM   961  C  CB  . THR A 1 131 ? 10.712  -7.138  16.526  1.00 24.40  ? 131 THR A CB  1 
ATOM   962  O  OG1 . THR A 1 131 ? 11.522  -7.829  15.570  1.00 24.40  ? 131 THR A OG1 1 
ATOM   963  C  CG2 . THR A 1 131 ? 10.748  -7.881  17.850  1.00 24.40  ? 131 THR A CG2 1 
ATOM   964  N  N   . ALA A 1 132 ? 8.612   -4.978  17.070  1.00 20.20  ? 132 ALA A N   1 
ATOM   965  C  CA  . ALA A 1 132 ? 7.881   -4.162  18.028  1.00 20.20  ? 132 ALA A CA  1 
ATOM   966  C  C   . ALA A 1 132 ? 6.369   -4.321  17.871  1.00 20.20  ? 132 ALA A C   1 
ATOM   967  O  O   . ALA A 1 132 ? 5.639   -4.436  18.859  1.00 20.20  ? 132 ALA A O   1 
ATOM   968  C  CB  . ALA A 1 132 ? 8.269   -2.700  17.867  1.00 14.09  ? 132 ALA A CB  1 
ATOM   969  N  N   . ARG A 1 133 ? 5.904   -4.331  16.626  1.00 36.40  ? 133 ARG A N   1 
ATOM   970  C  CA  . ARG A 1 133 ? 4.479   -4.447  16.363  1.00 36.40  ? 133 ARG A CA  1 
ATOM   971  C  C   . ARG A 1 133 ? 3.944   -5.816  16.768  1.00 36.40  ? 133 ARG A C   1 
ATOM   972  O  O   . ARG A 1 133 ? 2.777   -5.951  17.133  1.00 36.40  ? 133 ARG A O   1 
ATOM   973  C  CB  . ARG A 1 133 ? 4.189   -4.189  14.882  1.00 46.00  ? 133 ARG A CB  1 
ATOM   974  C  CG  . ARG A 1 133 ? 2.710   -4.007  14.574  1.00 46.00  ? 133 ARG A CG  1 
ATOM   975  C  CD  . ARG A 1 133 ? 2.424   -4.161  13.086  1.00 46.00  ? 133 ARG A CD  1 
ATOM   976  N  NE  . ARG A 1 133 ? 2.675   -2.947  12.320  1.00 46.00  ? 133 ARG A NE  1 
ATOM   977  C  CZ  . ARG A 1 133 ? 2.941   -2.935  11.018  1.00 46.00  ? 133 ARG A CZ  1 
ATOM   978  N  NH1 . ARG A 1 133 ? 3.001   -4.073  10.339  1.00 46.00  ? 133 ARG A NH1 1 
ATOM   979  N  NH2 . ARG A 1 133 ? 3.130   -1.783  10.391  1.00 46.00  ? 133 ARG A NH2 1 
ATOM   980  N  N   . GLY A 1 134 ? 4.803   -6.829  16.710  1.00 34.53  ? 134 GLY A N   1 
ATOM   981  C  CA  . GLY A 1 134 ? 4.380   -8.170  17.068  1.00 34.53  ? 134 GLY A CA  1 
ATOM   982  C  C   . GLY A 1 134 ? 3.806   -8.959  15.899  1.00 34.53  ? 134 GLY A C   1 
ATOM   983  O  O   . GLY A 1 134 ? 3.025   -9.894  16.099  1.00 34.53  ? 134 GLY A O   1 
ATOM   984  N  N   . ASP A 1 135 ? 4.190   -8.581  14.679  1.00 54.75  ? 135 ASP A N   1 
ATOM   985  C  CA  . ASP A 1 135 ? 3.719   -9.260  13.471  1.00 54.75  ? 135 ASP A CA  1 
ATOM   986  C  C   . ASP A 1 135 ? 3.988   -10.756 13.563  1.00 54.75  ? 135 ASP A C   1 
ATOM   987  O  O   . ASP A 1 135 ? 5.066   -11.177 13.982  1.00 54.75  ? 135 ASP A O   1 
ATOM   988  C  CB  . ASP A 1 135 ? 4.426   -8.710  12.226  1.00 64.19  ? 135 ASP A CB  1 
ATOM   989  C  CG  . ASP A 1 135 ? 3.933   -7.330  11.828  1.00 64.19  ? 135 ASP A CG  1 
ATOM   990  O  OD1 . ASP A 1 135 ? 3.969   -6.414  12.675  1.00 64.19  ? 135 ASP A OD1 1 
ATOM   991  O  OD2 . ASP A 1 135 ? 3.515   -7.162  10.662  1.00 64.19  ? 135 ASP A OD2 1 
ATOM   992  N  N   . ARG A 1 136 ? 3.001   -11.548 13.160  1.00 74.09  ? 136 ARG A N   1 
ATOM   993  C  CA  . ARG A 1 136 ? 3.112   -13.000 13.189  1.00 74.09  ? 136 ARG A CA  1 
ATOM   994  C  C   . ARG A 1 136 ? 4.380   -13.503 12.504  1.00 74.09  ? 136 ARG A C   1 
ATOM   995  O  O   . ARG A 1 136 ? 5.259   -14.079 13.143  1.00 74.09  ? 136 ARG A O   1 
ATOM   996  C  CB  . ARG A 1 136 ? 1.904   -13.632 12.501  1.00 99.76  ? 136 ARG A CB  1 
ATOM   997  C  CG  . ARG A 1 136 ? 0.576   -13.421 13.199  1.00 99.76  ? 136 ARG A CG  1 
ATOM   998  C  CD  . ARG A 1 136 ? -0.543  -13.923 12.307  1.00 99.76  ? 136 ARG A CD  1 
ATOM   999  N  NE  . ARG A 1 136 ? -0.240  -15.255 11.788  1.00 99.76  ? 136 ARG A NE  1 
ATOM   1000 C  CZ  . ARG A 1 136 ? -0.823  -15.792 10.722  1.00 99.76  ? 136 ARG A CZ  1 
ATOM   1001 N  NH1 . ARG A 1 136 ? -1.746  -15.112 10.055  1.00 99.76  ? 136 ARG A NH1 1 
ATOM   1002 N  NH2 . ARG A 1 136 ? -0.476  -17.007 10.317  1.00 99.76  ? 136 ARG A NH2 1 
ATOM   1003 N  N   . VAL A 1 137 ? 4.464   -13.278 11.196  1.00 48.58  ? 137 VAL A N   1 
ATOM   1004 C  CA  . VAL A 1 137 ? 5.603   -13.736 10.420  1.00 48.58  ? 137 VAL A CA  1 
ATOM   1005 C  C   . VAL A 1 137 ? 6.710   -12.705 10.265  1.00 48.58  ? 137 VAL A C   1 
ATOM   1006 O  O   . VAL A 1 137 ? 6.581   -11.733 9.521   1.00 48.58  ? 137 VAL A O   1 
ATOM   1007 C  CB  . VAL A 1 137 ? 5.155   -14.212 9.014   1.00 56.11  ? 137 VAL A CB  1 
ATOM   1008 C  CG1 . VAL A 1 137 ? 4.195   -15.379 9.150   1.00 56.11  ? 137 VAL A CG1 1 
ATOM   1009 C  CG2 . VAL A 1 137 ? 4.482   -13.083 8.260   1.00 56.11  ? 137 VAL A CG2 1 
ATOM   1010 N  N   . ALA A 1 138 ? 7.807   -12.933 10.976  1.00 35.97  ? 138 ALA A N   1 
ATOM   1011 C  CA  . ALA A 1 138 ? 8.956   -12.045 10.917  1.00 35.97  ? 138 ALA A CA  1 
ATOM   1012 C  C   . ALA A 1 138 ? 9.707   -12.281 9.613   1.00 35.97  ? 138 ALA A C   1 
ATOM   1013 O  O   . ALA A 1 138 ? 9.674   -13.386 9.066   1.00 35.97  ? 138 ALA A O   1 
ATOM   1014 C  CB  . ALA A 1 138 ? 9.883   -12.316 12.098  1.00 19.73  ? 138 ALA A CB  1 
ATOM   1015 N  N   . GLY A 1 139 ? 10.381  -11.246 9.121   1.00 28.91  ? 139 GLY A N   1 
ATOM   1016 C  CA  . GLY A 1 139 ? 11.151  -11.381 7.899   1.00 28.91  ? 139 GLY A CA  1 
ATOM   1017 C  C   . GLY A 1 139 ? 10.644  -10.570 6.724   1.00 28.91  ? 139 GLY A C   1 
ATOM   1018 O  O   . GLY A 1 139 ? 11.414  -10.240 5.821   1.00 28.91  ? 139 GLY A O   1 
HETATM 1019 N  N   . MSE A 1 140 ? 9.355   -10.241 6.723   1.00 31.49  ? 140 MSE A N   1 
HETATM 1020 C  CA  . MSE A 1 140 ? 8.777   -9.467  5.625   1.00 31.49  ? 140 MSE A CA  1 
HETATM 1021 C  C   . MSE A 1 140 ? 9.404   -8.084  5.457   1.00 31.49  ? 140 MSE A C   1 
HETATM 1022 O  O   . MSE A 1 140 ? 9.782   -7.696  4.347   1.00 31.49  ? 140 MSE A O   1 
HETATM 1023 C  CB  . MSE A 1 140 ? 7.276   -9.299  5.822   1.00 86.96  ? 140 MSE A CB  1 
HETATM 1024 C  CG  . MSE A 1 140 ? 6.509   -10.590 5.873   1.00 86.96  ? 140 MSE A CG  1 
HETATM 1025 SE SE  . MSE A 1 140 ? 4.736   -10.245 5.934   1.00 86.96  ? 140 MSE A SE  1 
HETATM 1026 C  CE  . MSE A 1 140 ? 4.545   -9.782  7.682   1.00 86.96  ? 140 MSE A CE  1 
ATOM   1027 N  N   . ALA A 1 141 ? 9.505   -7.346  6.560   1.00 21.44  ? 141 ALA A N   1 
ATOM   1028 C  CA  . ALA A 1 141 ? 10.067  -6.001  6.538   1.00 21.44  ? 141 ALA A CA  1 
ATOM   1029 C  C   . ALA A 1 141 ? 11.387  -5.933  5.769   1.00 21.44  ? 141 ALA A C   1 
ATOM   1030 O  O   . ALA A 1 141 ? 11.533  -5.147  4.827   1.00 21.44  ? 141 ALA A O   1 
ATOM   1031 C  CB  . ALA A 1 141 ? 10.265  -5.502  7.961   1.00 27.13  ? 141 ALA A CB  1 
ATOM   1032 N  N   . ALA A 1 142 ? 12.347  -6.759  6.161   1.00 30.51  ? 142 ALA A N   1 
ATOM   1033 C  CA  . ALA A 1 142 ? 13.641  -6.758  5.498   1.00 30.51  ? 142 ALA A CA  1 
ATOM   1034 C  C   . ALA A 1 142 ? 13.523  -7.142  4.028   1.00 30.51  ? 142 ALA A C   1 
ATOM   1035 O  O   . ALA A 1 142 ? 14.030  -6.445  3.151   1.00 30.51  ? 142 ALA A O   1 
ATOM   1036 C  CB  . ALA A 1 142 ? 14.593  -7.704  6.211   1.00 22.31  ? 142 ALA A CB  1 
ATOM   1037 N  N   . LYS A 1 143 ? 12.843  -8.245  3.754   1.00 29.06  ? 143 LYS A N   1 
ATOM   1038 C  CA  . LYS A 1 143 ? 12.690  -8.706  2.382   1.00 29.06  ? 143 LYS A CA  1 
ATOM   1039 C  C   . LYS A 1 143 ? 12.042  -7.703  1.438   1.00 29.06  ? 143 LYS A C   1 
ATOM   1040 O  O   . LYS A 1 143 ? 12.413  -7.628  0.267   1.00 29.06  ? 143 LYS A O   1 
ATOM   1041 C  CB  . LYS A 1 143 ? 11.891  -10.009 2.352   1.00 40.78  ? 143 LYS A CB  1 
ATOM   1042 C  CG  . LYS A 1 143 ? 12.646  -11.212 2.881   1.00 40.78  ? 143 LYS A CG  1 
ATOM   1043 C  CD  . LYS A 1 143 ? 11.758  -12.447 2.926   1.00 40.78  ? 143 LYS A CD  1 
ATOM   1044 C  CE  . LYS A 1 143 ? 12.571  -13.711 3.174   1.00 40.78  ? 143 LYS A CE  1 
ATOM   1045 N  NZ  . LYS A 1 143 ? 13.526  -13.987 2.055   1.00 40.78  ? 143 LYS A NZ  1 
ATOM   1046 N  N   . GLN A 1 144 ? 11.093  -6.917  1.936   1.00 29.44  ? 144 GLN A N   1 
ATOM   1047 C  CA  . GLN A 1 144 ? 10.385  -5.975  1.072   1.00 29.44  ? 144 GLN A CA  1 
ATOM   1048 C  C   . GLN A 1 144 ? 10.877  -4.527  1.084   1.00 29.44  ? 144 GLN A C   1 
ATOM   1049 O  O   . GLN A 1 144 ? 10.513  -3.738  0.207   1.00 29.44  ? 144 GLN A O   1 
ATOM   1050 C  CB  . GLN A 1 144 ? 8.897   -6.000  1.421   1.00 29.93  ? 144 GLN A CB  1 
ATOM   1051 C  CG  . GLN A 1 144 ? 8.371   -7.390  1.715   1.00 29.93  ? 144 GLN A CG  1 
ATOM   1052 C  CD  . GLN A 1 144 ? 6.925   -7.383  2.155   1.00 29.93  ? 144 GLN A CD  1 
ATOM   1053 O  OE1 . GLN A 1 144 ? 6.474   -6.455  2.828   1.00 29.93  ? 144 GLN A OE1 1 
ATOM   1054 N  NE2 . GLN A 1 144 ? 6.192   -8.429  1.794   1.00 29.93  ? 144 GLN A NE2 1 
ATOM   1055 N  N   . ALA A 1 145 ? 11.712  -4.186  2.058   1.00 22.81  ? 145 ALA A N   1 
ATOM   1056 C  CA  . ALA A 1 145 ? 12.215  -2.826  2.198   1.00 22.81  ? 145 ALA A CA  1 
ATOM   1057 C  C   . ALA A 1 145 ? 12.685  -2.111  0.929   1.00 22.81  ? 145 ALA A C   1 
ATOM   1058 O  O   . ALA A 1 145 ? 12.441  -0.914  0.770   1.00 22.81  ? 145 ALA A O   1 
ATOM   1059 C  CB  . ALA A 1 145 ? 13.321  -2.799  3.234   1.00 22.03  ? 145 ALA A CB  1 
ATOM   1060 N  N   . TYR A 1 146 ? 13.342  -2.817  0.016   1.00 27.46  ? 146 TYR A N   1 
ATOM   1061 C  CA  . TYR A 1 146 ? 13.846  -2.147  -1.178  1.00 27.46  ? 146 TYR A CA  1 
ATOM   1062 C  C   . TYR A 1 146 ? 13.296  -2.559  -2.538  1.00 27.46  ? 146 TYR A C   1 
ATOM   1063 O  O   . TYR A 1 146 ? 13.008  -1.699  -3.374  1.00 27.46  ? 146 TYR A O   1 
ATOM   1064 C  CB  . TYR A 1 146 ? 15.370  -2.252  -1.206  1.00 20.85  ? 146 TYR A CB  1 
ATOM   1065 C  CG  . TYR A 1 146 ? 16.008  -1.797  0.082   1.00 20.85  ? 146 TYR A CG  1 
ATOM   1066 C  CD1 . TYR A 1 146 ? 16.515  -2.719  0.997   1.00 20.85  ? 146 TYR A CD1 1 
ATOM   1067 C  CD2 . TYR A 1 146 ? 16.068  -0.441  0.409   1.00 20.85  ? 146 TYR A CD2 1 
ATOM   1068 C  CE1 . TYR A 1 146 ? 17.069  -2.302  2.207   1.00 20.85  ? 146 TYR A CE1 1 
ATOM   1069 C  CE2 . TYR A 1 146 ? 16.616  -0.014  1.617   1.00 20.85  ? 146 TYR A CE2 1 
ATOM   1070 C  CZ  . TYR A 1 146 ? 17.114  -0.949  2.512   1.00 20.85  ? 146 TYR A CZ  1 
ATOM   1071 O  OH  . TYR A 1 146 ? 17.649  -0.527  3.712   1.00 20.85  ? 146 TYR A OH  1 
ATOM   1072 N  N   . VAL A 1 147 ? 13.157  -3.859  -2.767  1.00 26.39  ? 147 VAL A N   1 
ATOM   1073 C  CA  . VAL A 1 147 ? 12.668  -4.348  -4.051  1.00 26.39  ? 147 VAL A CA  1 
ATOM   1074 C  C   . VAL A 1 147 ? 11.338  -3.762  -4.508  1.00 26.39  ? 147 VAL A C   1 
ATOM   1075 O  O   . VAL A 1 147 ? 11.162  -3.479  -5.686  1.00 26.39  ? 147 VAL A O   1 
ATOM   1076 C  CB  . VAL A 1 147 ? 12.549  -5.886  -4.052  1.00 37.04  ? 147 VAL A CB  1 
ATOM   1077 C  CG1 . VAL A 1 147 ? 13.932  -6.502  -4.006  1.00 37.04  ? 147 VAL A CG1 1 
ATOM   1078 C  CG2 . VAL A 1 147 ? 11.730  -6.351  -2.858  1.00 37.04  ? 147 VAL A CG2 1 
ATOM   1079 N  N   . VAL A 1 148 ? 10.407  -3.569  -3.584  1.00 27.23  ? 148 VAL A N   1 
ATOM   1080 C  CA  . VAL A 1 148 ? 9.097   -3.038  -3.937  1.00 27.23  ? 148 VAL A CA  1 
ATOM   1081 C  C   . VAL A 1 148 ? 9.133   -1.665  -4.611  1.00 27.23  ? 148 VAL A C   1 
ATOM   1082 O  O   . VAL A 1 148 ? 8.143   -1.248  -5.222  1.00 27.23  ? 148 VAL A O   1 
ATOM   1083 C  CB  . VAL A 1 148 ? 8.184   -2.954  -2.691  1.00 29.57  ? 148 VAL A CB  1 
ATOM   1084 C  CG1 . VAL A 1 148 ? 8.075   -4.328  -2.037  1.00 29.57  ? 148 VAL A CG1 1 
ATOM   1085 C  CG2 . VAL A 1 148 ? 8.729   -1.924  -1.703  1.00 29.57  ? 148 VAL A CG2 1 
ATOM   1086 N  N   . HIS A 1 149 ? 10.264  -0.969  -4.506  1.00 24.37  ? 149 HIS A N   1 
ATOM   1087 C  CA  . HIS A 1 149 ? 10.401  0.361   -5.100  1.00 24.37  ? 149 HIS A CA  1 
ATOM   1088 C  C   . HIS A 1 149 ? 11.149  0.366   -6.428  1.00 24.37  ? 149 HIS A C   1 
ATOM   1089 O  O   . HIS A 1 149 ? 11.147  1.372   -7.148  1.00 24.37  ? 149 HIS A O   1 
ATOM   1090 C  CB  . HIS A 1 149 ? 11.136  1.310   -4.146  1.00 28.70  ? 149 HIS A CB  1 
ATOM   1091 C  CG  . HIS A 1 149 ? 10.439  1.524   -2.841  1.00 28.70  ? 149 HIS A CG  1 
ATOM   1092 N  ND1 . HIS A 1 149 ? 10.874  0.957   -1.664  1.00 28.70  ? 149 HIS A ND1 1 
ATOM   1093 C  CD2 . HIS A 1 149 ? 9.336   2.242   -2.526  1.00 28.70  ? 149 HIS A CD2 1 
ATOM   1094 C  CE1 . HIS A 1 149 ? 10.071  1.320   -0.680  1.00 28.70  ? 149 HIS A CE1 1 
ATOM   1095 N  NE2 . HIS A 1 149 ? 9.129   2.101   -1.177  1.00 28.70  ? 149 HIS A NE2 1 
ATOM   1096 N  N   . GLU A 1 150 ? 11.794  -0.745  -6.753  1.00 33.06  ? 150 GLU A N   1 
ATOM   1097 C  CA  . GLU A 1 150 ? 12.564  -0.818  -7.983  1.00 33.06  ? 150 GLU A CA  1 
ATOM   1098 C  C   . GLU A 1 150 ? 11.743  -0.492  -9.224  1.00 33.06  ? 150 GLU A C   1 
ATOM   1099 O  O   . GLU A 1 150 ? 10.781  -1.187  -9.544  1.00 33.06  ? 150 GLU A O   1 
ATOM   1100 C  CB  . GLU A 1 150 ? 13.199  -2.195  -8.123  1.00 100.47 ? 150 GLU A CB  1 
ATOM   1101 C  CG  . GLU A 1 150 ? 14.221  -2.272  -9.233  1.00 100.47 ? 150 GLU A CG  1 
ATOM   1102 C  CD  . GLU A 1 150 ? 14.914  -3.624  -9.289  1.00 100.47 ? 150 GLU A CD  1 
ATOM   1103 O  OE1 . GLU A 1 150 ? 15.759  -3.820  -10.198 1.00 100.47 ? 150 GLU A OE1 1 
ATOM   1104 O  OE2 . GLU A 1 150 ? 14.612  -4.484  -8.421  1.00 100.47 ? 150 GLU A OE2 1 
ATOM   1105 N  N   . GLY A 1 151 ? 12.129  0.583   -9.908  1.00 30.78  ? 151 GLY A N   1 
ATOM   1106 C  CA  . GLY A 1 151 ? 11.444  0.992   -11.125 1.00 30.78  ? 151 GLY A CA  1 
ATOM   1107 C  C   . GLY A 1 151 ? 10.104  1.667   -10.919 1.00 30.78  ? 151 GLY A C   1 
ATOM   1108 O  O   . GLY A 1 151 ? 9.386   1.949   -11.885 1.00 30.78  ? 151 GLY A O   1 
ATOM   1109 N  N   . VAL A 1 152 ? 9.762   1.946   -9.665  1.00 26.78  ? 152 VAL A N   1 
ATOM   1110 C  CA  . VAL A 1 152 ? 8.486   2.575   -9.357  1.00 26.78  ? 152 VAL A CA  1 
ATOM   1111 C  C   . VAL A 1 152 ? 8.589   4.093   -9.341  1.00 26.78  ? 152 VAL A C   1 
ATOM   1112 O  O   . VAL A 1 152 ? 9.465   4.653   -8.685  1.00 26.78  ? 152 VAL A O   1 
ATOM   1113 C  CB  . VAL A 1 152 ? 7.956   2.092   -7.992  1.00 23.38  ? 152 VAL A CB  1 
ATOM   1114 C  CG1 . VAL A 1 152 ? 6.562   2.660   -7.738  1.00 23.38  ? 152 VAL A CG1 1 
ATOM   1115 C  CG2 . VAL A 1 152 ? 7.941   0.570   -7.959  1.00 23.38  ? 152 VAL A CG2 1 
ATOM   1116 N  N   . GLU A 1 153 ? 7.690   4.754   -10.061 1.00 30.71  ? 153 GLU A N   1 
ATOM   1117 C  CA  . GLU A 1 153 ? 7.689   6.212   -10.133 1.00 30.71  ? 153 GLU A CA  1 
ATOM   1118 C  C   . GLU A 1 153 ? 6.720   6.811   -9.126  1.00 30.71  ? 153 GLU A C   1 
ATOM   1119 O  O   . GLU A 1 153 ? 5.576   6.371   -9.023  1.00 30.71  ? 153 GLU A O   1 
ATOM   1120 C  CB  . GLU A 1 153 ? 7.305   6.661   -11.540 1.00 74.14  ? 153 GLU A CB  1 
ATOM   1121 C  CG  . GLU A 1 153 ? 8.236   6.142   -12.614 1.00 74.14  ? 153 GLU A CG  1 
ATOM   1122 C  CD  . GLU A 1 153 ? 7.752   6.466   -14.008 1.00 74.14  ? 153 GLU A CD  1 
ATOM   1123 O  OE1 . GLU A 1 153 ? 8.414   6.038   -14.975 1.00 74.14  ? 153 GLU A OE1 1 
ATOM   1124 O  OE2 . GLU A 1 153 ? 6.711   7.145   -14.138 1.00 74.14  ? 153 GLU A OE2 1 
ATOM   1125 N  N   . TYR A 1 154 ? 7.176   7.821   -8.389  1.00 26.30  ? 154 TYR A N   1 
ATOM   1126 C  CA  . TYR A 1 154 ? 6.335   8.466   -7.384  1.00 26.30  ? 154 TYR A CA  1 
ATOM   1127 C  C   . TYR A 1 154 ? 6.186   9.960   -7.595  1.00 26.30  ? 154 TYR A C   1 
ATOM   1128 O  O   . TYR A 1 154 ? 7.068   10.607  -8.153  1.00 26.30  ? 154 TYR A O   1 
ATOM   1129 C  CB  . TYR A 1 154 ? 6.909   8.255   -5.984  1.00 30.84  ? 154 TYR A CB  1 
ATOM   1130 C  CG  . TYR A 1 154 ? 7.087   6.814   -5.589  1.00 30.84  ? 154 TYR A CG  1 
ATOM   1131 C  CD1 . TYR A 1 154 ? 8.357   6.288   -5.361  1.00 30.84  ? 154 TYR A CD1 1 
ATOM   1132 C  CD2 . TYR A 1 154 ? 5.986   5.975   -5.422  1.00 30.84  ? 154 TYR A CD2 1 
ATOM   1133 C  CE1 . TYR A 1 154 ? 8.530   4.967   -4.975  1.00 30.84  ? 154 TYR A CE1 1 
ATOM   1134 C  CE2 . TYR A 1 154 ? 6.147   4.650   -5.034  1.00 30.84  ? 154 TYR A CE2 1 
ATOM   1135 C  CZ  . TYR A 1 154 ? 7.421   4.153   -4.813  1.00 30.84  ? 154 TYR A CZ  1 
ATOM   1136 O  OH  . TYR A 1 154 ? 7.587   2.847   -4.421  1.00 30.84  ? 154 TYR A OH  1 
ATOM   1137 N  N   . ASP A 1 155 ? 5.063   10.502  -7.136  1.00 30.10  ? 155 ASP A N   1 
ATOM   1138 C  CA  . ASP A 1 155 ? 4.827   11.932  -7.221  1.00 30.10  ? 155 ASP A CA  1 
ATOM   1139 C  C   . ASP A 1 155 ? 5.428   12.527  -5.949  1.00 30.10  ? 155 ASP A C   1 
ATOM   1140 O  O   . ASP A 1 155 ? 5.844   13.682  -5.930  1.00 30.10  ? 155 ASP A O   1 
ATOM   1141 C  CB  . ASP A 1 155 ? 3.330   12.242  -7.271  1.00 35.25  ? 155 ASP A CB  1 
ATOM   1142 C  CG  . ASP A 1 155 ? 2.687   11.806  -8.574  1.00 35.25  ? 155 ASP A CG  1 
ATOM   1143 O  OD1 . ASP A 1 155 ? 3.164   12.236  -9.645  1.00 35.25  ? 155 ASP A OD1 1 
ATOM   1144 O  OD2 . ASP A 1 155 ? 1.701   11.041  -8.529  1.00 35.25  ? 155 ASP A OD2 1 
ATOM   1145 N  N   . VAL A 1 156 ? 5.473   11.722  -4.889  1.00 27.91  ? 156 VAL A N   1 
ATOM   1146 C  CA  . VAL A 1 156 ? 6.017   12.151  -3.604  1.00 27.91  ? 156 VAL A CA  1 
ATOM   1147 C  C   . VAL A 1 156 ? 6.653   10.980  -2.876  1.00 27.91  ? 156 VAL A C   1 
ATOM   1148 O  O   . VAL A 1 156 ? 6.147   9.858   -2.936  1.00 27.91  ? 156 VAL A O   1 
ATOM   1149 C  CB  . VAL A 1 156 ? 4.927   12.690  -2.661  1.00 30.05  ? 156 VAL A CB  1 
ATOM   1150 C  CG1 . VAL A 1 156 ? 5.574   13.424  -1.510  1.00 30.05  ? 156 VAL A CG1 1 
ATOM   1151 C  CG2 . VAL A 1 156 ? 3.975   13.580  -3.404  1.00 30.05  ? 156 VAL A CG2 1 
ATOM   1152 N  N   . GLU A 1 157 ? 7.748   11.247  -2.173  1.00 30.03  ? 157 GLU A N   1 
ATOM   1153 C  CA  . GLU A 1 157 ? 8.435   10.208  -1.417  1.00 30.03  ? 157 GLU A CA  1 
ATOM   1154 C  C   . GLU A 1 157 ? 8.657   10.631  0.021   1.00 30.03  ? 157 GLU A C   1 
ATOM   1155 O  O   . GLU A 1 157 ? 9.059   11.760  0.297   1.00 30.03  ? 157 GLU A O   1 
ATOM   1156 C  CB  . GLU A 1 157 ? 9.786   9.874   -2.045  1.00 44.25  ? 157 GLU A CB  1 
ATOM   1157 C  CG  . GLU A 1 157 ? 9.702   9.019   -3.285  1.00 44.25  ? 157 GLU A CG  1 
ATOM   1158 C  CD  . GLU A 1 157 ? 11.069  8.604   -3.801  1.00 44.25  ? 157 GLU A CD  1 
ATOM   1159 O  OE1 . GLU A 1 157 ? 11.846  8.005   -3.022  1.00 44.25  ? 157 GLU A OE1 1 
ATOM   1160 O  OE2 . GLU A 1 157 ? 11.361  8.872   -4.989  1.00 44.25  ? 157 GLU A OE2 1 
ATOM   1161 N  N   . VAL A 1 158 ? 8.377   9.722   0.942   1.00 20.44  ? 158 VAL A N   1 
ATOM   1162 C  CA  . VAL A 1 158 ? 8.588   9.991   2.353   1.00 20.44  ? 158 VAL A CA  1 
ATOM   1163 C  C   . VAL A 1 158 ? 9.424   8.836   2.883   1.00 20.44  ? 158 VAL A C   1 
ATOM   1164 O  O   . VAL A 1 158 ? 9.360   7.720   2.357   1.00 20.44  ? 158 VAL A O   1 
ATOM   1165 C  CB  . VAL A 1 158 ? 7.250   10.068  3.126   1.00 22.33  ? 158 VAL A CB  1 
ATOM   1166 C  CG1 . VAL A 1 158 ? 6.452   11.269  2.662   1.00 22.33  ? 158 VAL A CG1 1 
ATOM   1167 C  CG2 . VAL A 1 158 ? 6.447   8.791   2.915   1.00 22.33  ? 158 VAL A CG2 1 
ATOM   1168 N  N   . ASP A 1 159 ? 10.233  9.108   3.900   1.00 25.60  ? 159 ASP A N   1 
ATOM   1169 C  CA  . ASP A 1 159 ? 11.075  8.082   4.499   1.00 25.60  ? 159 ASP A CA  1 
ATOM   1170 C  C   . ASP A 1 159 ? 10.824  8.128   5.994   1.00 25.60  ? 159 ASP A C   1 
ATOM   1171 O  O   . ASP A 1 159 ? 11.167  9.109   6.651   1.00 25.60  ? 159 ASP A O   1 
ATOM   1172 C  CB  . ASP A 1 159 ? 12.547  8.360   4.215   1.00 27.69  ? 159 ASP A CB  1 
ATOM   1173 C  CG  . ASP A 1 159 ? 13.433  7.196   4.595   1.00 27.69  ? 159 ASP A CG  1 
ATOM   1174 O  OD1 . ASP A 1 159 ? 13.272  6.671   5.720   1.00 27.69  ? 159 ASP A OD1 1 
ATOM   1175 O  OD2 . ASP A 1 159 ? 14.287  6.803   3.772   1.00 27.69  ? 159 ASP A OD2 1 
ATOM   1176 N  N   . THR A 1 160 ? 10.229  7.067   6.530   1.00 23.68  ? 160 THR A N   1 
ATOM   1177 C  CA  . THR A 1 160 ? 9.895   7.016   7.951   1.00 23.68  ? 160 THR A CA  1 
ATOM   1178 C  C   . THR A 1 160 ? 11.047  6.618   8.857   1.00 23.68  ? 160 THR A C   1 
ATOM   1179 O  O   . THR A 1 160 ? 10.861  6.437   10.062  1.00 23.68  ? 160 THR A O   1 
ATOM   1180 C  CB  . THR A 1 160 ? 8.730   6.038   8.207   1.00 17.49  ? 160 THR A CB  1 
ATOM   1181 O  OG1 . THR A 1 160 ? 9.162   4.695   7.941   1.00 17.49  ? 160 THR A OG1 1 
ATOM   1182 C  CG2 . THR A 1 160 ? 7.554   6.379   7.306   1.00 17.49  ? 160 THR A CG2 1 
ATOM   1183 N  N   . THR A 1 161 ? 12.234  6.469   8.284   1.00 22.39  ? 161 THR A N   1 
ATOM   1184 C  CA  . THR A 1 161 ? 13.383  6.097   9.087   1.00 22.39  ? 161 THR A CA  1 
ATOM   1185 C  C   . THR A 1 161 ? 13.629  7.156   10.158  1.00 22.39  ? 161 THR A C   1 
ATOM   1186 O  O   . THR A 1 161 ? 13.930  6.825   11.303  1.00 22.39  ? 161 THR A O   1 
ATOM   1187 C  CB  . THR A 1 161 ? 14.644  5.931   8.223   1.00 19.12  ? 161 THR A CB  1 
ATOM   1188 O  OG1 . THR A 1 161 ? 14.404  4.943   7.207   1.00 19.12  ? 161 THR A OG1 1 
ATOM   1189 C  CG2 . THR A 1 161 ? 15.815  5.486   9.084   1.00 19.12  ? 161 THR A CG2 1 
ATOM   1190 N  N   . HIS A 1 162 ? 13.480  8.427   9.795   1.00 23.72  ? 162 HIS A N   1 
ATOM   1191 C  CA  . HIS A 1 162 ? 13.689  9.501   10.757  1.00 23.72  ? 162 HIS A CA  1 
ATOM   1192 C  C   . HIS A 1 162 ? 12.570  10.536  10.790  1.00 23.72  ? 162 HIS A C   1 
ATOM   1193 O  O   . HIS A 1 162 ? 12.745  11.632  11.323  1.00 23.72  ? 162 HIS A O   1 
ATOM   1194 C  CB  . HIS A 1 162 ? 15.028  10.189  10.490  1.00 31.84  ? 162 HIS A CB  1 
ATOM   1195 C  CG  . HIS A 1 162 ? 16.201  9.268   10.607  1.00 31.84  ? 162 HIS A CG  1 
ATOM   1196 N  ND1 . HIS A 1 162 ? 16.938  8.861   9.513   1.00 31.84  ? 162 HIS A ND1 1 
ATOM   1197 C  CD2 . HIS A 1 162 ? 16.728  8.632   11.678  1.00 31.84  ? 162 HIS A CD2 1 
ATOM   1198 C  CE1 . HIS A 1 162 ? 17.870  8.011   9.911   1.00 31.84  ? 162 HIS A CE1 1 
ATOM   1199 N  NE2 . HIS A 1 162 ? 17.765  7.853   11.218  1.00 31.84  ? 162 HIS A NE2 1 
ATOM   1200 N  N   . LYS A 1 163 ? 11.421  10.193  10.222  1.00 26.59  ? 163 LYS A N   1 
ATOM   1201 C  CA  . LYS A 1 163 ? 10.279  11.097  10.221  1.00 26.59  ? 163 LYS A CA  1 
ATOM   1202 C  C   . LYS A 1 163 ? 9.059   10.391  10.809  1.00 26.59  ? 163 LYS A C   1 
ATOM   1203 O  O   . LYS A 1 163 ? 8.807   9.219   10.519  1.00 26.59  ? 163 LYS A O   1 
ATOM   1204 C  CB  . LYS A 1 163 ? 9.977   11.575  8.797   1.00 57.04  ? 163 LYS A CB  1 
ATOM   1205 C  CG  . LYS A 1 163 ? 10.996  12.557  8.255   1.00 57.04  ? 163 LYS A CG  1 
ATOM   1206 C  CD  . LYS A 1 163 ? 11.012  13.833  9.085   1.00 57.04  ? 163 LYS A CD  1 
ATOM   1207 C  CE  . LYS A 1 163 ? 12.180  14.740  8.721   1.00 57.04  ? 163 LYS A CE  1 
ATOM   1208 N  NZ  . LYS A 1 163 ? 12.165  15.110  7.281   1.00 57.04  ? 163 LYS A NZ  1 
ATOM   1209 N  N   . GLU A 1 164 ? 8.313   11.097  11.653  1.00 24.95  ? 164 GLU A N   1 
ATOM   1210 C  CA  . GLU A 1 164 ? 7.116   10.523  12.257  1.00 24.95  ? 164 GLU A CA  1 
ATOM   1211 C  C   . GLU A 1 164 ? 6.027   10.383  11.186  1.00 24.95  ? 164 GLU A C   1 
ATOM   1212 O  O   . GLU A 1 164 ? 6.087   11.036  10.136  1.00 24.95  ? 164 GLU A O   1 
ATOM   1213 C  CB  . GLU A 1 164 ? 6.610   11.422  13.386  1.00 30.66  ? 164 GLU A CB  1 
ATOM   1214 C  CG  . GLU A 1 164 ? 7.583   11.609  14.544  1.00 30.66  ? 164 GLU A CG  1 
ATOM   1215 C  CD  . GLU A 1 164 ? 7.881   10.319  15.297  1.00 30.66  ? 164 GLU A CD  1 
ATOM   1216 O  OE1 . GLU A 1 164 ? 6.939   9.531   15.537  1.00 30.66  ? 164 GLU A OE1 1 
ATOM   1217 O  OE2 . GLU A 1 164 ? 9.052   10.097  15.667  1.00 30.66  ? 164 GLU A OE2 1 
ATOM   1218 N  N   . SER A 1 165 ? 5.039   9.529   11.455  1.00 21.68  ? 165 SER A N   1 
ATOM   1219 C  CA  . SER A 1 165 ? 3.939   9.313   10.514  1.00 21.68  ? 165 SER A CA  1 
ATOM   1220 C  C   . SER A 1 165 ? 3.209   10.615  10.217  1.00 21.68  ? 165 SER A C   1 
ATOM   1221 O  O   . SER A 1 165 ? 2.967   10.952  9.059   1.00 21.68  ? 165 SER A O   1 
ATOM   1222 C  CB  . SER A 1 165 ? 2.941   8.294   11.072  1.00 32.66  ? 165 SER A CB  1 
ATOM   1223 O  OG  . SER A 1 165 ? 3.448   6.976   10.969  1.00 32.66  ? 165 SER A OG  1 
ATOM   1224 N  N   . ILE A 1 166 ? 2.864   11.341  11.272  1.00 23.85  ? 166 ILE A N   1 
ATOM   1225 C  CA  . ILE A 1 166 ? 2.157   12.599  11.130  1.00 23.85  ? 166 ILE A CA  1 
ATOM   1226 C  C   . ILE A 1 166 ? 2.933   13.547  10.201  1.00 23.85  ? 166 ILE A C   1 
ATOM   1227 O  O   . ILE A 1 166 ? 2.340   14.203  9.340   1.00 23.85  ? 166 ILE A O   1 
ATOM   1228 C  CB  . ILE A 1 166 ? 1.918   13.255  12.529  1.00 22.97  ? 166 ILE A CB  1 
ATOM   1229 C  CG1 . ILE A 1 166 ? 0.895   14.381  12.415  1.00 22.97  ? 166 ILE A CG1 1 
ATOM   1230 C  CG2 . ILE A 1 166 ? 3.214   13.791  13.106  1.00 22.97  ? 166 ILE A CG2 1 
ATOM   1231 C  CD1 . ILE A 1 166 ? -0.495  13.909  12.132  1.00 22.97  ? 166 ILE A CD1 1 
ATOM   1232 N  N   . GLU A 1 167 ? 4.257   13.597  10.355  1.00 23.27  ? 167 GLU A N   1 
ATOM   1233 C  CA  . GLU A 1 167 ? 5.079   14.467  9.517   1.00 23.27  ? 167 GLU A CA  1 
ATOM   1234 C  C   . GLU A 1 167 ? 5.019   14.031  8.059   1.00 23.27  ? 167 GLU A C   1 
ATOM   1235 O  O   . GLU A 1 167 ? 4.874   14.861  7.158   1.00 23.27  ? 167 GLU A O   1 
ATOM   1236 C  CB  . GLU A 1 167 ? 6.530   14.464  9.994   1.00 49.78  ? 167 GLU A CB  1 
ATOM   1237 C  CG  . GLU A 1 167 ? 6.694   14.939  11.418  1.00 49.78  ? 167 GLU A CG  1 
ATOM   1238 C  CD  . GLU A 1 167 ? 8.144   15.089  11.818  1.00 49.78  ? 167 GLU A CD  1 
ATOM   1239 O  OE1 . GLU A 1 167 ? 8.919   14.121  11.656  1.00 49.78  ? 167 GLU A OE1 1 
ATOM   1240 O  OE2 . GLU A 1 167 ? 8.504   16.182  12.302  1.00 49.78  ? 167 GLU A OE2 1 
ATOM   1241 N  N   . CYS A 1 168 ? 5.139   12.730  7.823   1.00 19.42  ? 168 CYS A N   1 
ATOM   1242 C  CA  . CYS A 1 168 ? 5.075   12.222  6.463   1.00 19.42  ? 168 CYS A CA  1 
ATOM   1243 C  C   . CYS A 1 168 ? 3.710   12.560  5.884   1.00 19.42  ? 168 CYS A C   1 
ATOM   1244 O  O   . CYS A 1 168 ? 3.590   12.929  4.709   1.00 19.42  ? 168 CYS A O   1 
ATOM   1245 C  CB  . CYS A 1 168 ? 5.282   10.710  6.444   1.00 22.24  ? 168 CYS A CB  1 
ATOM   1246 S  SG  . CYS A 1 168 ? 6.962   10.209  6.847   1.00 22.24  ? 168 CYS A SG  1 
ATOM   1247 N  N   . ALA A 1 169 ? 2.685   12.440  6.725   1.00 24.76  ? 169 ALA A N   1 
ATOM   1248 C  CA  . ALA A 1 169 ? 1.323   12.735  6.312   1.00 24.76  ? 169 ALA A CA  1 
ATOM   1249 C  C   . ALA A 1 169 ? 1.224   14.191  5.869   1.00 24.76  ? 169 ALA A C   1 
ATOM   1250 O  O   . ALA A 1 169 ? 0.586   14.499  4.859   1.00 24.76  ? 169 ALA A O   1 
ATOM   1251 C  CB  . ALA A 1 169 ? 0.360   12.469  7.456   1.00 14.67  ? 169 ALA A CB  1 
ATOM   1252 N  N   . TRP A 1 170 ? 1.859   15.084  6.621   1.00 22.32  ? 170 TRP A N   1 
ATOM   1253 C  CA  . TRP A 1 170 ? 1.827   16.493  6.270   1.00 22.32  ? 170 TRP A CA  1 
ATOM   1254 C  C   . TRP A 1 170 ? 2.448   16.692  4.892   1.00 22.32  ? 170 TRP A C   1 
ATOM   1255 O  O   . TRP A 1 170 ? 1.902   17.411  4.047   1.00 22.32  ? 170 TRP A O   1 
ATOM   1256 C  CB  . TRP A 1 170 ? 2.578   17.336  7.307   1.00 22.83  ? 170 TRP A CB  1 
ATOM   1257 C  CG  . TRP A 1 170 ? 1.934   17.343  8.665   1.00 22.83  ? 170 TRP A CG  1 
ATOM   1258 C  CD1 . TRP A 1 170 ? 0.614   17.135  8.949   1.00 22.83  ? 170 TRP A CD1 1 
ATOM   1259 C  CD2 . TRP A 1 170 ? 2.577   17.595  9.923   1.00 22.83  ? 170 TRP A CD2 1 
ATOM   1260 N  NE1 . TRP A 1 170 ? 0.393   17.240  10.303  1.00 22.83  ? 170 TRP A NE1 1 
ATOM   1261 C  CE2 . TRP A 1 170 ? 1.579   17.524  10.925  1.00 22.83  ? 170 TRP A CE2 1 
ATOM   1262 C  CE3 . TRP A 1 170 ? 3.898   17.878  10.300  1.00 22.83  ? 170 TRP A CE3 1 
ATOM   1263 C  CZ2 . TRP A 1 170 ? 1.862   17.722  12.284  1.00 22.83  ? 170 TRP A CZ2 1 
ATOM   1264 C  CZ3 . TRP A 1 170 ? 4.181   18.077  11.653  1.00 22.83  ? 170 TRP A CZ3 1 
ATOM   1265 C  CH2 . TRP A 1 170 ? 3.166   17.996  12.627  1.00 22.83  ? 170 TRP A CH2 1 
ATOM   1266 N  N   . ALA A 1 171 ? 3.578   16.039  4.657   1.00 23.89  ? 171 ALA A N   1 
ATOM   1267 C  CA  . ALA A 1 171 ? 4.252   16.163  3.375   1.00 23.89  ? 171 ALA A CA  1 
ATOM   1268 C  C   . ALA A 1 171 ? 3.341   15.702  2.244   1.00 23.89  ? 171 ALA A C   1 
ATOM   1269 O  O   . ALA A 1 171 ? 3.241   16.351  1.199   1.00 23.89  ? 171 ALA A O   1 
ATOM   1270 C  CB  . ALA A 1 171 ? 5.530   15.340  3.383   1.00 7.22   ? 171 ALA A CB  1 
ATOM   1271 N  N   . ILE A 1 172 ? 2.669   14.576  2.462   1.00 22.28  ? 172 ILE A N   1 
ATOM   1272 C  CA  . ILE A 1 172 ? 1.779   14.016  1.456   1.00 22.28  ? 172 ILE A CA  1 
ATOM   1273 C  C   . ILE A 1 172 ? 0.555   14.894  1.214   1.00 22.28  ? 172 ILE A C   1 
ATOM   1274 O  O   . ILE A 1 172 ? 0.207   15.177  0.068   1.00 22.28  ? 172 ILE A O   1 
ATOM   1275 C  CB  . ILE A 1 172 ? 1.340   12.597  1.865   1.00 20.53  ? 172 ILE A CB  1 
ATOM   1276 C  CG1 . ILE A 1 172 ? 2.579   11.699  1.954   1.00 20.53  ? 172 ILE A CG1 1 
ATOM   1277 C  CG2 . ILE A 1 172 ? 0.334   12.036  0.856   1.00 20.53  ? 172 ILE A CG2 1 
ATOM   1278 C  CD1 . ILE A 1 172 ? 2.320   10.332  2.545   1.00 20.53  ? 172 ILE A CD1 1 
ATOM   1279 N  N   . ALA A 1 173 ? -0.087  15.337  2.290   1.00 21.21  ? 173 ALA A N   1 
ATOM   1280 C  CA  . ALA A 1 173 ? -1.267  16.180  2.160   1.00 21.21  ? 173 ALA A CA  1 
ATOM   1281 C  C   . ALA A 1 173 ? -0.951  17.426  1.337   1.00 21.21  ? 173 ALA A C   1 
ATOM   1282 O  O   . ALA A 1 173 ? -1.769  17.883  0.533   1.00 21.21  ? 173 ALA A O   1 
ATOM   1283 C  CB  . ALA A 1 173 ? -1.778  16.570  3.531   1.00 5.47   ? 173 ALA A CB  1 
ATOM   1284 N  N   . ALA A 1 174 ? 0.245   17.967  1.531   1.00 23.47  ? 174 ALA A N   1 
ATOM   1285 C  CA  . ALA A 1 174 ? 0.665   19.158  0.804   1.00 23.47  ? 174 ALA A CA  1 
ATOM   1286 C  C   . ALA A 1 174 ? 0.521   18.987  -0.704  1.00 23.47  ? 174 ALA A C   1 
ATOM   1287 O  O   . ALA A 1 174 ? 0.278   19.963  -1.418  1.00 23.47  ? 174 ALA A O   1 
ATOM   1288 C  CB  . ALA A 1 174 ? 2.112   19.497  1.147   1.00 27.84  ? 174 ALA A CB  1 
ATOM   1289 N  N   . HIS A 1 175 ? 0.681   17.754  -1.189  1.00 26.94  ? 175 HIS A N   1 
ATOM   1290 C  CA  . HIS A 1 175 ? 0.566   17.483  -2.620  1.00 26.94  ? 175 HIS A CA  1 
ATOM   1291 C  C   . HIS A 1 175 ? -0.846  17.109  -3.049  1.00 26.94  ? 175 HIS A C   1 
ATOM   1292 O  O   . HIS A 1 175 ? -1.096  16.896  -4.238  1.00 26.94  ? 175 HIS A O   1 
ATOM   1293 C  CB  . HIS A 1 175 ? 1.518   16.363  -3.048  1.00 28.58  ? 175 HIS A CB  1 
ATOM   1294 C  CG  . HIS A 1 175 ? 2.965   16.727  -2.950  1.00 28.58  ? 175 HIS A CG  1 
ATOM   1295 N  ND1 . HIS A 1 175 ? 3.625   16.839  -1.744  1.00 28.58  ? 175 HIS A ND1 1 
ATOM   1296 C  CD2 . HIS A 1 175 ? 3.879   17.010  -3.908  1.00 28.58  ? 175 HIS A CD2 1 
ATOM   1297 C  CE1 . HIS A 1 175 ? 4.884   17.178  -1.964  1.00 28.58  ? 175 HIS A CE1 1 
ATOM   1298 N  NE2 . HIS A 1 175 ? 5.064   17.288  -3.270  1.00 28.58  ? 175 HIS A NE2 1 
ATOM   1299 N  N   . VAL A 1 176 ? -1.769  17.022  -2.097  1.00 24.38  ? 176 VAL A N   1 
ATOM   1300 C  CA  . VAL A 1 176 ? -3.146  16.677  -2.437  1.00 24.38  ? 176 VAL A CA  1 
ATOM   1301 C  C   . VAL A 1 176 ? -3.882  17.911  -2.951  1.00 24.38  ? 176 VAL A C   1 
ATOM   1302 O  O   . VAL A 1 176 ? -4.025  18.897  -2.230  1.00 24.38  ? 176 VAL A O   1 
ATOM   1303 C  CB  . VAL A 1 176 ? -3.908  16.131  -1.217  1.00 23.70  ? 176 VAL A CB  1 
ATOM   1304 C  CG1 . VAL A 1 176 ? -5.361  15.851  -1.595  1.00 23.70  ? 176 VAL A CG1 1 
ATOM   1305 C  CG2 . VAL A 1 176 ? -3.239  14.868  -0.716  1.00 23.70  ? 176 VAL A CG2 1 
ATOM   1306 N  N   . VAL A 1 177 ? -4.348  17.851  -4.195  1.00 22.45  ? 177 VAL A N   1 
ATOM   1307 C  CA  . VAL A 1 177 ? -5.067  18.971  -4.795  1.00 22.45  ? 177 VAL A CA  1 
ATOM   1308 C  C   . VAL A 1 177 ? -6.564  18.837  -4.529  1.00 22.45  ? 177 VAL A C   1 
ATOM   1309 O  O   . VAL A 1 177 ? -7.204  17.875  -4.966  1.00 22.45  ? 177 VAL A O   1 
ATOM   1310 C  CB  . VAL A 1 177 ? -4.829  19.034  -6.327  1.00 19.91  ? 177 VAL A CB  1 
ATOM   1311 C  CG1 . VAL A 1 177 ? -5.483  20.277  -6.909  1.00 19.91  ? 177 VAL A CG1 1 
ATOM   1312 C  CG2 . VAL A 1 177 ? -3.338  19.029  -6.622  1.00 19.91  ? 177 VAL A CG2 1 
ATOM   1313 N  N   . PRO A 1 178 ? -7.147  19.808  -3.814  1.00 38.88  ? 178 PRO A N   1 
ATOM   1314 C  CA  . PRO A 1 178 ? -8.579  19.768  -3.501  1.00 38.88  ? 178 PRO A CA  1 
ATOM   1315 C  C   . PRO A 1 178 ? -9.453  19.910  -4.746  1.00 38.88  ? 178 PRO A C   1 
ATOM   1316 O  O   . PRO A 1 178 ? -8.917  20.291  -5.811  1.00 38.88  ? 178 PRO A O   1 
ATOM   1317 C  CB  . PRO A 1 178 ? -8.745  20.935  -2.536  1.00 33.18  ? 178 PRO A CB  1 
ATOM   1318 C  CG  . PRO A 1 178 ? -7.775  21.933  -3.080  1.00 33.18  ? 178 PRO A CG  1 
ATOM   1319 C  CD  . PRO A 1 178 ? -6.549  21.084  -3.377  1.00 33.18  ? 178 PRO A CD  1 
ATOM   1320 O  OXT . PRO A 1 178 ? -10.669 19.642  -4.636  1.00 33.18  ? 178 PRO A OXT 1 
HETATM 1321 S  S   . SO4 B 2 .   ? 2.979   -0.811  7.336   1.00 20.86  ? 601 SO4 A S   1 
HETATM 1322 O  O1  . SO4 B 2 .   ? 1.571   -0.362  7.359   1.00 20.86  ? 601 SO4 A O1  1 
HETATM 1323 O  O2  . SO4 B 2 .   ? 3.599   -0.414  6.055   1.00 20.86  ? 601 SO4 A O2  1 
HETATM 1324 O  O3  . SO4 B 2 .   ? 3.039   -2.281  7.466   1.00 20.86  ? 601 SO4 A O3  1 
HETATM 1325 O  O4  . SO4 B 2 .   ? 3.720   -0.187  8.455   1.00 20.86  ? 601 SO4 A O4  1 
HETATM 1326 O  O   . HOH C 3 .   ? -9.207  16.693  1.315   1.00 5.47   ? 602 HOH A O   1 
HETATM 1327 O  O   . HOH C 3 .   ? -12.460 -19.936 4.348   1.00 10.37  ? 603 HOH A O   1 
HETATM 1328 O  O   . HOH C 3 .   ? -6.344  0.688   4.938   1.00 11.66  ? 604 HOH A O   1 
HETATM 1329 O  O   . HOH C 3 .   ? 0.668   -7.244  -2.821  1.00 17.92  ? 605 HOH A O   1 
HETATM 1330 O  O   . HOH C 3 .   ? -0.456  -0.578  12.451  1.00 20.34  ? 606 HOH A O   1 
HETATM 1331 O  O   . HOH C 3 .   ? -2.260  17.937  11.903  1.00 18.11  ? 607 HOH A O   1 
HETATM 1332 O  O   . HOH C 3 .   ? 3.620   9.277   -11.743 1.00 33.40  ? 608 HOH A O   1 
HETATM 1333 O  O   . HOH C 3 .   ? -10.696 -3.783  1.300   1.00 14.95  ? 609 HOH A O   1 
HETATM 1334 O  O   . HOH C 3 .   ? 19.539  -2.279  5.860   1.00 21.69  ? 610 HOH A O   1 
HETATM 1335 O  O   . HOH C 3 .   ? 1.567   -17.973 -10.874 1.00 31.88  ? 611 HOH A O   1 
HETATM 1336 O  O   . HOH C 3 .   ? -13.199 -16.275 5.926   1.00 22.89  ? 612 HOH A O   1 
HETATM 1337 O  O   . HOH C 3 .   ? -0.058  -1.608  5.503   1.00 26.20  ? 613 HOH A O   1 
HETATM 1338 O  O   . HOH C 3 .   ? 5.506   8.058   13.722  1.00 27.38  ? 614 HOH A O   1 
HETATM 1339 O  O   . HOH C 3 .   ? 11.926  -8.191  8.585   1.00 15.23  ? 615 HOH A O   1 
HETATM 1340 O  O   . HOH C 3 .   ? -6.650  -2.583  7.050   1.00 31.22  ? 616 HOH A O   1 
HETATM 1341 O  O   . HOH C 3 .   ? -5.270  2.623   3.025   1.00 17.27  ? 617 HOH A O   1 
HETATM 1342 O  O   . HOH C 3 .   ? 3.188   10.318  14.014  1.00 18.76  ? 618 HOH A O   1 
HETATM 1343 O  O   . HOH C 3 .   ? -2.852  21.323  -2.777  1.00 30.91  ? 619 HOH A O   1 
HETATM 1344 O  O   . HOH C 3 .   ? 12.820  1.618   1.980   1.00 17.55  ? 620 HOH A O   1 
HETATM 1345 O  O   . HOH C 3 .   ? -5.837  -2.318  4.483   1.00 17.83  ? 621 HOH A O   1 
HETATM 1346 O  O   . HOH C 3 .   ? 9.831   -2.961  4.722   1.00 17.83  ? 622 HOH A O   1 
HETATM 1347 O  O   . HOH C 3 .   ? 9.269   13.712  -2.855  1.00 21.63  ? 623 HOH A O   1 
HETATM 1348 O  O   . HOH C 3 .   ? 1.982   -3.324  4.789   1.00 24.75  ? 624 HOH A O   1 
HETATM 1349 O  O   . HOH C 3 .   ? -7.438  8.807   11.761  1.00 13.50  ? 625 HOH A O   1 
HETATM 1350 O  O   . HOH C 3 .   ? 13.589  -0.330  14.355  1.00 20.23  ? 626 HOH A O   1 
HETATM 1351 O  O   . HOH C 3 .   ? -11.857 -5.646  4.482   1.00 21.63  ? 627 HOH A O   1 
HETATM 1352 O  O   . HOH C 3 .   ? -12.478 -14.550 -8.569  1.00 18.76  ? 628 HOH A O   1 
HETATM 1353 O  O   . HOH C 3 .   ? 9.466   0.710   2.005   1.00 27.12  ? 629 HOH A O   1 
HETATM 1354 O  O   . HOH C 3 .   ? 1.834   1.448   9.773   1.00 22.81  ? 630 HOH A O   1 
HETATM 1355 O  O   . HOH C 3 .   ? 14.302  -7.896  15.827  1.00 28.40  ? 631 HOH A O   1 
HETATM 1356 O  O   . HOH C 3 .   ? 7.541   19.786  -2.997  1.00 29.88  ? 632 HOH A O   1 
HETATM 1357 O  O   . HOH C 3 .   ? -10.058 -9.680  -11.964 1.00 32.97  ? 633 HOH A O   1 
HETATM 1358 O  O   . HOH C 3 .   ? -11.193 3.395   -15.056 1.00 44.64  ? 634 HOH A O   1 
HETATM 1359 O  O   . HOH C 3 .   ? 8.765   16.076  6.708   1.00 45.71  ? 635 HOH A O   1 
HETATM 1360 O  O   . HOH C 3 .   ? 14.490  2.404   -9.040  1.00 35.24  ? 636 HOH A O   1 
HETATM 1361 O  O   . HOH C 3 .   ? 15.000  4.072   3.522   1.00 41.92  ? 637 HOH A O   1 
HETATM 1362 O  O   . HOH C 3 .   ? 13.623  9.644   7.407   1.00 24.42  ? 638 HOH A O   1 
HETATM 1363 O  O   . HOH C 3 .   ? -5.968  -11.378 -13.172 1.00 33.75  ? 639 HOH A O   1 
HETATM 1364 O  O   . HOH C 3 .   ? -8.449  15.893  -3.437  1.00 22.18  ? 640 HOH A O   1 
HETATM 1365 O  O   . HOH C 3 .   ? -8.476  18.339  8.971   1.00 33.38  ? 641 HOH A O   1 
HETATM 1366 O  O   . HOH C 3 .   ? 4.183   -0.729  17.547  1.00 48.88  ? 642 HOH A O   1 
HETATM 1367 O  O   . HOH C 3 .   ? -0.725  -3.897  -8.896  1.00 20.82  ? 643 HOH A O   1 
HETATM 1368 O  O   . HOH C 3 .   ? -4.224  19.476  3.884   1.00 38.97  ? 644 HOH A O   1 
HETATM 1369 O  O   . HOH C 3 .   ? 11.513  3.929   -7.141  1.00 31.04  ? 645 HOH A O   1 
HETATM 1370 O  O   . HOH C 3 .   ? -9.778  -0.901  5.025   1.00 37.47  ? 646 HOH A O   1 
HETATM 1371 O  O   . HOH C 3 .   ? -10.331 -13.249 6.037   1.00 28.72  ? 647 HOH A O   1 
HETATM 1372 O  O   . HOH C 3 .   ? -2.746  14.939  -7.823  1.00 46.09  ? 648 HOH A O   1 
HETATM 1373 O  O   . HOH C 3 .   ? 8.030   6.692   11.990  1.00 26.15  ? 649 HOH A O   1 
HETATM 1374 O  O   . HOH C 3 .   ? -13.425 13.384  -5.087  1.00 45.38  ? 650 HOH A O   1 
HETATM 1375 O  O   . HOH C 3 .   ? -14.023 -12.117 5.468   1.00 24.89  ? 651 HOH A O   1 
HETATM 1376 O  O   . HOH C 3 .   ? 6.114   -6.273  8.990   1.00 20.42  ? 652 HOH A O   1 
HETATM 1377 O  O   . HOH C 3 .   ? -3.380  -3.401  -8.798  1.00 25.10  ? 653 HOH A O   1 
HETATM 1378 O  O   . HOH C 3 .   ? 15.035  7.922   1.327   1.00 38.43  ? 654 HOH A O   1 
HETATM 1379 O  O   . HOH C 3 .   ? -10.321 12.020  5.925   1.00 27.46  ? 655 HOH A O   1 
HETATM 1380 O  O   . HOH C 3 .   ? 16.762  -3.434  13.938  1.00 29.13  ? 656 HOH A O   1 
HETATM 1381 O  O   . HOH C 3 .   ? -1.069  22.157  -0.906  1.00 22.05  ? 657 HOH A O   1 
HETATM 1382 O  O   . HOH C 3 .   ? -13.985 -11.356 8.040   1.00 47.27  ? 658 HOH A O   1 
HETATM 1383 O  O   . HOH C 3 .   ? -8.084  21.009  1.246   1.00 36.95  ? 659 HOH A O   1 
HETATM 1384 O  O   . HOH C 3 .   ? 5.126   14.744  15.718  1.00 34.86  ? 660 HOH A O   1 
HETATM 1385 O  O   . HOH C 3 .   ? -0.185  -2.034  9.792   1.00 29.41  ? 661 HOH A O   1 
HETATM 1386 O  O   . HOH C 3 .   ? -10.228 16.709  -1.398  1.00 32.22  ? 662 HOH A O   1 
HETATM 1387 O  O   . HOH C 3 .   ? -14.697 11.516  -0.312  1.00 33.77  ? 663 HOH A O   1 
HETATM 1388 O  O   . HOH C 3 .   ? -12.823 -25.407 -0.015  1.00 39.16  ? 664 HOH A O   1 
HETATM 1389 O  O   . HOH C 3 .   ? -19.678 10.627  -4.170  1.00 32.80  ? 665 HOH A O   1 
HETATM 1390 O  O   . HOH C 3 .   ? -0.559  -4.475  -16.369 1.00 38.46  ? 666 HOH A O   1 
HETATM 1391 O  O   . HOH C 3 .   ? 11.147  -8.972  12.713  1.00 32.02  ? 667 HOH A O   1 
HETATM 1392 O  O   . HOH C 3 .   ? -3.206  -2.694  3.996   1.00 19.82  ? 668 HOH A O   1 
HETATM 1393 O  O   . HOH C 3 .   ? 8.657   14.269  1.176   1.00 43.42  ? 669 HOH A O   1 
HETATM 1394 O  O   . HOH C 3 .   ? 11.318  13.388  13.094  1.00 35.26  ? 670 HOH A O   1 
HETATM 1395 O  O   . HOH C 3 .   ? 10.112  8.783   -8.256  1.00 36.55  ? 671 HOH A O   1 
HETATM 1396 O  O   . HOH C 3 .   ? 13.914  -5.350  -0.542  1.00 35.25  ? 672 HOH A O   1 
HETATM 1397 O  O   . HOH C 3 .   ? -9.593  12.445  -12.348 1.00 39.45  ? 673 HOH A O   1 
HETATM 1398 O  O   . HOH C 3 .   ? -5.184  -8.595  6.606   1.00 32.47  ? 674 HOH A O   1 
HETATM 1399 O  O   . HOH C 3 .   ? 16.303  -9.866  3.946   1.00 42.60  ? 675 HOH A O   1 
HETATM 1400 O  O   . HOH C 3 .   ? 14.143  -9.876  9.171   1.00 22.56  ? 676 HOH A O   1 
HETATM 1401 O  O   . HOH C 3 .   ? 0.082   20.230  -6.357  1.00 38.36  ? 677 HOH A O   1 
HETATM 1402 O  O   . HOH C 3 .   ? 0.720   -6.780  13.151  1.00 47.15  ? 678 HOH A O   1 
HETATM 1403 O  O   . HOH C 3 .   ? 2.917   -7.324  -6.418  1.00 45.32  ? 679 HOH A O   1 
HETATM 1404 O  O   . HOH C 3 .   ? 9.519   11.843  -5.957  1.00 38.75  ? 680 HOH A O   1 
HETATM 1405 O  O   . HOH C 3 .   ? -14.348 -5.474  -15.965 1.00 43.45  ? 681 HOH A O   1 
HETATM 1406 O  O   . HOH C 3 .   ? 10.735  -0.212  4.111   1.00 32.24  ? 682 HOH A O   1 
HETATM 1407 O  O   . HOH C 3 .   ? -12.383 10.555  -5.647  1.00 35.69  ? 683 HOH A O   1 
HETATM 1408 O  O   . HOH C 3 .   ? 7.067   2.045   10.375  1.00 35.13  ? 684 HOH A O   1 
HETATM 1409 O  O   . HOH C 3 .   ? -8.960  12.364  13.856  1.00 30.67  ? 685 HOH A O   1 
HETATM 1410 O  O   . HOH C 3 .   ? -12.375 6.785   -18.278 1.00 46.59  ? 686 HOH A O   1 
HETATM 1411 O  O   . HOH C 3 .   ? 10.521  1.912   -14.541 1.00 36.40  ? 687 HOH A O   1 
HETATM 1412 O  O   . HOH C 3 .   ? -18.579 11.448  -9.532  1.00 41.76  ? 688 HOH A O   1 
HETATM 1413 O  O   . HOH C 3 .   ? 12.754  9.265   0.021   1.00 36.82  ? 689 HOH A O   1 
HETATM 1414 O  O   . HOH C 3 .   ? 15.783  5.158   12.946  1.00 34.15  ? 690 HOH A O   1 
HETATM 1415 O  O   . HOH C 3 .   ? -7.795  -13.027 7.269   1.00 46.58  ? 691 HOH A O   1 
HETATM 1416 O  O   . HOH C 3 .   ? -14.247 -1.646  -13.547 1.00 25.65  ? 692 HOH A O   1 
HETATM 1417 O  O   . HOH C 3 .   ? -18.111 4.419   -10.643 1.00 29.23  ? 693 HOH A O   1 
HETATM 1418 O  O   . HOH C 3 .   ? 2.681   16.863  -6.965  1.00 35.66  ? 694 HOH A O   1 
HETATM 1419 O  O   . HOH C 3 .   ? -4.329  19.299  0.678   1.00 41.81  ? 695 HOH A O   1 
HETATM 1420 O  O   . HOH C 3 .   ? -3.457  23.178  -7.167  1.00 35.21  ? 696 HOH A O   1 
HETATM 1421 O  O   . HOH C 3 .   ? -4.180  8.401   -14.116 1.00 28.27  ? 697 HOH A O   1 
HETATM 1422 O  O   . HOH C 3 .   ? 0.022   17.446  -6.563  1.00 30.06  ? 698 HOH A O   1 
HETATM 1423 O  O   . HOH C 3 .   ? -2.619  -8.937  -7.314  1.00 35.08  ? 699 HOH A O   1 
HETATM 1424 O  O   . HOH C 3 .   ? 0.261   -10.111 12.111  1.00 41.56  ? 700 HOH A O   1 
HETATM 1425 O  O   . HOH C 3 .   ? 10.976  12.022  3.894   1.00 30.02  ? 701 HOH A O   1 
HETATM 1426 O  O   . HOH C 3 .   ? -16.493 17.188  -8.407  1.00 49.50  ? 702 HOH A O   1 
HETATM 1427 O  O   . HOH C 3 .   ? 4.352   -13.676 -5.824  1.00 46.91  ? 703 HOH A O   1 
HETATM 1428 O  O   . HOH C 3 .   ? 14.196  -11.049 6.133   1.00 41.82  ? 704 HOH A O   1 
HETATM 1429 O  O   . HOH C 3 .   ? -5.380  -14.552 -12.239 1.00 33.32  ? 705 HOH A O   1 
HETATM 1430 O  O   . HOH C 3 .   ? -2.101  1.693   -18.326 1.00 46.60  ? 706 HOH A O   1 
HETATM 1431 O  O   . HOH C 3 .   ? 13.278  -10.988 12.027  1.00 48.51  ? 707 HOH A O   1 
HETATM 1432 O  O   . HOH C 3 .   ? -0.353  -9.259  -9.294  1.00 34.39  ? 708 HOH A O   1 
HETATM 1433 O  O   . HOH C 3 .   ? 11.950  11.655  1.286   1.00 35.06  ? 709 HOH A O   1 
HETATM 1434 O  O   . HOH C 3 .   ? 8.237   -11.009 1.394   1.00 37.63  ? 710 HOH A O   1 
HETATM 1435 O  O   . HOH C 3 .   ? -3.056  -2.359  8.378   1.00 34.10  ? 711 HOH A O   1 
HETATM 1436 O  O   . HOH C 3 .   ? 8.969   -12.144 -1.190  1.00 39.30  ? 712 HOH A O   1 
HETATM 1437 O  O   . HOH C 3 .   ? 2.287   18.764  16.534  1.00 46.33  ? 713 HOH A O   1 
HETATM 1438 O  O   . HOH C 3 .   ? 17.497  -5.132  5.985   1.00 40.97  ? 714 HOH A O   1 
HETATM 1439 O  O   . HOH C 3 .   ? 1.643   -10.098 -7.332  1.00 35.21  ? 715 HOH A O   1 
HETATM 1440 O  O   . HOH C 3 .   ? -10.874 -0.168  -13.494 1.00 32.16  ? 716 HOH A O   1 
HETATM 1441 O  O   . HOH C 3 .   ? 13.570  -9.755  -1.150  1.00 29.48  ? 717 HOH A O   1 
HETATM 1442 O  O   . HOH C 3 .   ? 1.842   -5.217  -15.101 1.00 43.84  ? 718 HOH A O   1 
HETATM 1443 O  O   . HOH C 3 .   ? 5.210   14.069  -10.151 1.00 50.32  ? 719 HOH A O   1 
HETATM 1444 O  O   . HOH C 3 .   ? -9.676  5.967   -18.503 1.00 44.14  ? 720 HOH A O   1 
HETATM 1445 O  O   . HOH C 3 .   ? 12.496  -2.135  -12.652 1.00 47.07  ? 721 HOH A O   1 
HETATM 1446 O  O   . HOH C 3 .   ? -3.463  5.173   -15.706 1.00 42.47  ? 722 HOH A O   1 
HETATM 1447 O  O   . HOH C 3 .   ? 14.165  2.531   -5.532  1.00 43.94  ? 723 HOH A O   1 
HETATM 1448 O  O   . HOH C 3 .   ? 0.120   11.373  -10.917 1.00 37.19  ? 724 HOH A O   1 
HETATM 1449 O  O   . HOH C 3 .   ? -6.101  -7.161  8.676   1.00 46.84  ? 725 HOH A O   1 
HETATM 1450 O  O   . HOH C 3 .   ? -1.619  -6.723  -15.190 1.00 41.51  ? 726 HOH A O   1 
HETATM 1451 O  O   . HOH C 3 .   ? 19.156  -5.053  1.493   1.00 47.98  ? 727 HOH A O   1 
HETATM 1452 O  O   . HOH C 3 .   ? -2.649  10.835  -12.130 1.00 38.35  ? 728 HOH A O   1 
HETATM 1453 O  O   . HOH C 3 .   ? 10.534  -3.667  -10.711 1.00 40.20  ? 729 HOH A O   1 
HETATM 1454 O  O   . HOH C 3 .   ? 14.921  7.941   -3.044  1.00 42.91  ? 730 HOH A O   1 
HETATM 1455 O  O   . HOH C 3 .   ? 2.686   -11.048 9.917   1.00 40.14  ? 731 HOH A O   1 
HETATM 1456 O  O   . HOH C 3 .   ? -6.527  23.718  -7.001  1.00 37.12  ? 732 HOH A O   1 
HETATM 1457 O  O   . HOH C 3 .   ? 19.545  3.767   10.124  1.00 48.36  ? 733 HOH A O   1 
HETATM 1458 O  O   . HOH C 3 .   ? -13.265 0.560   -12.326 1.00 34.18  ? 734 HOH A O   1 
HETATM 1459 O  O   . HOH C 3 .   ? -10.187 15.055  -10.748 1.00 44.21  ? 735 HOH A O   1 
HETATM 1460 O  O   . HOH C 3 .   ? 12.531  -12.684 -0.621  1.00 41.01  ? 736 HOH A O   1 
HETATM 1461 O  O   . HOH C 3 .   ? -12.360 -12.044 -9.662  1.00 35.56  ? 737 HOH A O   1 
HETATM 1462 O  O   . HOH C 3 .   ? -7.962  -14.199 4.063   1.00 49.53  ? 738 HOH A O   1 
HETATM 1463 O  O   . HOH C 3 .   ? 7.239   19.095  -5.882  1.00 41.11  ? 739 HOH A O   1 
HETATM 1464 O  O   . HOH C 3 .   ? -4.839  1.158   6.912   1.00 31.92  ? 740 HOH A O   1 
HETATM 1465 O  O   . HOH C 3 .   ? 2.445   -8.291  1.991   1.00 24.12  ? 741 HOH A O   1 
HETATM 1466 O  O   . HOH C 3 .   ? -0.978  -7.943  -4.774  1.00 24.13  ? 742 HOH A O   1 
HETATM 1467 O  O   . HOH C 3 .   ? -4.794  18.839  11.920  1.00 27.76  ? 743 HOH A O   1 
HETATM 1468 O  O   . HOH C 3 .   ? -0.394  15.337  -9.049  1.00 32.87  ? 744 HOH A O   1 
HETATM 1469 O  O   . HOH C 3 .   ? -6.383  8.408   14.082  1.00 23.51  ? 745 HOH A O   1 
HETATM 1470 O  O   . HOH C 3 .   ? 16.146  -6.149  14.404  1.00 32.53  ? 746 HOH A O   1 
HETATM 1471 O  O   . HOH C 3 .   ? -2.463  -1.646  11.611  1.00 25.70  ? 747 HOH A O   1 
HETATM 1472 O  O   . HOH C 3 .   ? 14.876  -9.173  18.297  1.00 37.72  ? 748 HOH A O   1 
HETATM 1473 O  O   . HOH C 3 .   ? -10.513 -1.446  -16.170 1.00 39.52  ? 749 HOH A O   1 
HETATM 1474 O  O   . HOH C 3 .   ? -8.966  20.956  8.688   1.00 30.48  ? 750 HOH A O   1 
HETATM 1475 O  O   . HOH C 3 .   ? -8.552  -0.659  7.507   1.00 46.87  ? 751 HOH A O   1 
HETATM 1476 O  O   . HOH C 3 .   ? -15.657 12.081  -13.028 1.00 39.58  ? 752 HOH A O   1 
HETATM 1477 O  O   . HOH C 3 .   ? 6.261   5.171   10.717  1.00 37.30  ? 753 HOH A O   1 
HETATM 1478 O  O   . HOH C 3 .   ? -12.336 -14.312 7.769   1.00 39.85  ? 754 HOH A O   1 
HETATM 1479 O  O   . HOH C 3 .   ? -16.847 -4.752  -15.307 1.00 40.91  ? 755 HOH A O   1 
HETATM 1480 O  O   . HOH C 3 .   ? -10.249 -16.033 -8.036  1.00 38.04  ? 756 HOH A O   1 
HETATM 1481 O  O   . HOH C 3 .   ? -9.728  -7.185  -13.003 1.00 37.21  ? 757 HOH A O   1 
HETATM 1482 O  O   . HOH C 3 .   ? -2.890  21.650  -9.629  1.00 46.41  ? 758 HOH A O   1 
HETATM 1483 O  O   . HOH C 3 .   ? -13.304 -15.951 -11.004 1.00 41.03  ? 759 HOH A O   1 
HETATM 1484 O  O   . HOH C 3 .   ? -7.189  18.646  0.612   1.00 40.27  ? 760 HOH A O   1 
HETATM 1485 O  O   . HOH C 3 .   ? 5.556   -2.564  12.376  1.00 38.20  ? 761 HOH A O   1 
HETATM 1486 O  O   . HOH C 3 .   ? -6.976  -10.291 8.007   1.00 41.01  ? 762 HOH A O   1 
HETATM 1487 O  O   . HOH C 3 .   ? 1.573   -13.229 -13.559 1.00 46.86  ? 763 HOH A O   1 
HETATM 1488 O  O   . HOH C 3 .   ? -16.902 3.628   -12.864 1.00 36.13  ? 764 HOH A O   1 
HETATM 1489 O  O   . HOH C 3 .   ? -16.639 14.324  -3.891  1.00 47.06  ? 765 HOH A O   1 
HETATM 1490 O  O   . HOH C 3 .   ? 14.842  0.661   -3.516  1.00 44.97  ? 766 HOH A O   1 
HETATM 1491 O  O   . HOH C 3 .   ? 0.529   -4.202  17.522  1.00 41.15  ? 767 HOH A O   1 
HETATM 1492 O  O   . HOH C 3 .   ? -17.549 16.651  -2.933  1.00 38.75  ? 768 HOH A O   1 
HETATM 1493 O  O   . HOH C 3 .   ? -17.043 20.099  1.106   1.00 45.53  ? 769 HOH A O   1 
HETATM 1494 O  O   . HOH C 3 .   ? 16.473  6.251   -0.386  1.00 44.67  ? 770 HOH A O   1 
HETATM 1495 O  O   . HOH C 3 .   ? 15.084  3.352   0.430   1.00 43.79  ? 771 HOH A O   1 
HETATM 1496 O  O   . HOH C 3 .   ? -12.686 -3.375  3.126   0.5  14.56  ? 772 HOH A O   1 
HETATM 1497 O  O   . HOH C 3 .   ? 1.096   -9.037  3.951   1.00 30.67  ? 773 HOH A O   1 
# 
